data_7TTF
#
_entry.id   7TTF
#
_cell.length_a   65.695
_cell.length_b   126.407
_cell.length_c   250.065
_cell.angle_alpha   90.000
_cell.angle_beta   90.000
_cell.angle_gamma   90.000
#
_symmetry.space_group_name_H-M   'P 21 21 21'
#
loop_
_entity.id
_entity.type
_entity.pdbx_description
1 polymer 'Tubulin alpha-1B chain'
2 polymer 'Tubulin beta chain'
3 polymer Stathmin-4
4 non-polymer "GUANOSINE-5'-TRIPHOSPHATE"
5 non-polymer 'SULFATE ION'
6 non-polymer "GUANOSINE-5'-DIPHOSPHATE"
7 non-polymer 7-methoxy-4-[2-(methylamino)-6,7-dihydro-5H-cyclopenta[d]pyrimidin-4-yl]-3,4-dihydroquinoxalin-2(1H)-one
8 non-polymer GLYCEROL
9 non-polymer 'MAGNESIUM ION'
10 water water
#
loop_
_entity_poly.entity_id
_entity_poly.type
_entity_poly.pdbx_seq_one_letter_code
_entity_poly.pdbx_strand_id
1 'polypeptide(L)'
;MRECISIHVGQAGVQIGNACWELYCLEHGIQPDGQMPSDKTIGGGDDSFNTFFSETGAGKHVPRAVFVDLEPTVIDEVRT
GTYRQLFHPEQLITGKEDAANNYARGHYTIGKEIIDLVLDRIRKLADQCTGLQGFLVFHSFGGGTGSGFTSLLMERLSVD
YGKKSKLEFSIYPAPQVSTAVVEPYNSILTTHTTLEHSDCAFMVDNEAIYDICRRNLDIERPTYTNLNRLISQIVSSITA
SLRFDGALNVDLTEFQTNLVPYPRIHFPLATYAPVISAEKAYHEQLSVAEITNACFEPANQMVKCDPRHGKYMACCLLYR
GDVVPKDVNAAIATIKTKRSIQFVDWCPTGFKVGINYQPPTVVPGGDLAKVQRAVCMLSNTTAIAEAWARLDHKFDLMYA
KRAFVHWYVGEGMEEGEFSEAREDMAALEKDYEEVGVD
;
A,C
2 'polypeptide(L)'
;MREIVHIQAGQCGNQIGAKFWEVISDEHGIDPTGSYHGDSDLQLERINVYYNEATGNKYVPRAILVDLEPGTMDSVRSGP
FGQIFRPDNFVFGQSGAGNNWAKGHYTEGAELVDSVLDVVRKESESCDCLQGFQLTHSLGGGTGSGMGTLLISKIREEYP
DRIMNTFSVMPSPKVSDTVVEPYNATLSVHQLVENTDETYCIDNEALYDICFRTLKLTTPTYGDLNHLVSATMSGVTTCL
RFPGQLNADLRKLAVNMVPFPRLHFFMPGFAPLTSRGSQQYRALTVPELTQQMFDSKNMMAACDPRHGRYLTVAAIFRGR
MSMKEVDEQMLNVQNKNSSYFVEWIPNNVKTAVCDIPPRGLKMSATFIGNSTAIQELFKRISEQFTAMFRRKAFLHWYTG
EGMDEMEFTEAESNMNDLVSEYQQYQDATADEQ
;
B,D
3 'polypeptide(L)'
;MADMEVIELNKATSGQSWEVILKPPSFDGVPEFNASLPRRRDPSLEEIQKKLEAAEERRKYQEAELLKHLAEKREHEREV
IQKAIEENNNFIKMAKEKLAQKMESNKENREAHLAAMLERLQEKDKHAEEVRKNKELKEEASR
;
E
#
loop_
_chem_comp.id
_chem_comp.type
_chem_comp.name
_chem_comp.formula
GDP RNA linking GUANOSINE-5'-DIPHOSPHATE 'C10 H15 N5 O11 P2'
GOL non-polymer GLYCEROL 'C3 H8 O3'
GTP non-polymer GUANOSINE-5'-TRIPHOSPHATE 'C10 H16 N5 O14 P3'
JV9 non-polymer 7-methoxy-4-[2-(methylamino)-6,7-dihydro-5H-cyclopenta[d]pyrimidin-4-yl]-3,4-dihydroquinoxalin-2(1H)-one 'C17 H19 N5 O2'
MG non-polymer 'MAGNESIUM ION' 'Mg 2'
SO4 non-polymer 'SULFATE ION' 'O4 S -2'
#
# COMPACT_ATOMS: atom_id res chain seq x y z
N MET A 1 -70.16 -24.22 32.31
CA MET A 1 -68.91 -24.36 31.59
C MET A 1 -67.73 -23.86 32.42
N ARG A 2 -66.56 -24.39 32.10
CA ARG A 2 -65.33 -24.13 32.86
C ARG A 2 -64.17 -24.05 31.87
N GLU A 3 -64.19 -23.03 31.00
CA GLU A 3 -63.23 -22.97 29.91
C GLU A 3 -61.82 -22.69 30.45
N CYS A 4 -60.84 -23.32 29.82
CA CYS A 4 -59.42 -23.03 30.05
C CYS A 4 -58.80 -22.61 28.72
N ILE A 5 -58.02 -21.54 28.77
CA ILE A 5 -57.34 -21.00 27.59
C ILE A 5 -55.86 -21.39 27.67
N SER A 6 -55.35 -22.01 26.61
CA SER A 6 -53.96 -22.44 26.54
C SER A 6 -53.15 -21.42 25.75
N ILE A 7 -51.99 -21.03 26.28
CA ILE A 7 -51.10 -20.09 25.60
C ILE A 7 -49.73 -20.74 25.44
N HIS A 8 -49.23 -20.75 24.20
CA HIS A 8 -47.95 -21.40 23.88
C HIS A 8 -46.97 -20.34 23.39
N VAL A 9 -45.84 -20.22 24.08
CA VAL A 9 -44.92 -19.10 23.93
C VAL A 9 -43.52 -19.64 23.65
N GLY A 10 -42.95 -19.26 22.51
CA GLY A 10 -41.66 -19.76 22.10
C GLY A 10 -41.81 -21.07 21.35
N GLN A 11 -40.70 -21.51 20.76
CA GLN A 11 -40.73 -22.73 19.95
C GLN A 11 -41.10 -23.96 20.78
N ALA A 12 -40.45 -24.13 21.95
CA ALA A 12 -40.80 -25.29 22.76
C ALA A 12 -42.29 -25.27 23.11
N GLY A 13 -42.79 -24.11 23.52
CA GLY A 13 -44.19 -24.00 23.88
C GLY A 13 -45.12 -24.28 22.71
N VAL A 14 -44.74 -23.84 21.50
CA VAL A 14 -45.59 -24.09 20.35
C VAL A 14 -45.56 -25.57 19.95
N GLN A 15 -44.36 -26.17 19.94
CA GLN A 15 -44.27 -27.55 19.48
C GLN A 15 -44.86 -28.53 20.49
N ILE A 16 -44.70 -28.27 21.78
CA ILE A 16 -45.41 -29.09 22.76
C ILE A 16 -46.91 -28.87 22.65
N GLY A 17 -47.35 -27.65 22.31
CA GLY A 17 -48.77 -27.42 22.05
C GLY A 17 -49.32 -28.23 20.90
N ASN A 18 -48.59 -28.27 19.78
CA ASN A 18 -48.95 -29.15 18.67
C ASN A 18 -49.20 -30.56 19.15
N ALA A 19 -48.29 -31.09 19.97
CA ALA A 19 -48.41 -32.47 20.44
C ALA A 19 -49.65 -32.65 21.31
N CYS A 20 -49.89 -31.71 22.21
CA CYS A 20 -51.04 -31.87 23.12
C CYS A 20 -52.37 -31.76 22.38
N TRP A 21 -52.48 -30.78 21.46
CA TRP A 21 -53.76 -30.60 20.78
C TRP A 21 -54.06 -31.78 19.86
N GLU A 22 -53.03 -32.30 19.19
CA GLU A 22 -53.19 -33.55 18.45
C GLU A 22 -53.68 -34.66 19.36
N LEU A 23 -53.08 -34.78 20.55
CA LEU A 23 -53.50 -35.82 21.47
C LEU A 23 -54.92 -35.59 21.97
N TYR A 24 -55.26 -34.34 22.31
CA TYR A 24 -56.65 -34.04 22.70
C TYR A 24 -57.62 -34.45 21.61
N CYS A 25 -57.29 -34.14 20.35
CA CYS A 25 -58.19 -34.50 19.25
C CYS A 25 -58.37 -36.00 19.15
N LEU A 26 -57.26 -36.75 19.29
CA LEU A 26 -57.35 -38.21 19.33
C LEU A 26 -58.22 -38.70 20.49
N GLU A 27 -58.09 -38.08 21.67
CA GLU A 27 -58.87 -38.53 22.82
C GLU A 27 -60.36 -38.18 22.69
N HIS A 28 -60.70 -37.05 22.08
CA HIS A 28 -62.10 -36.66 21.98
C HIS A 28 -62.72 -36.98 20.63
N GLY A 29 -61.97 -37.59 19.72
CA GLY A 29 -62.51 -37.95 18.43
C GLY A 29 -62.71 -36.78 17.49
N ILE A 30 -61.93 -35.72 17.65
CA ILE A 30 -61.99 -34.59 16.74
C ILE A 30 -61.05 -34.85 15.57
N GLN A 31 -61.60 -34.83 14.36
CA GLN A 31 -60.83 -35.08 13.16
C GLN A 31 -59.92 -33.89 12.88
N PRO A 32 -58.95 -34.06 11.97
CA PRO A 32 -58.10 -32.91 11.59
C PRO A 32 -58.85 -31.76 10.95
N ASP A 33 -60.01 -32.01 10.33
CA ASP A 33 -60.80 -30.95 9.73
C ASP A 33 -61.62 -30.18 10.77
N GLY A 34 -61.50 -30.53 12.05
CA GLY A 34 -62.26 -29.90 13.10
C GLY A 34 -63.63 -30.50 13.36
N GLN A 35 -64.03 -31.51 12.60
CA GLN A 35 -65.36 -32.09 12.76
C GLN A 35 -65.31 -33.31 13.67
N MET A 36 -66.47 -33.61 14.25
CA MET A 36 -66.60 -34.66 15.25
C MET A 36 -67.98 -35.30 15.19
N PRO A 37 -68.07 -36.62 14.96
CA PRO A 37 -69.34 -37.36 15.00
C PRO A 37 -69.94 -37.48 16.42
N ASP A 46 -70.74 -37.09 27.19
CA ASP A 46 -69.77 -36.21 27.85
C ASP A 46 -69.45 -34.99 26.99
N ASP A 47 -69.80 -33.81 27.51
CA ASP A 47 -69.54 -32.55 26.81
C ASP A 47 -68.41 -31.75 27.45
N SER A 48 -67.62 -32.38 28.32
CA SER A 48 -66.55 -31.65 29.03
C SER A 48 -65.46 -31.16 28.09
N PHE A 49 -65.35 -31.74 26.89
CA PHE A 49 -64.33 -31.30 25.93
C PHE A 49 -64.50 -29.85 25.51
N ASN A 50 -65.68 -29.26 25.76
CA ASN A 50 -65.90 -27.86 25.42
C ASN A 50 -65.12 -26.89 26.30
N THR A 51 -64.63 -27.36 27.46
CA THR A 51 -63.73 -26.53 28.24
C THR A 51 -62.45 -26.19 27.47
N PHE A 52 -62.06 -27.04 26.53
CA PHE A 52 -60.82 -26.84 25.78
C PHE A 52 -61.04 -26.55 24.31
N PHE A 53 -62.28 -26.70 23.82
CA PHE A 53 -62.62 -26.48 22.41
C PHE A 53 -63.90 -25.66 22.29
N SER A 54 -63.87 -24.59 21.51
CA SER A 54 -65.09 -23.90 21.15
C SER A 54 -65.66 -24.51 19.88
N GLU A 55 -66.75 -23.93 19.39
CA GLU A 55 -67.38 -24.47 18.18
C GLU A 55 -67.80 -23.31 17.30
N THR A 56 -67.48 -23.40 16.00
CA THR A 56 -67.86 -22.37 15.05
C THR A 56 -69.21 -22.69 14.42
N GLY A 57 -69.71 -21.72 13.64
CA GLY A 57 -70.98 -21.87 12.93
C GLY A 57 -70.96 -22.97 11.88
N ALA A 58 -69.79 -23.35 11.39
CA ALA A 58 -69.67 -24.48 10.49
C ALA A 58 -69.68 -25.82 11.23
N GLY A 59 -69.81 -25.82 12.55
CA GLY A 59 -69.76 -27.03 13.35
C GLY A 59 -68.36 -27.54 13.64
N LYS A 60 -67.34 -26.71 13.47
CA LYS A 60 -65.95 -27.11 13.70
C LYS A 60 -65.53 -26.76 15.11
N HIS A 61 -64.68 -27.61 15.69
CA HIS A 61 -64.23 -27.48 17.06
C HIS A 61 -62.82 -26.91 17.10
N VAL A 62 -62.68 -25.77 17.73
CA VAL A 62 -61.47 -24.94 17.63
C VAL A 62 -60.82 -24.90 19.01
N PRO A 63 -59.55 -25.24 19.12
CA PRO A 63 -58.87 -25.17 20.42
C PRO A 63 -58.93 -23.76 20.99
N ARG A 64 -59.20 -23.68 22.30
CA ARG A 64 -59.05 -22.39 22.98
C ARG A 64 -57.55 -22.18 23.21
N ALA A 65 -56.85 -21.76 22.17
CA ALA A 65 -55.40 -21.66 22.24
C ALA A 65 -54.89 -20.43 21.51
N VAL A 66 -53.78 -19.90 22.03
CA VAL A 66 -53.03 -18.83 21.38
C VAL A 66 -51.58 -19.30 21.27
N PHE A 67 -50.98 -19.08 20.10
CA PHE A 67 -49.59 -19.44 19.85
C PHE A 67 -48.80 -18.16 19.59
N VAL A 68 -47.73 -17.96 20.34
CA VAL A 68 -46.91 -16.75 20.20
C VAL A 68 -45.49 -17.19 19.89
N ASP A 69 -45.04 -16.94 18.66
CA ASP A 69 -43.64 -17.19 18.32
C ASP A 69 -43.23 -16.24 17.21
N LEU A 70 -42.22 -15.43 17.49
CA LEU A 70 -41.87 -14.33 16.60
C LEU A 70 -41.04 -14.77 15.39
N GLU A 71 -40.75 -16.06 15.25
CA GLU A 71 -40.11 -16.58 14.06
C GLU A 71 -41.17 -17.29 13.23
N PRO A 72 -41.46 -16.85 12.00
CA PRO A 72 -42.64 -17.36 11.29
C PRO A 72 -42.56 -18.84 10.95
N THR A 73 -41.37 -19.42 10.83
CA THR A 73 -41.26 -20.83 10.47
C THR A 73 -41.81 -21.74 11.56
N VAL A 74 -41.68 -21.34 12.81
CA VAL A 74 -42.23 -22.13 13.92
C VAL A 74 -43.76 -22.12 13.84
N ILE A 75 -44.35 -20.93 13.79
CA ILE A 75 -45.79 -20.81 13.65
C ILE A 75 -46.27 -21.47 12.36
N ASP A 76 -45.40 -21.51 11.33
CA ASP A 76 -45.81 -22.20 10.10
C ASP A 76 -46.07 -23.67 10.34
N GLU A 77 -45.41 -24.27 11.34
CA GLU A 77 -45.72 -25.65 11.73
C GLU A 77 -47.21 -25.80 12.05
N VAL A 78 -47.76 -24.84 12.80
CA VAL A 78 -49.17 -24.91 13.18
C VAL A 78 -50.07 -24.76 11.95
N ARG A 79 -49.83 -23.73 11.14
CA ARG A 79 -50.73 -23.36 10.05
C ARG A 79 -50.57 -24.22 8.80
N THR A 80 -49.54 -25.05 8.72
CA THR A 80 -49.41 -26.01 7.63
C THR A 80 -49.38 -27.44 8.13
N GLY A 81 -49.66 -27.66 9.42
CA GLY A 81 -49.62 -28.98 10.00
C GLY A 81 -50.89 -29.79 9.77
N THR A 82 -50.84 -31.03 10.27
CA THR A 82 -51.94 -31.98 10.10
C THR A 82 -53.25 -31.45 10.65
N TYR A 83 -53.19 -30.68 11.74
CA TYR A 83 -54.36 -30.13 12.41
C TYR A 83 -54.56 -28.65 12.11
N ARG A 84 -54.00 -28.17 10.98
CA ARG A 84 -54.01 -26.74 10.66
C ARG A 84 -55.42 -26.17 10.54
N GLN A 85 -56.37 -26.95 10.03
CA GLN A 85 -57.74 -26.47 9.90
C GLN A 85 -58.41 -26.26 11.26
N LEU A 86 -57.79 -26.74 12.35
CA LEU A 86 -58.34 -26.46 13.67
C LEU A 86 -58.22 -24.99 14.03
N PHE A 87 -57.21 -24.31 13.50
CA PHE A 87 -56.77 -23.02 13.97
C PHE A 87 -57.16 -21.90 13.02
N HIS A 88 -57.47 -20.77 13.57
CA HIS A 88 -57.82 -19.55 12.88
C HIS A 88 -56.65 -18.57 12.95
N PRO A 89 -56.44 -17.76 11.90
CA PRO A 89 -55.23 -16.93 11.85
C PRO A 89 -55.04 -16.03 13.05
N GLU A 90 -56.13 -15.57 13.67
CA GLU A 90 -56.05 -14.71 14.84
C GLU A 90 -55.50 -15.42 16.08
N GLN A 91 -55.41 -16.76 16.06
CA GLN A 91 -54.82 -17.48 17.18
C GLN A 91 -53.31 -17.55 17.13
N LEU A 92 -52.71 -17.18 16.01
CA LEU A 92 -51.29 -17.38 15.75
C LEU A 92 -50.61 -16.02 15.67
N ILE A 93 -49.69 -15.75 16.58
CA ILE A 93 -49.00 -14.45 16.59
C ILE A 93 -47.53 -14.68 16.30
N THR A 94 -47.01 -13.98 15.29
CA THR A 94 -45.62 -14.13 14.89
C THR A 94 -45.03 -12.75 14.62
N GLY A 95 -43.76 -12.72 14.23
CA GLY A 95 -43.03 -11.47 14.09
C GLY A 95 -41.97 -11.59 13.01
N LYS A 96 -40.91 -10.80 13.13
CA LYS A 96 -39.79 -10.94 12.21
C LYS A 96 -38.65 -11.71 12.89
N GLU A 97 -37.97 -11.10 13.85
CA GLU A 97 -36.88 -11.76 14.53
C GLU A 97 -37.34 -12.28 15.90
N ASP A 98 -36.84 -13.46 16.27
CA ASP A 98 -37.11 -13.97 17.61
C ASP A 98 -36.25 -13.20 18.62
N ALA A 99 -36.11 -13.75 19.83
CA ALA A 99 -35.45 -13.06 20.93
C ALA A 99 -33.95 -13.35 20.99
N ALA A 100 -33.43 -14.14 20.05
CA ALA A 100 -32.00 -14.43 19.94
C ALA A 100 -31.42 -14.97 21.25
N ASN A 101 -32.17 -15.86 21.91
CA ASN A 101 -31.76 -16.55 23.13
C ASN A 101 -31.59 -15.60 24.31
N ASN A 102 -32.16 -14.40 24.21
CA ASN A 102 -31.90 -13.28 25.12
C ASN A 102 -33.19 -12.94 25.85
N TYR A 103 -33.24 -13.23 27.16
CA TYR A 103 -34.45 -12.96 27.95
C TYR A 103 -34.81 -11.49 27.85
N ALA A 104 -33.81 -10.61 27.95
CA ALA A 104 -34.07 -9.18 27.95
C ALA A 104 -34.73 -8.75 26.64
N ARG A 105 -34.29 -9.33 25.52
CA ARG A 105 -34.90 -9.01 24.24
C ARG A 105 -36.34 -9.53 24.19
N GLY A 106 -36.57 -10.74 24.71
CA GLY A 106 -37.92 -11.26 24.73
C GLY A 106 -38.84 -10.45 25.62
N HIS A 107 -38.35 -10.06 26.80
CA HIS A 107 -39.21 -9.40 27.78
C HIS A 107 -39.43 -7.94 27.45
N TYR A 108 -38.35 -7.22 27.14
CA TYR A 108 -38.39 -5.76 27.03
C TYR A 108 -38.61 -5.30 25.59
N THR A 109 -37.75 -5.75 24.67
CA THR A 109 -37.81 -5.23 23.31
C THR A 109 -39.00 -5.80 22.53
N ILE A 110 -39.04 -7.12 22.37
CA ILE A 110 -40.20 -7.77 21.77
C ILE A 110 -41.43 -7.58 22.66
N GLY A 111 -41.26 -7.70 23.98
CA GLY A 111 -42.41 -7.69 24.87
C GLY A 111 -43.25 -6.42 24.78
N LYS A 112 -42.58 -5.27 24.87
CA LYS A 112 -43.26 -3.98 24.74
C LYS A 112 -43.93 -3.83 23.38
N GLU A 113 -43.37 -4.48 22.35
CA GLU A 113 -43.89 -4.32 21.00
C GLU A 113 -45.15 -5.15 20.76
N ILE A 114 -45.27 -6.36 21.34
CA ILE A 114 -46.32 -7.29 20.97
C ILE A 114 -47.32 -7.56 22.10
N ILE A 115 -47.10 -7.01 23.30
CA ILE A 115 -47.89 -7.46 24.46
C ILE A 115 -49.38 -7.11 24.30
N ASP A 116 -49.70 -5.90 23.81
CA ASP A 116 -51.09 -5.53 23.66
C ASP A 116 -51.79 -6.39 22.60
N LEU A 117 -51.12 -6.65 21.48
CA LEU A 117 -51.69 -7.54 20.47
C LEU A 117 -51.94 -8.94 21.03
N VAL A 118 -50.99 -9.48 21.79
CA VAL A 118 -51.16 -10.81 22.37
C VAL A 118 -52.33 -10.80 23.34
N LEU A 119 -52.42 -9.77 24.17
CA LEU A 119 -53.52 -9.72 25.12
C LEU A 119 -54.84 -9.51 24.41
N ASP A 120 -54.83 -8.86 23.24
CA ASP A 120 -56.07 -8.67 22.48
C ASP A 120 -56.60 -10.01 21.97
N ARG A 121 -55.71 -10.84 21.43
CA ARG A 121 -56.13 -12.15 20.96
C ARG A 121 -56.59 -13.04 22.10
N ILE A 122 -55.95 -12.94 23.27
CA ILE A 122 -56.41 -13.67 24.44
C ILE A 122 -57.79 -13.18 24.85
N ARG A 123 -57.98 -11.86 24.84
CA ARG A 123 -59.28 -11.28 25.21
C ARG A 123 -60.39 -11.77 24.30
N LYS A 124 -60.08 -11.93 23.00
CA LYS A 124 -61.08 -12.45 22.08
C LYS A 124 -61.49 -13.87 22.45
N LEU A 125 -60.52 -14.71 22.82
CA LEU A 125 -60.86 -16.05 23.31
C LEU A 125 -61.69 -15.96 24.58
N ALA A 126 -61.25 -15.12 25.53
CA ALA A 126 -61.91 -15.04 26.83
C ALA A 126 -63.36 -14.56 26.71
N ASP A 127 -63.64 -13.67 25.75
CA ASP A 127 -65.00 -13.20 25.54
C ASP A 127 -65.96 -14.31 25.13
N GLN A 128 -65.45 -15.40 24.57
CA GLN A 128 -66.25 -16.54 24.18
C GLN A 128 -66.52 -17.51 25.33
N CYS A 129 -65.93 -17.27 26.50
CA CYS A 129 -66.10 -18.14 27.65
C CYS A 129 -67.20 -17.61 28.56
N THR A 130 -67.96 -18.51 29.17
CA THR A 130 -68.98 -18.12 30.13
C THR A 130 -68.56 -18.35 31.58
N GLY A 131 -67.62 -19.27 31.81
CA GLY A 131 -67.03 -19.51 33.13
C GLY A 131 -65.52 -19.73 33.05
N LEU A 132 -64.78 -18.75 32.52
CA LEU A 132 -63.34 -18.92 32.28
C LEU A 132 -62.62 -19.24 33.58
N GLN A 133 -61.96 -20.40 33.62
CA GLN A 133 -61.20 -20.78 34.79
C GLN A 133 -59.86 -20.06 34.85
N GLY A 134 -59.20 -19.92 33.70
CA GLY A 134 -57.88 -19.30 33.66
C GLY A 134 -57.07 -19.83 32.48
N PHE A 135 -55.75 -19.86 32.69
CA PHE A 135 -54.79 -20.06 31.62
C PHE A 135 -53.81 -21.18 31.93
N LEU A 136 -53.49 -21.96 30.88
CA LEU A 136 -52.42 -22.96 30.88
C LEU A 136 -51.34 -22.43 29.95
N VAL A 137 -50.16 -22.13 30.50
CA VAL A 137 -49.12 -21.41 29.76
C VAL A 137 -47.92 -22.32 29.56
N PHE A 138 -47.59 -22.60 28.29
CA PHE A 138 -46.56 -23.54 27.87
C PHE A 138 -45.34 -22.78 27.34
N HIS A 139 -44.16 -23.00 27.95
CA HIS A 139 -42.99 -22.23 27.53
C HIS A 139 -41.71 -22.84 28.07
N SER A 140 -40.59 -22.46 27.44
CA SER A 140 -39.29 -22.88 27.93
C SER A 140 -38.78 -21.94 29.03
N PHE A 141 -37.87 -22.46 29.87
CA PHE A 141 -37.06 -21.62 30.73
C PHE A 141 -35.90 -20.97 29.94
N GLY A 142 -35.36 -21.69 28.96
CA GLY A 142 -34.08 -21.34 28.35
C GLY A 142 -34.15 -20.46 27.14
N GLY A 143 -35.26 -20.54 26.41
CA GLY A 143 -35.44 -19.70 25.24
C GLY A 143 -35.60 -18.24 25.62
N GLY A 144 -35.14 -17.36 24.72
CA GLY A 144 -35.32 -15.93 24.93
C GLY A 144 -36.79 -15.52 24.91
N THR A 145 -37.57 -16.12 24.02
CA THR A 145 -39.01 -15.85 23.97
C THR A 145 -39.74 -16.59 25.09
N GLY A 146 -39.48 -17.90 25.18
CA GLY A 146 -40.10 -18.71 26.21
C GLY A 146 -39.89 -18.16 27.61
N SER A 147 -38.73 -17.53 27.87
CA SER A 147 -38.49 -16.95 29.18
C SER A 147 -38.95 -15.49 29.27
N GLY A 148 -38.49 -14.67 28.31
CA GLY A 148 -38.65 -13.23 28.42
C GLY A 148 -40.06 -12.76 28.13
N PHE A 149 -40.68 -13.25 27.06
CA PHE A 149 -42.05 -12.81 26.82
C PHE A 149 -43.02 -13.46 27.79
N THR A 150 -42.85 -14.76 28.08
CA THR A 150 -43.80 -15.41 29.00
C THR A 150 -43.92 -14.64 30.31
N SER A 151 -42.79 -14.15 30.84
CA SER A 151 -42.83 -13.47 32.11
C SER A 151 -43.58 -12.14 32.00
N LEU A 152 -43.39 -11.41 30.90
CA LEU A 152 -44.18 -10.19 30.73
C LEU A 152 -45.67 -10.52 30.64
N LEU A 153 -46.01 -11.54 29.87
CA LEU A 153 -47.41 -11.93 29.71
C LEU A 153 -48.04 -12.32 31.05
N MET A 154 -47.33 -13.11 31.88
CA MET A 154 -47.86 -13.50 33.17
C MET A 154 -48.15 -12.29 34.06
N GLU A 155 -47.25 -11.31 34.07
CA GLU A 155 -47.53 -10.07 34.80
C GLU A 155 -48.84 -9.45 34.32
N ARG A 156 -49.00 -9.33 33.00
CA ARG A 156 -50.16 -8.63 32.43
C ARG A 156 -51.44 -9.41 32.65
N LEU A 157 -51.37 -10.74 32.58
CA LEU A 157 -52.55 -11.53 32.90
C LEU A 157 -52.95 -11.36 34.36
N SER A 158 -51.97 -11.21 35.26
CA SER A 158 -52.31 -10.95 36.65
C SER A 158 -53.06 -9.64 36.80
N VAL A 159 -52.70 -8.65 36.00
CA VAL A 159 -53.43 -7.38 35.99
C VAL A 159 -54.81 -7.56 35.37
N ASP A 160 -54.87 -8.21 34.20
CA ASP A 160 -56.08 -8.22 33.38
C ASP A 160 -57.09 -9.30 33.82
N TYR A 161 -56.65 -10.33 34.53
CA TYR A 161 -57.52 -11.44 34.94
C TYR A 161 -57.25 -11.78 36.40
N GLY A 162 -57.46 -10.81 37.29
CA GLY A 162 -56.89 -10.89 38.63
C GLY A 162 -57.29 -12.13 39.42
N LYS A 163 -58.53 -12.59 39.25
CA LYS A 163 -59.03 -13.73 40.02
C LYS A 163 -58.84 -15.06 39.29
N LYS A 164 -58.20 -15.07 38.12
CA LYS A 164 -58.12 -16.27 37.31
C LYS A 164 -56.86 -17.09 37.61
N SER A 165 -57.02 -18.40 37.58
CA SER A 165 -55.90 -19.30 37.80
C SER A 165 -54.94 -19.27 36.63
N LYS A 166 -53.65 -19.41 36.92
CA LYS A 166 -52.63 -19.52 35.89
C LYS A 166 -51.71 -20.69 36.21
N LEU A 167 -51.72 -21.71 35.35
CA LEU A 167 -50.84 -22.85 35.45
C LEU A 167 -49.77 -22.77 34.36
N GLU A 168 -48.58 -23.27 34.66
CA GLU A 168 -47.50 -23.33 33.68
C GLU A 168 -47.09 -24.78 33.41
N PHE A 169 -46.77 -25.04 32.15
CA PHE A 169 -45.99 -26.22 31.78
C PHE A 169 -44.67 -25.66 31.25
N SER A 170 -43.59 -25.88 32.01
CA SER A 170 -42.33 -25.18 31.87
C SER A 170 -41.23 -26.16 31.49
N ILE A 171 -40.52 -25.88 30.40
CA ILE A 171 -39.45 -26.77 29.96
C ILE A 171 -38.17 -26.31 30.63
N TYR A 172 -37.71 -27.10 31.58
CA TYR A 172 -36.50 -26.93 32.34
C TYR A 172 -35.31 -27.41 31.50
N PRO A 173 -34.25 -26.60 31.39
CA PRO A 173 -33.23 -26.84 30.35
C PRO A 173 -32.35 -28.06 30.62
N ALA A 174 -31.97 -28.70 29.52
CA ALA A 174 -30.98 -29.77 29.50
C ALA A 174 -29.93 -29.41 28.45
N PRO A 175 -28.68 -29.17 28.86
CA PRO A 175 -27.65 -28.75 27.88
C PRO A 175 -27.43 -29.75 26.76
N GLN A 176 -27.62 -31.05 27.02
CA GLN A 176 -27.54 -32.07 25.99
C GLN A 176 -28.27 -31.69 24.71
N VAL A 177 -29.47 -31.11 24.83
CA VAL A 177 -30.29 -30.80 23.66
C VAL A 177 -30.50 -29.32 23.44
N SER A 178 -29.98 -28.46 24.32
CA SER A 178 -30.10 -27.03 24.11
C SER A 178 -28.96 -26.52 23.24
N THR A 179 -29.23 -25.44 22.51
CA THR A 179 -28.20 -24.79 21.71
C THR A 179 -27.81 -23.43 22.26
N ALA A 180 -28.18 -23.12 23.50
CA ALA A 180 -27.87 -21.81 24.07
C ALA A 180 -27.09 -21.95 25.38
N VAL A 181 -25.97 -21.24 25.46
CA VAL A 181 -25.14 -21.24 26.66
C VAL A 181 -25.77 -20.39 27.77
N VAL A 182 -26.65 -19.46 27.41
CA VAL A 182 -27.15 -18.49 28.36
C VAL A 182 -28.48 -18.93 29.00
N GLU A 183 -28.87 -20.18 28.78
CA GLU A 183 -30.14 -20.65 29.33
C GLU A 183 -30.25 -20.53 30.84
N PRO A 184 -29.19 -20.74 31.64
CA PRO A 184 -29.32 -20.51 33.09
C PRO A 184 -29.72 -19.08 33.44
N TYR A 185 -29.19 -18.09 32.72
CA TYR A 185 -29.61 -16.71 32.93
C TYR A 185 -31.11 -16.54 32.66
N ASN A 186 -31.56 -17.04 31.50
CA ASN A 186 -32.95 -16.86 31.13
C ASN A 186 -33.87 -17.57 32.12
N SER A 187 -33.42 -18.72 32.65
CA SER A 187 -34.25 -19.52 33.55
C SER A 187 -34.44 -18.82 34.89
N ILE A 188 -33.40 -18.17 35.39
CA ILE A 188 -33.51 -17.45 36.66
C ILE A 188 -34.26 -16.14 36.46
N LEU A 189 -34.00 -15.45 35.35
CA LEU A 189 -34.72 -14.21 35.11
C LEU A 189 -36.23 -14.46 35.02
N THR A 190 -36.65 -15.49 34.28
CA THR A 190 -38.09 -15.68 34.10
C THR A 190 -38.74 -16.30 35.33
N THR A 191 -38.01 -17.13 36.09
CA THR A 191 -38.57 -17.66 37.33
C THR A 191 -38.83 -16.54 38.35
N HIS A 192 -37.88 -15.62 38.49
CA HIS A 192 -38.05 -14.51 39.42
C HIS A 192 -39.27 -13.68 39.09
N THR A 193 -39.42 -13.31 37.81
CA THR A 193 -40.47 -12.40 37.40
C THR A 193 -41.84 -13.09 37.36
N THR A 194 -41.87 -14.39 37.07
CA THR A 194 -43.13 -15.11 37.02
C THR A 194 -43.60 -15.62 38.39
N LEU A 195 -42.72 -15.66 39.39
CA LEU A 195 -42.96 -16.42 40.61
C LEU A 195 -44.28 -16.02 41.28
N GLU A 196 -44.48 -14.72 41.51
CA GLU A 196 -45.66 -14.11 42.12
C GLU A 196 -46.90 -14.14 41.23
N HIS A 197 -46.84 -14.68 40.01
CA HIS A 197 -47.93 -14.58 39.05
C HIS A 197 -48.40 -15.93 38.51
N SER A 198 -47.94 -17.04 39.07
CA SER A 198 -48.34 -18.36 38.64
C SER A 198 -48.87 -19.09 39.86
N ASP A 199 -49.96 -19.84 39.69
CA ASP A 199 -50.57 -20.54 40.82
C ASP A 199 -50.02 -21.95 40.98
N CYS A 200 -49.57 -22.56 39.90
CA CYS A 200 -49.10 -23.93 39.90
C CYS A 200 -48.27 -24.13 38.65
N ALA A 201 -47.02 -24.58 38.80
CA ALA A 201 -46.13 -24.71 37.66
C ALA A 201 -45.55 -26.12 37.63
N PHE A 202 -45.86 -26.86 36.57
CA PHE A 202 -45.31 -28.19 36.37
C PHE A 202 -44.07 -28.06 35.50
N MET A 203 -42.89 -28.22 36.10
CA MET A 203 -41.65 -28.24 35.34
C MET A 203 -41.45 -29.59 34.67
N VAL A 204 -40.97 -29.57 33.44
CA VAL A 204 -40.56 -30.75 32.70
C VAL A 204 -39.07 -30.57 32.40
N ASP A 205 -38.24 -31.41 32.99
CA ASP A 205 -36.80 -31.43 32.75
C ASP A 205 -36.55 -32.18 31.45
N ASN A 206 -36.03 -31.47 30.44
CA ASN A 206 -35.70 -32.15 29.19
C ASN A 206 -34.75 -33.33 29.41
N GLU A 207 -33.85 -33.24 30.39
CA GLU A 207 -32.95 -34.35 30.66
C GLU A 207 -33.71 -35.56 31.19
N ALA A 208 -34.73 -35.31 32.03
CA ALA A 208 -35.53 -36.41 32.56
C ALA A 208 -36.28 -37.11 31.45
N ILE A 209 -36.96 -36.33 30.58
CA ILE A 209 -37.71 -36.91 29.48
C ILE A 209 -36.78 -37.66 28.55
N TYR A 210 -35.64 -37.05 28.20
CA TYR A 210 -34.64 -37.71 27.37
C TYR A 210 -34.27 -39.07 27.93
N ASP A 211 -33.97 -39.13 29.24
CA ASP A 211 -33.59 -40.41 29.87
C ASP A 211 -34.72 -41.43 29.81
N ILE A 212 -35.97 -40.98 29.91
CA ILE A 212 -37.09 -41.91 29.89
C ILE A 212 -37.28 -42.48 28.48
N CYS A 213 -37.15 -41.63 27.46
CA CYS A 213 -37.25 -42.11 26.09
C CYS A 213 -36.12 -43.08 25.76
N ARG A 214 -34.90 -42.83 26.26
CA ARG A 214 -33.80 -43.75 26.02
C ARG A 214 -34.00 -45.07 26.75
N ARG A 215 -34.24 -45.00 28.06
CA ARG A 215 -34.35 -46.21 28.87
C ARG A 215 -35.58 -47.03 28.49
N ASN A 216 -36.76 -46.40 28.44
CA ASN A 216 -38.00 -47.16 28.32
C ASN A 216 -38.51 -47.30 26.89
N LEU A 217 -38.01 -46.50 25.94
CA LEU A 217 -38.42 -46.59 24.54
C LEU A 217 -37.30 -47.06 23.62
N ASP A 218 -36.10 -47.29 24.14
CA ASP A 218 -34.99 -47.84 23.36
C ASP A 218 -34.73 -47.01 22.10
N ILE A 219 -34.64 -45.70 22.31
CA ILE A 219 -34.30 -44.75 21.28
C ILE A 219 -32.93 -44.19 21.63
N GLU A 220 -31.97 -44.36 20.73
CA GLU A 220 -30.61 -43.93 21.02
C GLU A 220 -30.55 -42.42 21.25
N ARG A 221 -31.11 -41.64 20.32
CA ARG A 221 -31.04 -40.18 20.37
C ARG A 221 -32.44 -39.61 20.17
N PRO A 222 -33.23 -39.50 21.24
CA PRO A 222 -34.62 -39.04 21.13
C PRO A 222 -34.77 -37.68 20.46
N THR A 223 -35.75 -37.59 19.56
CA THR A 223 -36.03 -36.33 18.89
C THR A 223 -36.88 -35.43 19.77
N TYR A 224 -37.04 -34.17 19.33
CA TYR A 224 -38.01 -33.30 19.98
C TYR A 224 -39.40 -33.90 19.90
N THR A 225 -39.73 -34.59 18.80
CA THR A 225 -41.02 -35.26 18.71
C THR A 225 -41.17 -36.35 19.77
N ASN A 226 -40.09 -37.12 19.99
CA ASN A 226 -40.11 -38.10 21.07
C ASN A 226 -40.44 -37.43 22.39
N LEU A 227 -39.63 -36.43 22.77
CA LEU A 227 -39.84 -35.74 24.02
C LEU A 227 -41.25 -35.17 24.11
N ASN A 228 -41.74 -34.60 23.00
CA ASN A 228 -43.01 -33.88 23.05
C ASN A 228 -44.19 -34.83 23.13
N ARG A 229 -44.07 -36.01 22.50
CA ARG A 229 -45.15 -36.96 22.59
C ARG A 229 -45.23 -37.54 24.01
N LEU A 230 -44.08 -37.73 24.66
CA LEU A 230 -44.11 -38.15 26.06
C LEU A 230 -44.65 -37.02 26.93
N ILE A 231 -44.26 -35.77 26.64
CA ILE A 231 -44.77 -34.65 27.43
C ILE A 231 -46.29 -34.55 27.28
N SER A 232 -46.82 -34.83 26.07
CA SER A 232 -48.26 -34.74 25.86
C SER A 232 -49.02 -35.71 26.75
N GLN A 233 -48.44 -36.88 27.03
CA GLN A 233 -49.14 -37.85 27.88
C GLN A 233 -49.28 -37.33 29.30
N ILE A 234 -48.24 -36.65 29.80
CA ILE A 234 -48.28 -36.06 31.14
C ILE A 234 -49.33 -34.96 31.19
N VAL A 235 -49.25 -34.03 30.22
CA VAL A 235 -50.21 -32.93 30.17
C VAL A 235 -51.62 -33.48 30.05
N SER A 236 -51.80 -34.49 29.20
CA SER A 236 -53.13 -35.08 29.04
C SER A 236 -53.63 -35.68 30.35
N SER A 237 -52.76 -36.40 31.08
CA SER A 237 -53.14 -36.94 32.39
C SER A 237 -53.56 -35.83 33.33
N ILE A 238 -52.81 -34.72 33.33
CA ILE A 238 -53.11 -33.60 34.21
C ILE A 238 -54.43 -32.92 33.81
N THR A 239 -54.71 -32.80 32.51
CA THR A 239 -55.92 -32.09 32.07
C THR A 239 -57.11 -33.01 31.84
N ALA A 240 -56.96 -34.33 32.03
CA ALA A 240 -58.00 -35.27 31.65
C ALA A 240 -59.32 -34.98 32.33
N SER A 241 -59.30 -34.67 33.63
CA SER A 241 -60.56 -34.40 34.31
C SER A 241 -61.06 -32.97 34.12
N LEU A 242 -60.29 -32.12 33.42
CA LEU A 242 -60.88 -30.87 32.92
C LEU A 242 -61.63 -31.10 31.61
N ARG A 243 -61.12 -32.01 30.76
CA ARG A 243 -61.67 -32.26 29.44
C ARG A 243 -62.69 -33.40 29.42
N PHE A 244 -62.74 -34.21 30.48
CA PHE A 244 -63.78 -35.20 30.70
C PHE A 244 -64.41 -34.91 32.05
N ASP A 245 -65.57 -35.49 32.31
CA ASP A 245 -66.22 -35.24 33.61
C ASP A 245 -65.66 -36.21 34.64
N GLY A 246 -64.45 -35.91 35.10
CA GLY A 246 -63.81 -36.69 36.12
C GLY A 246 -64.21 -36.20 37.50
N ALA A 247 -63.42 -36.61 38.47
CA ALA A 247 -63.75 -36.35 39.87
C ALA A 247 -62.68 -35.56 40.60
N LEU A 248 -61.41 -35.82 40.31
CA LEU A 248 -60.30 -35.12 40.94
C LEU A 248 -59.75 -34.09 39.96
N ASN A 249 -59.40 -32.91 40.49
CA ASN A 249 -58.90 -31.80 39.68
C ASN A 249 -59.91 -31.44 38.59
N VAL A 250 -61.14 -31.11 39.00
CA VAL A 250 -62.19 -30.79 38.04
C VAL A 250 -62.21 -29.32 37.68
N ASP A 251 -61.47 -28.48 38.39
CA ASP A 251 -61.23 -27.13 37.90
C ASP A 251 -59.85 -26.67 38.32
N LEU A 252 -59.45 -25.51 37.78
CA LEU A 252 -58.06 -25.08 37.87
C LEU A 252 -57.67 -24.73 39.30
N THR A 253 -58.59 -24.11 40.05
CA THR A 253 -58.28 -23.76 41.44
C THR A 253 -58.01 -25.00 42.28
N GLU A 254 -58.56 -26.15 41.88
CA GLU A 254 -58.36 -27.37 42.66
C GLU A 254 -56.90 -27.80 42.66
N PHE A 255 -56.14 -27.45 41.62
CA PHE A 255 -54.72 -27.79 41.61
C PHE A 255 -53.99 -27.11 42.75
N GLN A 256 -54.28 -25.83 43.02
CA GLN A 256 -53.64 -25.15 44.14
C GLN A 256 -54.16 -25.70 45.46
N THR A 257 -55.44 -26.09 45.52
CA THR A 257 -56.00 -26.68 46.72
C THR A 257 -55.36 -28.02 47.05
N ASN A 258 -55.12 -28.86 46.03
CA ASN A 258 -54.66 -30.22 46.27
C ASN A 258 -53.15 -30.35 46.33
N LEU A 259 -52.40 -29.35 45.86
CA LEU A 259 -50.97 -29.51 45.68
C LEU A 259 -50.13 -28.37 46.26
N VAL A 260 -50.71 -27.19 46.48
CA VAL A 260 -49.92 -26.02 46.82
C VAL A 260 -50.38 -25.42 48.14
N PRO A 261 -49.96 -25.99 49.28
CA PRO A 261 -50.29 -25.35 50.57
C PRO A 261 -49.57 -24.02 50.79
N TYR A 262 -48.43 -23.79 50.14
CA TYR A 262 -47.69 -22.55 50.27
C TYR A 262 -47.49 -21.91 48.90
N PRO A 263 -47.86 -20.63 48.74
CA PRO A 263 -47.95 -20.06 47.38
C PRO A 263 -46.65 -20.05 46.59
N ARG A 264 -45.53 -19.61 47.18
CA ARG A 264 -44.25 -19.60 46.47
C ARG A 264 -43.80 -21.02 46.08
N ILE A 265 -44.07 -22.01 46.92
CA ILE A 265 -43.63 -23.39 46.67
C ILE A 265 -44.71 -24.07 45.85
N HIS A 266 -44.82 -23.69 44.56
CA HIS A 266 -45.93 -24.14 43.73
C HIS A 266 -45.44 -24.96 42.55
N PHE A 267 -44.39 -25.76 42.74
CA PHE A 267 -43.75 -26.53 41.69
C PHE A 267 -43.88 -28.02 41.97
N PRO A 268 -45.00 -28.64 41.59
CA PRO A 268 -45.18 -30.09 41.86
C PRO A 268 -44.27 -30.94 40.99
N LEU A 269 -43.89 -32.10 41.55
CA LEU A 269 -43.12 -33.13 40.86
C LEU A 269 -44.09 -34.11 40.20
N ALA A 270 -44.05 -34.20 38.87
CA ALA A 270 -44.85 -35.19 38.15
C ALA A 270 -44.04 -36.47 37.94
N THR A 271 -44.68 -37.61 38.19
CA THR A 271 -44.15 -38.92 37.86
C THR A 271 -45.19 -39.66 37.03
N TYR A 272 -44.74 -40.34 35.98
CA TYR A 272 -45.65 -40.96 35.02
C TYR A 272 -45.22 -42.39 34.72
N ALA A 273 -46.20 -43.26 34.51
CA ALA A 273 -45.94 -44.65 34.19
C ALA A 273 -47.24 -45.31 33.75
N PRO A 274 -47.21 -46.31 32.87
CA PRO A 274 -45.99 -46.87 32.28
C PRO A 274 -45.63 -46.22 30.93
N VAL A 275 -44.34 -46.26 30.58
CA VAL A 275 -43.85 -45.85 29.26
C VAL A 275 -43.31 -47.11 28.60
N ILE A 276 -44.09 -47.68 27.69
CA ILE A 276 -43.77 -48.94 27.03
C ILE A 276 -43.47 -48.66 25.57
N SER A 277 -42.43 -49.29 25.04
CA SER A 277 -42.09 -49.12 23.63
C SER A 277 -43.18 -49.73 22.75
N ALA A 278 -43.53 -49.01 21.68
CA ALA A 278 -44.54 -49.50 20.75
C ALA A 278 -44.07 -50.76 20.04
N GLU A 279 -42.79 -50.82 19.70
CA GLU A 279 -42.25 -51.98 18.99
C GLU A 279 -41.90 -53.13 19.92
N LYS A 280 -42.32 -53.07 21.18
CA LYS A 280 -42.13 -54.15 22.14
C LYS A 280 -43.34 -55.07 22.15
N GLN A 285 -49.65 -56.59 30.14
CA GLN A 285 -50.27 -55.41 30.76
C GLN A 285 -49.91 -55.30 32.24
N LEU A 286 -49.24 -54.20 32.58
CA LEU A 286 -48.77 -53.99 33.94
C LEU A 286 -49.95 -53.78 34.89
N SER A 287 -49.75 -54.17 36.14
CA SER A 287 -50.79 -54.11 37.14
C SER A 287 -50.90 -52.72 37.73
N VAL A 288 -51.99 -52.50 38.49
CA VAL A 288 -52.11 -51.28 39.27
C VAL A 288 -50.94 -51.14 40.24
N ALA A 289 -50.52 -52.26 40.85
CA ALA A 289 -49.43 -52.18 41.82
C ALA A 289 -48.12 -51.84 41.16
N GLU A 290 -47.83 -52.43 40.01
CA GLU A 290 -46.57 -52.15 39.32
C GLU A 290 -46.50 -50.69 38.89
N ILE A 291 -47.56 -50.17 38.26
CA ILE A 291 -47.50 -48.79 37.83
C ILE A 291 -47.52 -47.86 39.04
N THR A 292 -48.11 -48.32 40.15
CA THR A 292 -48.10 -47.54 41.38
C THR A 292 -46.70 -47.53 42.00
N ASN A 293 -46.01 -48.67 42.01
CA ASN A 293 -44.61 -48.67 42.46
C ASN A 293 -43.78 -47.72 41.61
N ALA A 294 -44.02 -47.71 40.29
CA ALA A 294 -43.20 -46.88 39.41
C ALA A 294 -43.33 -45.40 39.73
N CYS A 295 -44.44 -44.97 40.37
CA CYS A 295 -44.58 -43.56 40.71
C CYS A 295 -43.62 -43.12 41.80
N PHE A 296 -43.02 -44.06 42.50
CA PHE A 296 -42.07 -43.78 43.58
C PHE A 296 -40.65 -44.17 43.20
N GLU A 297 -40.39 -44.32 41.91
CA GLU A 297 -39.05 -44.51 41.39
C GLU A 297 -38.57 -43.23 40.74
N PRO A 298 -37.46 -42.66 41.22
CA PRO A 298 -36.99 -41.40 40.65
C PRO A 298 -36.77 -41.44 39.15
N ALA A 299 -36.56 -42.62 38.56
CA ALA A 299 -36.30 -42.69 37.12
C ALA A 299 -37.50 -42.26 36.30
N ASN A 300 -38.69 -42.16 36.90
CA ASN A 300 -39.89 -41.81 36.17
C ASN A 300 -40.39 -40.41 36.46
N GLN A 301 -39.65 -39.63 37.25
CA GLN A 301 -40.03 -38.25 37.48
C GLN A 301 -39.79 -37.41 36.22
N MET A 302 -40.51 -36.29 36.13
CA MET A 302 -40.32 -35.34 35.04
C MET A 302 -39.25 -34.32 35.33
N VAL A 303 -38.76 -34.28 36.57
CA VAL A 303 -37.64 -33.44 36.97
C VAL A 303 -36.66 -34.34 37.72
N LYS A 304 -35.37 -34.20 37.41
CA LYS A 304 -34.37 -34.98 38.12
C LYS A 304 -34.15 -34.36 39.49
N CYS A 305 -34.37 -35.17 40.51
CA CYS A 305 -34.17 -34.79 41.90
C CYS A 305 -34.39 -36.07 42.71
N ASP A 306 -34.01 -36.01 43.98
CA ASP A 306 -34.09 -37.17 44.86
C ASP A 306 -35.13 -36.93 45.95
N PRO A 307 -36.33 -37.53 45.86
CA PRO A 307 -37.36 -37.25 46.88
C PRO A 307 -36.93 -37.62 48.29
N ARG A 308 -35.96 -38.53 48.45
CA ARG A 308 -35.46 -38.85 49.78
C ARG A 308 -34.81 -37.63 50.42
N HIS A 309 -34.32 -36.69 49.61
CA HIS A 309 -33.80 -35.42 50.09
C HIS A 309 -34.90 -34.38 50.27
N GLY A 310 -36.11 -34.79 50.60
CA GLY A 310 -37.16 -33.83 50.81
C GLY A 310 -38.32 -34.43 51.55
N LYS A 311 -39.29 -33.59 51.85
CA LYS A 311 -40.54 -34.03 52.43
C LYS A 311 -41.68 -33.62 51.52
N TYR A 312 -42.74 -34.44 51.53
CA TYR A 312 -43.93 -34.13 50.75
C TYR A 312 -44.84 -33.19 51.51
N MET A 313 -45.50 -32.32 50.76
CA MET A 313 -46.55 -31.45 51.26
C MET A 313 -47.92 -31.92 50.82
N ALA A 314 -47.97 -32.69 49.74
CA ALA A 314 -49.19 -33.06 49.03
C ALA A 314 -48.82 -34.11 48.01
N CYS A 315 -49.77 -35.00 47.73
CA CYS A 315 -49.51 -36.05 46.76
C CYS A 315 -50.82 -36.55 46.19
N CYS A 316 -50.99 -36.48 44.88
CA CYS A 316 -52.18 -36.98 44.22
C CYS A 316 -51.79 -38.05 43.21
N LEU A 317 -52.62 -39.08 43.08
CA LEU A 317 -52.43 -40.15 42.10
C LEU A 317 -53.55 -40.09 41.07
N LEU A 318 -53.21 -39.84 39.80
CA LEU A 318 -54.21 -39.70 38.73
C LEU A 318 -54.18 -40.96 37.87
N TYR A 319 -55.15 -41.86 38.05
CA TYR A 319 -55.21 -43.09 37.28
C TYR A 319 -56.09 -42.91 36.06
N ARG A 320 -55.70 -43.57 34.97
CA ARG A 320 -56.43 -43.52 33.71
C ARG A 320 -56.58 -44.94 33.18
N GLY A 321 -57.76 -45.25 32.63
CA GLY A 321 -58.01 -46.55 32.08
C GLY A 321 -58.63 -47.52 33.07
N ASP A 322 -58.41 -48.81 32.86
CA ASP A 322 -59.02 -49.88 33.65
C ASP A 322 -58.35 -49.91 35.03
N VAL A 323 -58.88 -49.09 35.95
CA VAL A 323 -58.34 -49.00 37.30
C VAL A 323 -59.50 -49.07 38.28
N VAL A 324 -59.44 -50.02 39.20
CA VAL A 324 -60.50 -50.24 40.17
C VAL A 324 -59.96 -49.90 41.56
N PRO A 325 -60.75 -49.24 42.41
CA PRO A 325 -60.19 -48.69 43.67
C PRO A 325 -59.57 -49.72 44.60
N LYS A 326 -60.15 -50.92 44.71
CA LYS A 326 -59.57 -51.92 45.60
C LYS A 326 -58.13 -52.21 45.21
N ASP A 327 -57.83 -52.17 43.92
CA ASP A 327 -56.49 -52.45 43.45
C ASP A 327 -55.53 -51.31 43.77
N VAL A 328 -56.03 -50.06 43.82
CA VAL A 328 -55.19 -48.92 44.20
C VAL A 328 -54.87 -48.95 45.68
N ASN A 329 -55.90 -49.00 46.53
CA ASN A 329 -55.66 -49.02 47.97
C ASN A 329 -54.75 -50.18 48.36
N ALA A 330 -54.94 -51.34 47.73
CA ALA A 330 -54.00 -52.45 47.95
C ALA A 330 -52.57 -52.01 47.66
N ALA A 331 -52.36 -51.36 46.51
CA ALA A 331 -51.02 -50.93 46.14
C ALA A 331 -50.45 -49.93 47.13
N ILE A 332 -51.29 -49.01 47.61
CA ILE A 332 -50.81 -47.98 48.54
C ILE A 332 -50.40 -48.61 49.88
N ALA A 333 -51.19 -49.55 50.37
CA ALA A 333 -50.84 -50.24 51.61
C ALA A 333 -49.44 -50.84 51.53
N THR A 334 -49.18 -51.59 50.46
CA THR A 334 -47.91 -52.33 50.37
C THR A 334 -46.72 -51.38 50.31
N ILE A 335 -46.92 -50.17 49.80
CA ILE A 335 -45.84 -49.18 49.71
C ILE A 335 -45.55 -48.57 51.07
N LYS A 336 -46.60 -48.09 51.76
CA LYS A 336 -46.42 -47.46 53.07
C LYS A 336 -45.70 -48.40 54.04
N THR A 337 -46.01 -49.70 54.01
CA THR A 337 -45.36 -50.62 54.93
C THR A 337 -43.88 -50.77 54.64
N LYS A 338 -43.51 -50.86 53.36
CA LYS A 338 -42.12 -51.14 52.98
C LYS A 338 -41.25 -49.91 52.87
N ARG A 339 -41.83 -48.73 52.70
CA ARG A 339 -41.05 -47.53 52.39
C ARG A 339 -41.47 -46.38 53.29
N SER A 340 -40.53 -45.46 53.48
CA SER A 340 -40.75 -44.25 54.28
C SER A 340 -41.05 -43.09 53.33
N ILE A 341 -42.31 -42.69 53.28
CA ILE A 341 -42.74 -41.53 52.50
C ILE A 341 -42.99 -40.43 53.53
N GLN A 342 -42.03 -39.53 53.70
CA GLN A 342 -42.08 -38.56 54.78
C GLN A 342 -42.80 -37.30 54.33
N PHE A 343 -43.94 -37.01 54.94
CA PHE A 343 -44.61 -35.75 54.73
C PHE A 343 -44.11 -34.74 55.76
N VAL A 344 -44.26 -33.44 55.44
CA VAL A 344 -44.08 -32.45 56.49
C VAL A 344 -45.09 -32.72 57.61
N ASP A 345 -44.80 -32.17 58.78
CA ASP A 345 -45.59 -32.60 59.93
C ASP A 345 -46.88 -31.82 60.09
N TRP A 346 -46.98 -30.63 59.51
CA TRP A 346 -48.25 -29.90 59.49
C TRP A 346 -49.19 -30.41 58.40
N CYS A 347 -48.79 -31.44 57.63
CA CYS A 347 -49.59 -32.00 56.55
C CYS A 347 -49.89 -33.46 56.81
N PRO A 348 -51.11 -33.91 56.48
CA PRO A 348 -51.41 -35.33 56.65
C PRO A 348 -50.60 -36.19 55.70
N THR A 349 -50.17 -37.34 56.21
CA THR A 349 -49.49 -38.32 55.35
C THR A 349 -50.58 -39.09 54.60
N GLY A 350 -50.69 -38.87 53.30
CA GLY A 350 -51.79 -39.49 52.60
C GLY A 350 -51.76 -39.16 51.13
N PHE A 351 -52.76 -39.70 50.42
CA PHE A 351 -52.89 -39.50 48.99
C PHE A 351 -54.32 -39.18 48.60
N LYS A 352 -54.50 -38.19 47.73
CA LYS A 352 -55.75 -37.98 47.02
C LYS A 352 -55.68 -38.77 45.71
N VAL A 353 -56.64 -39.67 45.51
CA VAL A 353 -56.67 -40.55 44.36
C VAL A 353 -57.82 -40.15 43.45
N GLY A 354 -57.54 -40.07 42.18
CA GLY A 354 -58.59 -39.95 41.17
C GLY A 354 -58.36 -41.00 40.11
N ILE A 355 -59.45 -41.53 39.59
CA ILE A 355 -59.44 -42.44 38.45
C ILE A 355 -60.24 -41.78 37.36
N ASN A 356 -59.63 -41.59 36.20
CA ASN A 356 -60.39 -41.19 35.03
C ASN A 356 -60.54 -42.40 34.13
N TYR A 357 -61.79 -42.75 33.82
CA TYR A 357 -62.07 -43.96 33.06
C TYR A 357 -61.62 -43.88 31.61
N GLN A 358 -61.42 -42.68 31.06
CA GLN A 358 -61.00 -42.56 29.68
C GLN A 358 -59.65 -43.25 29.47
N PRO A 359 -59.51 -44.12 28.47
CA PRO A 359 -58.28 -44.91 28.32
C PRO A 359 -57.14 -44.05 27.83
N PRO A 360 -55.93 -44.29 28.33
CA PRO A 360 -54.75 -43.60 27.78
C PRO A 360 -54.67 -43.80 26.27
N THR A 361 -54.36 -42.72 25.56
CA THR A 361 -54.34 -42.71 24.11
C THR A 361 -52.96 -42.28 23.63
N VAL A 362 -52.50 -42.89 22.53
CA VAL A 362 -51.21 -42.57 21.95
C VAL A 362 -51.41 -42.24 20.47
N VAL A 363 -50.50 -41.43 19.94
CA VAL A 363 -50.47 -41.14 18.51
C VAL A 363 -50.26 -42.45 17.77
N PRO A 364 -51.16 -42.84 16.87
CA PRO A 364 -50.92 -44.02 16.05
C PRO A 364 -49.60 -43.90 15.30
N GLY A 365 -48.87 -45.01 15.24
CA GLY A 365 -47.60 -45.05 14.57
C GLY A 365 -46.45 -44.41 15.32
N GLY A 366 -46.70 -43.84 16.51
CA GLY A 366 -45.64 -43.29 17.33
C GLY A 366 -44.88 -44.37 18.07
N ASP A 367 -43.95 -43.93 18.91
CA ASP A 367 -43.09 -44.87 19.63
C ASP A 367 -43.62 -45.24 21.01
N LEU A 368 -44.72 -44.62 21.45
CA LEU A 368 -45.40 -45.04 22.66
C LEU A 368 -46.43 -46.11 22.34
N ALA A 369 -46.42 -47.20 23.11
CA ALA A 369 -47.41 -48.24 22.97
C ALA A 369 -48.69 -47.86 23.70
N LYS A 370 -49.80 -48.40 23.24
CA LYS A 370 -51.10 -48.17 23.86
C LYS A 370 -51.25 -49.12 25.05
N VAL A 371 -51.43 -48.56 26.25
CA VAL A 371 -51.55 -49.34 27.47
C VAL A 371 -52.99 -49.32 27.96
N GLN A 372 -53.34 -50.35 28.75
CA GLN A 372 -54.69 -50.47 29.27
C GLN A 372 -54.91 -49.52 30.45
N ARG A 373 -53.86 -49.27 31.24
CA ARG A 373 -53.97 -48.46 32.44
C ARG A 373 -52.69 -47.67 32.62
N ALA A 374 -52.84 -46.41 33.02
CA ALA A 374 -51.69 -45.55 33.26
C ALA A 374 -51.93 -44.78 34.54
N VAL A 375 -50.91 -44.07 35.00
CA VAL A 375 -51.05 -43.27 36.21
C VAL A 375 -50.08 -42.12 36.14
N CYS A 376 -50.50 -40.97 36.68
CA CYS A 376 -49.60 -39.85 36.83
C CYS A 376 -49.67 -39.42 38.29
N MET A 377 -48.51 -39.34 38.94
CA MET A 377 -48.49 -38.87 40.32
C MET A 377 -47.99 -37.44 40.34
N LEU A 378 -48.71 -36.60 41.07
CA LEU A 378 -48.36 -35.20 41.20
C LEU A 378 -48.10 -34.96 42.68
N SER A 379 -46.86 -34.62 43.00
CA SER A 379 -46.45 -34.52 44.40
C SER A 379 -45.75 -33.20 44.60
N ASN A 380 -46.02 -32.54 45.72
CA ASN A 380 -45.29 -31.33 46.08
C ASN A 380 -44.24 -31.72 47.12
N THR A 381 -43.01 -31.89 46.66
CA THR A 381 -41.89 -32.28 47.50
C THR A 381 -40.85 -31.16 47.50
N THR A 382 -40.30 -30.90 48.69
CA THR A 382 -39.20 -29.95 48.80
C THR A 382 -37.99 -30.40 48.01
N ALA A 383 -37.98 -31.65 47.54
CA ALA A 383 -36.80 -32.16 46.84
C ALA A 383 -36.60 -31.49 45.50
N ILE A 384 -37.66 -30.90 44.93
CA ILE A 384 -37.54 -30.25 43.63
C ILE A 384 -36.64 -29.02 43.68
N ALA A 385 -36.33 -28.51 44.89
CA ALA A 385 -35.39 -27.39 45.01
C ALA A 385 -33.99 -27.76 44.53
N GLU A 386 -33.68 -29.05 44.45
CA GLU A 386 -32.42 -29.45 43.83
C GLU A 386 -32.34 -28.93 42.40
N ALA A 387 -33.44 -29.05 41.65
CA ALA A 387 -33.46 -28.51 40.29
C ALA A 387 -33.16 -27.02 40.30
N TRP A 388 -33.64 -26.29 41.30
CA TRP A 388 -33.35 -24.86 41.37
C TRP A 388 -31.86 -24.62 41.67
N ALA A 389 -31.27 -25.45 42.53
CA ALA A 389 -29.87 -25.29 42.89
C ALA A 389 -28.94 -25.52 41.71
N ARG A 390 -29.20 -26.56 40.90
CA ARG A 390 -28.37 -26.78 39.72
C ARG A 390 -28.37 -25.54 38.83
N LEU A 391 -29.57 -24.99 38.56
CA LEU A 391 -29.68 -23.77 37.76
C LEU A 391 -28.93 -22.61 38.42
N ASP A 392 -29.12 -22.43 39.73
CA ASP A 392 -28.49 -21.30 40.42
C ASP A 392 -26.97 -21.37 40.38
N HIS A 393 -26.41 -22.58 40.40
CA HIS A 393 -24.95 -22.70 40.38
C HIS A 393 -24.38 -22.24 39.03
N LYS A 394 -24.97 -22.70 37.93
CA LYS A 394 -24.49 -22.29 36.61
C LYS A 394 -24.67 -20.80 36.44
N PHE A 395 -25.81 -20.27 36.89
CA PHE A 395 -25.99 -18.82 36.96
C PHE A 395 -24.82 -18.16 37.67
N ASP A 396 -24.50 -18.64 38.86
CA ASP A 396 -23.47 -18.00 39.67
C ASP A 396 -22.13 -18.03 38.98
N LEU A 397 -21.78 -19.17 38.37
CA LEU A 397 -20.48 -19.29 37.71
C LEU A 397 -20.31 -18.19 36.69
N MET A 398 -21.32 -18.00 35.83
CA MET A 398 -21.18 -17.03 34.75
C MET A 398 -21.34 -15.59 35.23
N TYR A 399 -22.21 -15.37 36.24
CA TYR A 399 -22.52 -14.00 36.64
C TYR A 399 -21.40 -13.40 37.48
N ALA A 400 -20.61 -14.24 38.15
CA ALA A 400 -19.46 -13.74 38.88
C ALA A 400 -18.51 -13.00 37.96
N LYS A 401 -18.41 -13.45 36.71
CA LYS A 401 -17.55 -12.81 35.72
C LYS A 401 -18.33 -11.89 34.82
N ARG A 402 -19.63 -11.71 35.08
CA ARG A 402 -20.51 -10.92 34.24
C ARG A 402 -20.45 -11.39 32.79
N ALA A 403 -20.21 -12.68 32.59
CA ALA A 403 -20.17 -13.22 31.22
C ALA A 403 -21.54 -13.03 30.58
N PHE A 404 -21.55 -12.49 29.35
CA PHE A 404 -22.73 -12.29 28.51
C PHE A 404 -23.70 -11.23 29.04
N VAL A 405 -23.42 -10.60 30.20
CA VAL A 405 -24.37 -9.67 30.79
C VAL A 405 -24.65 -8.49 29.86
N HIS A 406 -23.66 -8.08 29.06
CA HIS A 406 -23.83 -6.92 28.19
C HIS A 406 -24.88 -7.15 27.10
N TRP A 407 -25.17 -8.40 26.72
CA TRP A 407 -26.25 -8.61 25.76
C TRP A 407 -27.62 -8.28 26.36
N TYR A 408 -27.79 -8.56 27.66
CA TYR A 408 -29.05 -8.26 28.35
C TYR A 408 -29.19 -6.76 28.58
N VAL A 409 -28.10 -6.12 29.03
CA VAL A 409 -28.09 -4.69 29.29
C VAL A 409 -28.24 -3.89 27.99
N GLY A 410 -27.65 -4.39 26.89
CA GLY A 410 -27.82 -3.75 25.61
C GLY A 410 -29.26 -3.67 25.17
N GLU A 411 -30.12 -4.57 25.70
CA GLU A 411 -31.55 -4.57 25.40
C GLU A 411 -32.38 -3.75 26.39
N GLY A 412 -31.73 -2.99 27.27
CA GLY A 412 -32.42 -2.11 28.18
C GLY A 412 -32.63 -2.65 29.58
N MET A 413 -32.29 -3.91 29.83
CA MET A 413 -32.40 -4.45 31.18
C MET A 413 -31.28 -3.87 32.04
N GLU A 414 -31.60 -3.59 33.30
CA GLU A 414 -30.59 -3.12 34.23
C GLU A 414 -29.85 -4.32 34.81
N GLU A 415 -28.54 -4.14 35.00
CA GLU A 415 -27.72 -5.23 35.49
C GLU A 415 -28.23 -5.75 36.83
N GLY A 416 -28.70 -4.83 37.69
CA GLY A 416 -29.24 -5.19 38.98
C GLY A 416 -30.40 -6.17 38.94
N GLU A 417 -31.06 -6.32 37.79
CA GLU A 417 -32.12 -7.32 37.71
C GLU A 417 -31.56 -8.73 37.81
N PHE A 418 -30.32 -8.95 37.35
CA PHE A 418 -29.64 -10.23 37.58
C PHE A 418 -29.56 -10.52 39.08
N SER A 419 -29.02 -9.57 39.84
CA SER A 419 -28.84 -9.76 41.27
C SER A 419 -30.18 -9.90 41.97
N GLU A 420 -31.16 -9.11 41.55
CA GLU A 420 -32.48 -9.15 42.19
C GLU A 420 -33.18 -10.47 41.90
N ALA A 421 -33.08 -10.97 40.66
CA ALA A 421 -33.64 -12.29 40.36
C ALA A 421 -32.91 -13.39 41.13
N ARG A 422 -31.60 -13.27 41.27
CA ARG A 422 -30.84 -14.35 41.90
C ARG A 422 -31.09 -14.39 43.40
N GLU A 423 -31.30 -13.23 44.02
CA GLU A 423 -31.65 -13.20 45.44
C GLU A 423 -32.98 -13.90 45.68
N ASP A 424 -33.96 -13.63 44.80
CA ASP A 424 -35.26 -14.27 44.89
C ASP A 424 -35.12 -15.79 44.91
N MET A 425 -34.26 -16.34 44.06
CA MET A 425 -34.01 -17.78 44.01
C MET A 425 -33.31 -18.28 45.27
N ALA A 426 -32.45 -17.46 45.85
CA ALA A 426 -31.87 -17.77 47.15
C ALA A 426 -32.97 -17.87 48.20
N ALA A 427 -33.87 -16.88 48.22
CA ALA A 427 -35.03 -16.91 49.12
C ALA A 427 -35.92 -18.10 48.84
N LEU A 428 -36.09 -18.45 47.56
CA LEU A 428 -36.89 -19.63 47.23
C LEU A 428 -36.26 -20.88 47.84
N GLU A 429 -34.93 -21.01 47.69
CA GLU A 429 -34.20 -22.11 48.31
C GLU A 429 -34.38 -22.16 49.84
N LYS A 430 -34.22 -21.01 50.51
CA LYS A 430 -34.41 -21.03 51.96
C LYS A 430 -35.86 -21.32 52.32
N ASP A 431 -36.81 -20.79 51.54
CA ASP A 431 -38.21 -21.13 51.76
C ASP A 431 -38.42 -22.64 51.69
N TYR A 432 -37.79 -23.30 50.72
CA TYR A 432 -37.90 -24.76 50.61
C TYR A 432 -37.26 -25.43 51.82
N GLU A 433 -36.11 -24.93 52.27
CA GLU A 433 -35.42 -25.53 53.41
C GLU A 433 -36.24 -25.40 54.67
N GLU A 434 -36.69 -24.17 54.98
CA GLU A 434 -37.55 -23.94 56.14
C GLU A 434 -38.73 -24.89 56.16
N VAL A 435 -39.37 -25.09 55.00
CA VAL A 435 -40.53 -25.95 54.90
C VAL A 435 -40.16 -27.41 55.11
N GLY A 436 -38.95 -27.80 54.71
CA GLY A 436 -38.55 -29.19 54.83
C GLY A 436 -37.97 -29.62 56.16
N VAL A 437 -37.92 -28.75 57.16
CA VAL A 437 -37.34 -29.12 58.47
C VAL A 437 -38.41 -29.29 59.53
N MET B 1 -35.20 -12.50 10.25
CA MET B 1 -33.78 -12.84 10.34
C MET B 1 -33.44 -13.77 9.19
N ARG B 2 -33.21 -13.19 8.02
CA ARG B 2 -32.97 -14.03 6.86
C ARG B 2 -31.71 -13.61 6.13
N GLU B 3 -31.73 -12.41 5.57
CA GLU B 3 -30.75 -12.02 4.56
C GLU B 3 -29.46 -11.52 5.18
N ILE B 4 -28.35 -12.04 4.67
CA ILE B 4 -27.02 -11.51 4.95
C ILE B 4 -26.57 -10.75 3.70
N VAL B 5 -26.06 -9.54 3.89
CA VAL B 5 -25.41 -8.78 2.81
C VAL B 5 -23.91 -9.04 2.88
N HIS B 6 -23.35 -9.63 1.84
CA HIS B 6 -21.94 -9.93 1.81
C HIS B 6 -21.21 -8.87 1.01
N ILE B 7 -20.11 -8.39 1.57
CA ILE B 7 -19.25 -7.40 0.95
C ILE B 7 -17.84 -7.96 0.90
N GLN B 8 -17.14 -7.71 -0.21
CA GLN B 8 -15.75 -8.11 -0.34
C GLN B 8 -14.95 -6.92 -0.84
N ALA B 9 -13.86 -6.61 -0.16
CA ALA B 9 -13.13 -5.37 -0.40
C ALA B 9 -11.64 -5.65 -0.64
N GLY B 10 -11.08 -5.03 -1.67
CA GLY B 10 -9.65 -5.15 -1.96
C GLY B 10 -9.32 -6.49 -2.60
N GLN B 11 -8.03 -6.73 -2.79
CA GLN B 11 -7.60 -7.87 -3.59
C GLN B 11 -7.84 -9.18 -2.86
N CYS B 12 -7.25 -9.35 -1.67
CA CYS B 12 -7.54 -10.54 -0.87
C CYS B 12 -9.04 -10.70 -0.65
N GLY B 13 -9.71 -9.62 -0.24
CA GLY B 13 -11.14 -9.68 -0.01
C GLY B 13 -11.93 -10.27 -1.17
N ASN B 14 -11.63 -9.81 -2.39
CA ASN B 14 -12.36 -10.30 -3.56
C ASN B 14 -11.92 -11.69 -4.00
N GLN B 15 -10.66 -12.06 -3.79
CA GLN B 15 -10.22 -13.41 -4.13
C GLN B 15 -10.85 -14.46 -3.20
N ILE B 16 -10.74 -14.26 -1.88
CA ILE B 16 -11.36 -15.26 -1.01
C ILE B 16 -12.89 -15.14 -1.07
N GLY B 17 -13.42 -13.93 -1.31
CA GLY B 17 -14.86 -13.80 -1.49
C GLY B 17 -15.36 -14.58 -2.68
N ALA B 18 -14.67 -14.46 -3.81
CA ALA B 18 -15.05 -15.19 -5.01
C ALA B 18 -15.00 -16.70 -4.78
N LYS B 19 -13.92 -17.18 -4.15
CA LYS B 19 -13.85 -18.61 -3.84
C LYS B 19 -15.01 -19.03 -2.95
N PHE B 20 -15.36 -18.20 -1.95
CA PHE B 20 -16.52 -18.49 -1.12
C PHE B 20 -17.76 -18.70 -1.96
N TRP B 21 -18.06 -17.76 -2.87
CA TRP B 21 -19.28 -17.91 -3.67
C TRP B 21 -19.19 -19.10 -4.61
N GLU B 22 -18.00 -19.39 -5.12
CA GLU B 22 -17.77 -20.60 -5.87
C GLU B 22 -18.20 -21.83 -5.08
N VAL B 23 -17.68 -21.97 -3.86
CA VAL B 23 -17.86 -23.21 -3.10
C VAL B 23 -19.32 -23.37 -2.69
N ILE B 24 -19.92 -22.32 -2.10
CA ILE B 24 -21.30 -22.50 -1.61
C ILE B 24 -22.34 -22.49 -2.73
N SER B 25 -22.02 -21.94 -3.91
CA SER B 25 -22.93 -22.10 -5.04
C SER B 25 -22.99 -23.56 -5.47
N ASP B 26 -21.84 -24.24 -5.43
CA ASP B 26 -21.81 -25.68 -5.74
C ASP B 26 -22.61 -26.47 -4.70
N GLU B 27 -22.45 -26.17 -3.42
CA GLU B 27 -23.17 -26.91 -2.38
C GLU B 27 -24.67 -26.73 -2.52
N HIS B 28 -25.11 -25.51 -2.85
CA HIS B 28 -26.53 -25.22 -2.99
C HIS B 28 -27.07 -25.54 -4.38
N GLY B 29 -26.23 -25.98 -5.31
CA GLY B 29 -26.71 -26.40 -6.61
C GLY B 29 -26.93 -25.29 -7.61
N ILE B 30 -26.16 -24.21 -7.50
CA ILE B 30 -26.29 -23.05 -8.38
C ILE B 30 -25.10 -23.05 -9.33
N ASP B 31 -25.38 -23.05 -10.63
CA ASP B 31 -24.35 -22.93 -11.67
C ASP B 31 -23.99 -21.46 -11.84
N PRO B 32 -22.99 -21.13 -12.67
CA PRO B 32 -22.61 -19.72 -12.83
C PRO B 32 -23.65 -18.87 -13.54
N THR B 33 -24.60 -19.46 -14.27
CA THR B 33 -25.68 -18.68 -14.86
C THR B 33 -26.84 -18.51 -13.89
N GLY B 34 -26.60 -18.70 -12.59
CA GLY B 34 -27.60 -18.54 -11.56
C GLY B 34 -28.70 -19.59 -11.54
N SER B 35 -28.73 -20.50 -12.50
CA SER B 35 -29.79 -21.49 -12.55
C SER B 35 -29.53 -22.58 -11.53
N TYR B 36 -30.55 -22.93 -10.75
CA TYR B 36 -30.47 -24.06 -9.84
C TYR B 36 -30.60 -25.36 -10.63
N HIS B 37 -29.75 -26.34 -10.29
CA HIS B 37 -29.80 -27.65 -10.92
C HIS B 37 -29.53 -28.75 -9.90
N GLY B 38 -29.81 -28.50 -8.64
CA GLY B 38 -29.48 -29.44 -7.58
C GLY B 38 -30.45 -30.59 -7.47
N ASP B 39 -30.13 -31.47 -6.53
CA ASP B 39 -30.86 -32.72 -6.32
C ASP B 39 -31.72 -32.73 -5.08
N SER B 40 -31.55 -31.78 -4.17
CA SER B 40 -32.23 -31.80 -2.88
C SER B 40 -32.80 -30.43 -2.54
N ASP B 41 -33.97 -30.41 -1.92
CA ASP B 41 -34.56 -29.16 -1.50
C ASP B 41 -34.05 -28.70 -0.14
N LEU B 42 -33.13 -29.45 0.49
CA LEU B 42 -32.36 -28.89 1.58
C LEU B 42 -31.44 -27.77 1.10
N GLN B 43 -31.10 -27.76 -0.19
CA GLN B 43 -30.22 -26.76 -0.77
C GLN B 43 -30.90 -25.42 -1.01
N LEU B 44 -32.24 -25.38 -1.01
CA LEU B 44 -32.97 -24.17 -1.32
C LEU B 44 -33.83 -23.63 -0.18
N GLU B 45 -34.04 -24.40 0.91
CA GLU B 45 -34.95 -23.95 1.96
C GLU B 45 -34.48 -22.65 2.59
N ARG B 46 -33.17 -22.48 2.76
CA ARG B 46 -32.61 -21.27 3.34
C ARG B 46 -31.68 -20.54 2.38
N ILE B 47 -31.85 -20.75 1.08
CA ILE B 47 -30.92 -20.14 0.15
C ILE B 47 -31.07 -18.64 0.08
N ASN B 48 -32.19 -18.09 0.54
CA ASN B 48 -32.36 -16.64 0.55
C ASN B 48 -31.46 -15.95 1.56
N VAL B 49 -30.89 -16.69 2.53
CA VAL B 49 -29.93 -16.09 3.44
C VAL B 49 -28.78 -15.44 2.66
N TYR B 50 -28.34 -16.07 1.58
CA TYR B 50 -27.22 -15.58 0.80
C TYR B 50 -27.55 -15.17 -0.62
N TYR B 51 -28.65 -15.65 -1.20
CA TYR B 51 -28.97 -15.37 -2.60
C TYR B 51 -30.30 -14.64 -2.74
N ASN B 52 -30.33 -13.65 -3.64
CA ASN B 52 -31.58 -13.09 -4.13
C ASN B 52 -32.11 -13.95 -5.28
N GLU B 53 -33.42 -14.10 -5.35
CA GLU B 53 -34.04 -14.87 -6.44
C GLU B 53 -34.61 -13.90 -7.46
N ALA B 54 -34.10 -13.96 -8.69
CA ALA B 54 -34.48 -13.04 -9.75
C ALA B 54 -35.64 -13.61 -10.57
N THR B 55 -35.92 -12.95 -11.70
CA THR B 55 -37.12 -13.24 -12.47
C THR B 55 -37.08 -14.63 -13.08
N GLY B 56 -35.98 -14.97 -13.77
CA GLY B 56 -35.92 -16.21 -14.52
C GLY B 56 -35.64 -17.46 -13.72
N ASN B 57 -36.22 -17.57 -12.52
CA ASN B 57 -35.95 -18.69 -11.60
C ASN B 57 -34.46 -18.82 -11.31
N LYS B 58 -33.74 -17.70 -11.31
CA LYS B 58 -32.30 -17.69 -11.13
C LYS B 58 -31.95 -17.06 -9.79
N TYR B 59 -30.77 -17.40 -9.27
CA TYR B 59 -30.32 -16.93 -7.98
C TYR B 59 -29.07 -16.07 -8.14
N VAL B 60 -29.07 -14.89 -7.53
CA VAL B 60 -27.97 -13.96 -7.58
C VAL B 60 -27.40 -13.81 -6.18
N PRO B 61 -26.10 -13.99 -5.97
CA PRO B 61 -25.51 -13.76 -4.65
C PRO B 61 -25.81 -12.36 -4.17
N ARG B 62 -26.15 -12.23 -2.88
CA ARG B 62 -26.34 -10.92 -2.28
C ARG B 62 -24.96 -10.33 -1.94
N ALA B 63 -24.16 -10.11 -2.99
CA ALA B 63 -22.75 -9.80 -2.83
C ALA B 63 -22.42 -8.45 -3.48
N ILE B 64 -21.61 -7.67 -2.78
CA ILE B 64 -21.12 -6.38 -3.23
C ILE B 64 -19.61 -6.43 -3.31
N LEU B 65 -19.05 -6.08 -4.47
CA LEU B 65 -17.63 -6.25 -4.80
C LEU B 65 -16.99 -4.88 -4.91
N VAL B 66 -15.98 -4.63 -4.08
CA VAL B 66 -15.46 -3.29 -3.82
C VAL B 66 -13.94 -3.31 -3.99
N ASP B 67 -13.42 -2.34 -4.74
CA ASP B 67 -11.98 -2.14 -4.76
C ASP B 67 -11.66 -0.74 -5.24
N LEU B 68 -10.54 -0.19 -4.75
CA LEU B 68 -10.05 1.08 -5.29
C LEU B 68 -9.29 0.88 -6.59
N GLU B 69 -8.98 -0.36 -6.93
CA GLU B 69 -8.30 -0.76 -8.14
C GLU B 69 -9.26 -1.56 -9.00
N PRO B 70 -9.35 -1.28 -10.30
CA PRO B 70 -10.29 -2.04 -11.15
C PRO B 70 -9.80 -3.43 -11.53
N GLY B 71 -8.53 -3.74 -11.27
CA GLY B 71 -7.93 -4.96 -11.77
C GLY B 71 -8.50 -6.27 -11.24
N THR B 72 -8.37 -6.52 -9.95
CA THR B 72 -8.77 -7.83 -9.43
C THR B 72 -10.28 -8.06 -9.57
N MET B 73 -11.09 -7.01 -9.60
CA MET B 73 -12.51 -7.24 -9.88
C MET B 73 -12.75 -7.54 -11.35
N ASP B 74 -11.90 -7.02 -12.23
CA ASP B 74 -11.92 -7.47 -13.61
C ASP B 74 -11.57 -8.95 -13.71
N SER B 75 -10.62 -9.42 -12.90
CA SER B 75 -10.25 -10.83 -12.94
C SER B 75 -11.27 -11.72 -12.23
N VAL B 76 -12.13 -11.15 -11.37
CA VAL B 76 -13.22 -11.93 -10.80
C VAL B 76 -14.37 -12.08 -11.80
N ARG B 77 -14.71 -11.02 -12.53
CA ARG B 77 -15.68 -11.16 -13.63
C ARG B 77 -15.25 -12.29 -14.56
N SER B 78 -13.95 -12.33 -14.88
CA SER B 78 -13.40 -13.34 -15.78
C SER B 78 -13.29 -14.71 -15.14
N GLY B 79 -13.48 -14.82 -13.82
CA GLY B 79 -13.33 -16.07 -13.15
C GLY B 79 -14.46 -17.03 -13.44
N PRO B 80 -14.43 -18.20 -12.80
CA PRO B 80 -15.43 -19.24 -13.11
C PRO B 80 -16.86 -18.78 -12.90
N PHE B 81 -17.19 -18.30 -11.69
CA PHE B 81 -18.54 -17.84 -11.36
C PHE B 81 -18.71 -16.34 -11.54
N GLY B 82 -17.90 -15.72 -12.41
CA GLY B 82 -17.95 -14.27 -12.57
C GLY B 82 -19.29 -13.74 -13.02
N GLN B 83 -20.02 -14.50 -13.84
CA GLN B 83 -21.28 -14.06 -14.41
C GLN B 83 -22.46 -14.15 -13.44
N ILE B 84 -22.26 -14.66 -12.22
CA ILE B 84 -23.38 -14.79 -11.31
C ILE B 84 -23.66 -13.51 -10.53
N PHE B 85 -22.66 -12.66 -10.36
CA PHE B 85 -22.80 -11.45 -9.56
C PHE B 85 -23.55 -10.37 -10.33
N ARG B 86 -24.46 -9.68 -9.64
CA ARG B 86 -25.18 -8.55 -10.19
C ARG B 86 -24.17 -7.53 -10.73
N PRO B 87 -24.26 -7.15 -12.00
CA PRO B 87 -23.24 -6.26 -12.58
C PRO B 87 -23.15 -4.91 -11.88
N ASP B 88 -24.26 -4.38 -11.36
CA ASP B 88 -24.19 -3.08 -10.71
C ASP B 88 -23.78 -3.17 -9.25
N ASN B 89 -23.36 -4.35 -8.77
CA ASN B 89 -22.79 -4.51 -7.43
C ASN B 89 -21.26 -4.49 -7.45
N PHE B 90 -20.64 -4.32 -8.62
CA PHE B 90 -19.22 -4.01 -8.73
C PHE B 90 -19.04 -2.51 -8.51
N VAL B 91 -18.39 -2.12 -7.41
CA VAL B 91 -18.13 -0.71 -7.14
C VAL B 91 -16.62 -0.59 -7.06
N PHE B 92 -15.99 -0.01 -8.08
CA PHE B 92 -14.54 0.03 -8.14
C PHE B 92 -14.04 1.41 -8.51
N GLY B 93 -13.02 1.87 -7.77
CA GLY B 93 -12.34 3.10 -8.08
C GLY B 93 -11.30 2.89 -9.17
N GLN B 94 -10.44 3.87 -9.32
CA GLN B 94 -9.43 3.74 -10.35
C GLN B 94 -7.99 3.79 -9.84
N SER B 95 -7.70 4.57 -8.82
CA SER B 95 -6.33 4.92 -8.49
C SER B 95 -5.71 4.11 -7.35
N GLY B 96 -6.39 3.07 -6.85
CA GLY B 96 -5.81 2.20 -5.84
C GLY B 96 -5.55 2.82 -4.47
N ALA B 97 -5.09 1.99 -3.51
CA ALA B 97 -4.83 2.45 -2.14
C ALA B 97 -3.34 2.51 -1.81
N GLY B 98 -2.47 2.17 -2.75
CA GLY B 98 -1.04 2.25 -2.54
C GLY B 98 -0.51 1.42 -1.38
N ASN B 99 -1.17 0.31 -1.04
CA ASN B 99 -0.79 -0.53 0.10
C ASN B 99 -0.84 0.25 1.43
N ASN B 100 -1.61 1.32 1.48
CA ASN B 100 -1.52 2.32 2.54
C ASN B 100 -2.90 2.37 3.22
N TRP B 101 -2.94 1.95 4.50
CA TRP B 101 -4.20 1.99 5.25
C TRP B 101 -4.77 3.40 5.27
N ALA B 102 -3.90 4.42 5.42
CA ALA B 102 -4.40 5.79 5.50
C ALA B 102 -5.10 6.20 4.23
N LYS B 103 -4.66 5.69 3.08
CA LYS B 103 -5.28 6.05 1.81
C LYS B 103 -6.64 5.41 1.68
N GLY B 104 -6.77 4.15 2.07
CA GLY B 104 -8.07 3.49 2.01
C GLY B 104 -9.05 3.99 3.05
N HIS B 105 -8.56 4.41 4.21
CA HIS B 105 -9.43 4.77 5.31
C HIS B 105 -9.83 6.23 5.27
N TYR B 106 -8.93 7.09 4.77
CA TYR B 106 -9.18 8.51 4.76
C TYR B 106 -9.43 8.92 3.31
N THR B 107 -8.43 9.41 2.58
CA THR B 107 -8.69 10.21 1.38
C THR B 107 -9.28 9.39 0.22
N GLU B 108 -8.58 8.37 -0.26
CA GLU B 108 -9.09 7.60 -1.40
C GLU B 108 -10.39 6.87 -1.07
N GLY B 109 -10.46 6.24 0.10
CA GLY B 109 -11.65 5.47 0.44
C GLY B 109 -12.88 6.34 0.60
N ALA B 110 -12.71 7.52 1.20
CA ALA B 110 -13.82 8.46 1.34
C ALA B 110 -14.44 8.79 0.00
N GLU B 111 -13.60 8.90 -1.04
CA GLU B 111 -14.08 9.24 -2.37
C GLU B 111 -14.96 8.15 -2.97
N LEU B 112 -14.75 6.91 -2.56
CA LEU B 112 -15.51 5.79 -3.08
C LEU B 112 -16.59 5.28 -2.12
N VAL B 113 -16.48 5.58 -0.81
CA VAL B 113 -17.32 4.86 0.18
C VAL B 113 -18.81 5.14 -0.02
N ASP B 114 -19.20 6.35 -0.41
CA ASP B 114 -20.63 6.61 -0.56
C ASP B 114 -21.22 5.91 -1.77
N SER B 115 -20.43 5.68 -2.83
CA SER B 115 -20.88 4.81 -3.91
C SER B 115 -21.14 3.39 -3.41
N VAL B 116 -20.27 2.86 -2.55
CA VAL B 116 -20.50 1.51 -2.04
C VAL B 116 -21.76 1.48 -1.19
N LEU B 117 -21.94 2.49 -0.33
CA LEU B 117 -23.05 2.51 0.60
C LEU B 117 -24.38 2.60 -0.13
N ASP B 118 -24.41 3.22 -1.31
CA ASP B 118 -25.63 3.25 -2.11
C ASP B 118 -26.00 1.85 -2.56
N VAL B 119 -25.01 1.09 -3.03
CA VAL B 119 -25.25 -0.30 -3.42
C VAL B 119 -25.61 -1.15 -2.20
N VAL B 120 -24.95 -0.90 -1.06
CA VAL B 120 -25.31 -1.62 0.17
C VAL B 120 -26.76 -1.34 0.52
N ARG B 121 -27.18 -0.07 0.38
CA ARG B 121 -28.51 0.32 0.80
C ARG B 121 -29.57 -0.22 -0.15
N LYS B 122 -29.27 -0.28 -1.45
CA LYS B 122 -30.23 -0.89 -2.38
C LYS B 122 -30.44 -2.36 -2.07
N GLU B 123 -29.39 -3.06 -1.64
CA GLU B 123 -29.55 -4.45 -1.24
C GLU B 123 -30.29 -4.57 0.10
N SER B 124 -30.04 -3.66 1.03
CA SER B 124 -30.69 -3.73 2.34
C SER B 124 -32.19 -3.41 2.24
N GLU B 125 -32.60 -2.62 1.26
CA GLU B 125 -34.02 -2.34 1.13
C GLU B 125 -34.79 -3.48 0.48
N SER B 126 -34.13 -4.34 -0.30
CA SER B 126 -34.78 -5.52 -0.85
C SER B 126 -34.67 -6.74 0.06
N CYS B 127 -34.55 -6.52 1.36
CA CYS B 127 -34.46 -7.60 2.34
C CYS B 127 -35.72 -7.62 3.20
N ASP B 128 -36.33 -8.80 3.32
CA ASP B 128 -37.49 -8.94 4.20
C ASP B 128 -37.08 -8.72 5.67
N CYS B 129 -35.90 -9.22 6.05
CA CYS B 129 -35.47 -9.09 7.45
C CYS B 129 -33.95 -9.23 7.48
N LEU B 130 -33.27 -8.09 7.47
CA LEU B 130 -31.81 -8.05 7.34
C LEU B 130 -31.13 -8.55 8.62
N GLN B 131 -30.47 -9.71 8.51
CA GLN B 131 -29.66 -10.26 9.59
C GLN B 131 -28.46 -9.35 9.87
N GLY B 132 -27.75 -8.94 8.82
CA GLY B 132 -26.55 -8.15 9.00
C GLY B 132 -25.60 -8.33 7.82
N PHE B 133 -24.32 -8.11 8.10
CA PHE B 133 -23.30 -7.93 7.08
C PHE B 133 -22.13 -8.89 7.28
N GLN B 134 -21.66 -9.44 6.18
CA GLN B 134 -20.49 -10.32 6.18
C GLN B 134 -19.45 -9.72 5.24
N LEU B 135 -18.32 -9.30 5.80
CA LEU B 135 -17.24 -8.65 5.05
C LEU B 135 -16.01 -9.55 4.97
N THR B 136 -15.49 -9.74 3.75
CA THR B 136 -14.21 -10.39 3.53
C THR B 136 -13.16 -9.38 3.05
N HIS B 137 -11.95 -9.49 3.60
CA HIS B 137 -10.91 -8.50 3.37
C HIS B 137 -9.65 -8.95 4.10
N SER B 138 -8.52 -8.40 3.66
CA SER B 138 -7.26 -8.52 4.37
C SER B 138 -7.08 -7.30 5.28
N LEU B 139 -6.29 -7.48 6.33
CA LEU B 139 -5.85 -6.38 7.18
C LEU B 139 -4.48 -5.82 6.79
N GLY B 140 -3.68 -6.56 6.01
CA GLY B 140 -2.33 -6.11 5.70
C GLY B 140 -2.18 -5.12 4.54
N GLY B 141 -3.21 -4.97 3.72
CA GLY B 141 -3.14 -4.12 2.53
C GLY B 141 -3.73 -2.75 2.78
N GLY B 142 -4.22 -2.14 1.71
CA GLY B 142 -4.72 -0.78 1.81
C GLY B 142 -6.22 -0.65 1.69
N THR B 143 -6.82 -1.34 0.71
CA THR B 143 -8.24 -1.15 0.44
C THR B 143 -9.07 -1.99 1.41
N GLY B 144 -8.83 -3.30 1.44
CA GLY B 144 -9.56 -4.17 2.34
C GLY B 144 -9.39 -3.74 3.78
N SER B 145 -8.18 -3.34 4.14
CA SER B 145 -7.87 -2.96 5.51
C SER B 145 -8.39 -1.56 5.83
N GLY B 146 -7.86 -0.55 5.13
CA GLY B 146 -8.26 0.83 5.41
C GLY B 146 -9.68 1.12 4.96
N MET B 147 -10.01 0.80 3.71
CA MET B 147 -11.36 1.13 3.27
C MET B 147 -12.39 0.18 3.84
N GLY B 148 -12.02 -1.08 4.09
CA GLY B 148 -12.95 -2.00 4.73
C GLY B 148 -13.33 -1.56 6.13
N THR B 149 -12.36 -1.12 6.93
CA THR B 149 -12.73 -0.64 8.25
C THR B 149 -13.50 0.67 8.16
N LEU B 150 -13.22 1.51 7.16
CA LEU B 150 -14.08 2.68 6.96
C LEU B 150 -15.50 2.25 6.61
N LEU B 151 -15.65 1.26 5.72
CA LEU B 151 -16.98 0.75 5.38
C LEU B 151 -17.70 0.20 6.61
N ILE B 152 -16.99 -0.56 7.45
CA ILE B 152 -17.60 -1.10 8.65
C ILE B 152 -18.20 0.03 9.49
N SER B 153 -17.40 1.07 9.74
CA SER B 153 -17.84 2.16 10.60
C SER B 153 -19.08 2.84 10.03
N LYS B 154 -19.05 3.18 8.73
CA LYS B 154 -20.21 3.86 8.13
C LYS B 154 -21.43 2.95 8.12
N ILE B 155 -21.24 1.64 7.91
CA ILE B 155 -22.38 0.73 7.94
C ILE B 155 -22.96 0.64 9.35
N ARG B 156 -22.09 0.60 10.36
CA ARG B 156 -22.57 0.61 11.74
C ARG B 156 -23.37 1.87 12.03
N GLU B 157 -22.91 3.02 11.52
CA GLU B 157 -23.65 4.25 11.79
C GLU B 157 -25.02 4.24 11.13
N GLU B 158 -25.16 3.60 9.96
CA GLU B 158 -26.44 3.60 9.25
C GLU B 158 -27.32 2.41 9.62
N TYR B 159 -26.75 1.33 10.13
CA TYR B 159 -27.49 0.14 10.55
C TYR B 159 -27.01 -0.29 11.94
N PRO B 160 -27.14 0.58 12.95
CA PRO B 160 -26.51 0.27 14.24
C PRO B 160 -27.05 -0.98 14.89
N ASP B 161 -28.23 -1.46 14.47
CA ASP B 161 -28.88 -2.59 15.10
C ASP B 161 -28.74 -3.88 14.30
N ARG B 162 -27.84 -3.92 13.30
CA ARG B 162 -27.59 -5.13 12.54
C ARG B 162 -26.20 -5.67 12.89
N ILE B 163 -26.04 -6.98 12.78
CA ILE B 163 -24.80 -7.62 13.16
C ILE B 163 -23.73 -7.32 12.11
N MET B 164 -22.48 -7.11 12.54
CA MET B 164 -21.35 -6.91 11.63
C MET B 164 -20.37 -8.07 11.81
N ASN B 165 -20.17 -8.83 10.75
CA ASN B 165 -19.38 -10.07 10.75
C ASN B 165 -18.28 -9.95 9.70
N THR B 166 -17.01 -10.26 10.07
CA THR B 166 -15.92 -10.16 9.11
C THR B 166 -15.15 -11.47 9.03
N PHE B 167 -14.64 -11.75 7.84
CA PHE B 167 -13.55 -12.69 7.65
C PHE B 167 -12.33 -11.83 7.38
N SER B 168 -11.42 -11.75 8.35
CA SER B 168 -10.34 -10.77 8.31
C SER B 168 -9.00 -11.52 8.18
N VAL B 169 -8.34 -11.38 7.04
CA VAL B 169 -7.11 -12.12 6.76
C VAL B 169 -5.94 -11.36 7.37
N MET B 170 -5.18 -12.02 8.25
CA MET B 170 -4.05 -11.48 8.99
C MET B 170 -2.77 -11.72 8.21
N PRO B 171 -1.87 -10.73 8.14
CA PRO B 171 -0.68 -10.89 7.32
C PRO B 171 0.41 -11.66 8.06
N SER B 172 1.36 -12.15 7.27
CA SER B 172 2.53 -12.89 7.68
C SER B 172 3.70 -12.52 6.79
N PRO B 173 4.88 -12.23 7.36
CA PRO B 173 6.09 -12.11 6.53
C PRO B 173 6.32 -13.31 5.63
N LYS B 174 5.79 -14.48 5.99
CA LYS B 174 5.95 -15.68 5.17
C LYS B 174 5.23 -15.58 3.85
N VAL B 175 4.23 -14.72 3.72
CA VAL B 175 3.57 -14.58 2.44
C VAL B 175 3.03 -13.16 2.39
N SER B 176 3.95 -12.23 2.22
CA SER B 176 3.62 -10.81 2.28
C SER B 176 3.52 -10.21 0.88
N ASP B 177 2.81 -9.10 0.82
CA ASP B 177 2.63 -8.33 -0.39
C ASP B 177 3.18 -6.92 -0.25
N THR B 178 3.35 -6.42 0.97
CA THR B 178 3.82 -5.05 1.16
C THR B 178 4.57 -4.95 2.48
N VAL B 179 5.53 -4.01 2.54
CA VAL B 179 6.42 -3.88 3.70
C VAL B 179 5.74 -3.26 4.90
N VAL B 180 4.58 -2.64 4.73
CA VAL B 180 3.91 -1.92 5.80
C VAL B 180 2.73 -2.73 6.37
N GLU B 181 2.66 -4.02 6.10
CA GLU B 181 1.61 -4.86 6.65
C GLU B 181 1.44 -4.70 8.18
N PRO B 182 2.49 -4.58 8.98
CA PRO B 182 2.26 -4.42 10.43
C PRO B 182 1.49 -3.15 10.79
N TYR B 183 1.75 -2.04 10.10
CA TYR B 183 0.97 -0.83 10.36
C TYR B 183 -0.48 -1.03 9.94
N ASN B 184 -0.68 -1.46 8.69
CA ASN B 184 -2.03 -1.64 8.18
C ASN B 184 -2.85 -2.56 9.09
N ALA B 185 -2.24 -3.64 9.57
CA ALA B 185 -3.00 -4.61 10.35
C ALA B 185 -3.33 -4.07 11.75
N THR B 186 -2.39 -3.33 12.35
CA THR B 186 -2.61 -2.86 13.70
C THR B 186 -3.65 -1.74 13.74
N LEU B 187 -3.60 -0.85 12.76
CA LEU B 187 -4.62 0.19 12.62
C LEU B 187 -6.00 -0.42 12.41
N SER B 188 -6.08 -1.51 11.66
CA SER B 188 -7.38 -2.15 11.44
C SER B 188 -7.87 -2.96 12.64
N VAL B 189 -6.96 -3.60 13.41
CA VAL B 189 -7.38 -4.40 14.55
C VAL B 189 -8.11 -3.53 15.58
N HIS B 190 -7.64 -2.30 15.75
CA HIS B 190 -8.29 -1.31 16.60
C HIS B 190 -9.72 -1.02 16.14
N GLN B 191 -9.93 -0.94 14.82
CA GLN B 191 -11.27 -0.73 14.28
C GLN B 191 -12.17 -1.94 14.52
N LEU B 192 -11.65 -3.16 14.37
CA LEU B 192 -12.50 -4.34 14.55
C LEU B 192 -12.85 -4.57 16.01
N VAL B 193 -11.92 -4.26 16.94
CA VAL B 193 -12.27 -4.34 18.36
C VAL B 193 -13.51 -3.51 18.62
N GLU B 194 -13.52 -2.30 18.08
CA GLU B 194 -14.58 -1.37 18.41
C GLU B 194 -15.85 -1.60 17.62
N ASN B 195 -15.78 -2.09 16.36
CA ASN B 195 -16.94 -2.02 15.48
C ASN B 195 -17.47 -3.32 14.90
N THR B 196 -16.80 -4.47 15.09
CA THR B 196 -17.43 -5.70 14.64
C THR B 196 -17.96 -6.51 15.83
N ASP B 197 -18.93 -7.37 15.52
CA ASP B 197 -19.55 -8.27 16.51
C ASP B 197 -18.95 -9.66 16.51
N GLU B 198 -18.37 -10.09 15.38
CA GLU B 198 -17.80 -11.42 15.18
C GLU B 198 -16.75 -11.27 14.09
N THR B 199 -15.53 -11.70 14.35
CA THR B 199 -14.47 -11.65 13.35
C THR B 199 -13.79 -13.01 13.31
N TYR B 200 -13.84 -13.67 12.17
CA TYR B 200 -13.04 -14.88 11.99
C TYR B 200 -11.62 -14.45 11.63
N CYS B 201 -10.65 -14.87 12.45
CA CYS B 201 -9.25 -14.52 12.22
C CYS B 201 -8.64 -15.55 11.28
N ILE B 202 -8.53 -15.19 10.00
CA ILE B 202 -7.91 -16.04 8.98
C ILE B 202 -6.45 -15.59 8.85
N ASP B 203 -5.53 -16.39 9.40
CA ASP B 203 -4.12 -16.01 9.56
C ASP B 203 -3.30 -16.60 8.42
N ASN B 204 -2.72 -15.72 7.58
CA ASN B 204 -1.86 -16.22 6.50
C ASN B 204 -0.65 -16.98 7.04
N GLU B 205 -0.15 -16.59 8.22
CA GLU B 205 0.90 -17.38 8.87
C GLU B 205 0.47 -18.84 9.02
N ALA B 206 -0.75 -19.07 9.49
CA ALA B 206 -1.17 -20.45 9.75
C ALA B 206 -1.50 -21.19 8.44
N LEU B 207 -2.12 -20.49 7.49
CA LEU B 207 -2.38 -21.07 6.18
C LEU B 207 -1.09 -21.54 5.51
N TYR B 208 -0.07 -20.67 5.47
CA TYR B 208 1.23 -21.06 4.92
C TYR B 208 1.78 -22.27 5.65
N ASP B 209 1.78 -22.23 6.99
CA ASP B 209 2.33 -23.33 7.78
C ASP B 209 1.57 -24.63 7.52
N ILE B 210 0.24 -24.57 7.38
CA ILE B 210 -0.51 -25.79 7.08
C ILE B 210 -0.08 -26.35 5.73
N CYS B 211 0.02 -25.48 4.72
CA CYS B 211 0.43 -25.94 3.40
C CYS B 211 1.85 -26.51 3.41
N PHE B 212 2.78 -25.82 4.10
CA PHE B 212 4.17 -26.28 4.03
C PHE B 212 4.35 -27.58 4.81
N ARG B 213 3.84 -27.60 6.05
CA ARG B 213 4.11 -28.70 6.98
C ARG B 213 3.21 -29.90 6.75
N THR B 214 1.90 -29.71 6.82
CA THR B 214 0.97 -30.84 6.78
C THR B 214 0.70 -31.31 5.36
N LEU B 215 0.59 -30.38 4.42
CA LEU B 215 0.22 -30.69 3.05
C LEU B 215 1.42 -30.88 2.12
N LYS B 216 2.65 -30.67 2.62
CA LYS B 216 3.90 -30.93 1.91
C LYS B 216 4.09 -30.03 0.70
N LEU B 217 3.40 -28.89 0.67
CA LEU B 217 3.55 -27.94 -0.43
C LEU B 217 4.75 -27.04 -0.09
N THR B 218 5.91 -27.40 -0.63
CA THR B 218 7.14 -26.69 -0.30
C THR B 218 7.06 -25.20 -0.67
N THR B 219 6.27 -24.86 -1.69
CA THR B 219 6.06 -23.46 -2.05
C THR B 219 4.56 -23.19 -2.17
N PRO B 220 3.91 -22.86 -1.05
CA PRO B 220 2.47 -22.54 -1.10
C PRO B 220 2.21 -21.26 -1.90
N THR B 221 1.13 -21.29 -2.67
CA THR B 221 0.64 -20.13 -3.39
C THR B 221 -0.65 -19.66 -2.74
N TYR B 222 -1.14 -18.49 -3.18
CA TYR B 222 -2.43 -18.01 -2.66
C TYR B 222 -3.55 -18.99 -2.98
N GLY B 223 -3.47 -19.64 -4.14
CA GLY B 223 -4.42 -20.71 -4.43
C GLY B 223 -4.46 -21.76 -3.33
N ASP B 224 -3.28 -22.17 -2.85
CA ASP B 224 -3.20 -23.17 -1.79
C ASP B 224 -3.80 -22.64 -0.48
N LEU B 225 -3.43 -21.42 -0.10
CA LEU B 225 -4.00 -20.82 1.10
C LEU B 225 -5.50 -20.67 0.97
N ASN B 226 -5.97 -20.21 -0.20
CA ASN B 226 -7.39 -19.92 -0.40
C ASN B 226 -8.22 -21.19 -0.49
N HIS B 227 -7.62 -22.32 -0.85
CA HIS B 227 -8.33 -23.58 -0.70
C HIS B 227 -8.65 -23.85 0.77
N LEU B 228 -7.77 -23.46 1.69
CA LEU B 228 -8.07 -23.62 3.11
C LEU B 228 -9.13 -22.63 3.57
N VAL B 229 -9.04 -21.38 3.09
CA VAL B 229 -10.00 -20.35 3.50
C VAL B 229 -11.41 -20.71 3.06
N SER B 230 -11.55 -21.14 1.80
CA SER B 230 -12.87 -21.45 1.26
C SER B 230 -13.46 -22.68 1.93
N ALA B 231 -12.61 -23.63 2.35
CA ALA B 231 -13.12 -24.76 3.13
C ALA B 231 -13.61 -24.31 4.48
N THR B 232 -12.87 -23.38 5.11
CA THR B 232 -13.28 -22.84 6.40
C THR B 232 -14.57 -22.03 6.31
N MET B 233 -14.65 -21.12 5.32
CA MET B 233 -15.82 -20.27 5.19
C MET B 233 -17.07 -21.08 4.91
N SER B 234 -16.96 -22.13 4.09
CA SER B 234 -18.08 -23.04 3.93
C SER B 234 -18.49 -23.65 5.26
N GLY B 235 -17.51 -24.13 6.04
CA GLY B 235 -17.83 -24.84 7.27
C GLY B 235 -18.48 -23.96 8.31
N VAL B 236 -17.99 -22.74 8.50
CA VAL B 236 -18.53 -21.89 9.57
C VAL B 236 -19.92 -21.37 9.21
N THR B 237 -20.26 -21.27 7.93
CA THR B 237 -21.56 -20.76 7.53
C THR B 237 -22.61 -21.85 7.38
N THR B 238 -22.23 -23.13 7.47
CA THR B 238 -23.16 -24.26 7.37
C THR B 238 -24.51 -23.99 8.02
N CYS B 239 -24.51 -23.72 9.33
CA CYS B 239 -25.76 -23.58 10.06
C CYS B 239 -26.52 -22.30 9.74
N LEU B 240 -25.92 -21.39 8.96
CA LEU B 240 -26.67 -20.23 8.52
C LEU B 240 -27.50 -20.55 7.28
N ARG B 241 -27.06 -21.55 6.50
CA ARG B 241 -27.46 -21.78 5.12
C ARG B 241 -28.30 -23.02 4.91
N PHE B 242 -28.22 -24.00 5.83
CA PHE B 242 -28.95 -25.24 5.68
C PHE B 242 -29.91 -25.44 6.83
N PRO B 243 -31.07 -26.05 6.57
CA PRO B 243 -31.98 -26.38 7.67
C PRO B 243 -31.40 -27.51 8.51
N GLY B 244 -31.56 -27.40 9.83
CA GLY B 244 -31.01 -28.41 10.69
C GLY B 244 -31.55 -28.31 12.09
N GLN B 245 -30.98 -29.11 12.99
CA GLN B 245 -31.32 -29.02 14.40
C GLN B 245 -31.09 -27.60 14.90
N LEU B 246 -30.00 -27.00 14.48
CA LEU B 246 -29.72 -25.60 14.79
C LEU B 246 -29.93 -24.78 13.53
N ASN B 247 -30.91 -23.89 13.57
CA ASN B 247 -31.05 -22.89 12.51
C ASN B 247 -30.45 -21.63 13.10
N ALA B 248 -29.16 -21.43 12.82
CA ALA B 248 -28.41 -20.33 13.39
C ALA B 248 -28.71 -19.02 12.67
N ASP B 249 -28.34 -17.93 13.30
CA ASP B 249 -28.26 -16.63 12.66
C ASP B 249 -27.14 -15.85 13.33
N LEU B 250 -26.79 -14.71 12.72
CA LEU B 250 -25.61 -13.99 13.16
C LEU B 250 -25.78 -13.39 14.55
N ARG B 251 -27.01 -13.09 14.97
CA ARG B 251 -27.20 -12.54 16.31
C ARG B 251 -27.12 -13.63 17.38
N LYS B 252 -27.77 -14.78 17.16
CA LYS B 252 -27.57 -15.90 18.07
C LYS B 252 -26.11 -16.30 18.14
N LEU B 253 -25.40 -16.28 17.00
CA LEU B 253 -23.96 -16.58 17.04
C LEU B 253 -23.26 -15.65 18.01
N ALA B 254 -23.54 -14.35 17.93
CA ALA B 254 -22.87 -13.39 18.79
C ALA B 254 -23.24 -13.60 20.25
N VAL B 255 -24.53 -13.81 20.53
CA VAL B 255 -25.00 -13.89 21.92
C VAL B 255 -24.29 -15.02 22.66
N ASN B 256 -24.20 -16.18 22.05
CA ASN B 256 -23.64 -17.37 22.67
C ASN B 256 -22.12 -17.46 22.56
N MET B 257 -21.50 -16.80 21.56
CA MET B 257 -20.06 -16.91 21.40
C MET B 257 -19.28 -15.79 22.07
N VAL B 258 -19.91 -14.66 22.34
CA VAL B 258 -19.19 -13.46 22.79
C VAL B 258 -19.61 -13.12 24.22
N PRO B 259 -18.89 -13.60 25.24
CA PRO B 259 -19.26 -13.28 26.63
C PRO B 259 -18.88 -11.86 27.04
N PHE B 260 -18.00 -11.20 26.29
CA PHE B 260 -17.58 -9.85 26.61
C PHE B 260 -17.37 -9.17 25.27
N PRO B 261 -17.88 -7.94 25.10
CA PRO B 261 -18.01 -7.37 23.75
C PRO B 261 -16.71 -7.24 22.98
N ARG B 262 -15.61 -6.86 23.63
CA ARG B 262 -14.36 -6.75 22.88
C ARG B 262 -13.82 -8.12 22.45
N LEU B 263 -14.22 -9.20 23.16
CA LEU B 263 -13.61 -10.51 22.93
C LEU B 263 -14.42 -11.30 21.91
N HIS B 264 -14.36 -10.84 20.66
CA HIS B 264 -15.18 -11.41 19.59
C HIS B 264 -14.32 -11.83 18.39
N PHE B 265 -13.13 -12.37 18.66
CA PHE B 265 -12.19 -12.78 17.63
C PHE B 265 -12.04 -14.30 17.67
N PHE B 266 -12.49 -14.98 16.62
CA PHE B 266 -12.58 -16.43 16.64
C PHE B 266 -11.41 -17.09 15.94
N MET B 267 -10.94 -18.20 16.51
CA MET B 267 -10.00 -19.12 15.86
C MET B 267 -10.78 -20.14 15.06
N PRO B 268 -10.78 -20.08 13.74
CA PRO B 268 -11.38 -21.16 12.94
C PRO B 268 -10.47 -22.37 12.85
N GLY B 269 -11.08 -23.53 12.60
CA GLY B 269 -10.33 -24.76 12.44
C GLY B 269 -11.11 -25.74 11.58
N PHE B 270 -10.40 -26.64 10.92
CA PHE B 270 -11.03 -27.48 9.91
C PHE B 270 -10.31 -28.82 9.86
N ALA B 271 -11.10 -29.88 9.69
CA ALA B 271 -10.56 -31.21 9.47
C ALA B 271 -11.51 -31.92 8.52
N PRO B 272 -10.98 -32.71 7.57
CA PRO B 272 -9.57 -32.97 7.29
C PRO B 272 -8.89 -31.86 6.48
N LEU B 273 -7.58 -31.70 6.68
CA LEU B 273 -6.82 -30.72 5.91
C LEU B 273 -6.43 -31.32 4.57
N THR B 274 -6.64 -30.58 3.49
CA THR B 274 -6.55 -31.12 2.15
C THR B 274 -5.86 -30.13 1.21
N SER B 275 -5.19 -30.67 0.20
CA SER B 275 -4.65 -29.87 -0.88
C SER B 275 -5.52 -30.04 -2.13
N ARG B 276 -5.39 -29.10 -3.05
CA ARG B 276 -6.22 -29.10 -4.26
C ARG B 276 -6.06 -30.37 -5.09
N LEU B 284 -10.33 -40.70 8.39
CA LEU B 284 -11.36 -39.68 8.54
C LEU B 284 -12.49 -40.15 9.46
N THR B 285 -12.17 -40.47 10.71
CA THR B 285 -13.15 -40.99 11.64
C THR B 285 -13.73 -39.87 12.51
N VAL B 286 -14.90 -40.14 13.09
CA VAL B 286 -15.51 -39.18 14.01
C VAL B 286 -14.60 -38.87 15.19
N PRO B 287 -14.03 -39.86 15.90
CA PRO B 287 -13.14 -39.52 17.01
C PRO B 287 -11.95 -38.71 16.59
N GLU B 288 -11.38 -39.03 15.43
CA GLU B 288 -10.25 -38.26 14.91
C GLU B 288 -10.66 -36.83 14.58
N LEU B 289 -11.83 -36.67 13.93
CA LEU B 289 -12.38 -35.34 13.66
C LEU B 289 -12.55 -34.54 14.93
N THR B 290 -13.05 -35.18 15.99
CA THR B 290 -13.26 -34.47 17.24
C THR B 290 -11.95 -33.94 17.81
N GLN B 291 -10.87 -34.74 17.71
CA GLN B 291 -9.61 -34.38 18.35
C GLN B 291 -8.91 -33.20 17.71
N GLN B 292 -9.16 -32.92 16.42
CA GLN B 292 -8.50 -31.76 15.81
C GLN B 292 -8.97 -30.43 16.37
N MET B 293 -9.99 -30.44 17.23
CA MET B 293 -10.38 -29.26 17.98
C MET B 293 -9.22 -28.63 18.74
N PHE B 294 -8.39 -29.46 19.38
CA PHE B 294 -7.21 -28.98 20.10
C PHE B 294 -5.94 -29.07 19.28
N ASP B 295 -6.01 -29.57 18.06
CA ASP B 295 -4.81 -29.67 17.26
C ASP B 295 -4.49 -28.29 16.71
N SER B 296 -3.36 -27.75 17.14
CA SER B 296 -2.91 -26.48 16.56
C SER B 296 -2.69 -26.62 15.07
N LYS B 297 -2.41 -27.84 14.61
CA LYS B 297 -2.14 -28.06 13.19
C LYS B 297 -3.36 -27.81 12.32
N ASN B 298 -4.55 -27.78 12.91
CA ASN B 298 -5.78 -27.56 12.14
C ASN B 298 -6.38 -26.19 12.34
N MET B 299 -5.71 -25.30 13.08
CA MET B 299 -6.21 -23.95 13.34
C MET B 299 -5.82 -23.00 12.20
N MET B 300 -6.78 -22.17 11.77
CA MET B 300 -6.54 -21.18 10.73
C MET B 300 -6.01 -19.86 11.30
N ALA B 301 -5.77 -19.82 12.61
CA ALA B 301 -5.07 -18.73 13.27
C ALA B 301 -3.84 -19.32 13.93
N ALA B 302 -2.69 -18.67 13.76
CA ALA B 302 -1.42 -19.27 14.19
C ALA B 302 -1.30 -19.16 15.70
N CYS B 303 -2.10 -19.96 16.39
CA CYS B 303 -2.13 -19.97 17.83
C CYS B 303 -2.36 -21.41 18.23
N ASP B 304 -1.79 -21.80 19.37
CA ASP B 304 -1.97 -23.12 19.92
C ASP B 304 -3.13 -23.04 20.91
N PRO B 305 -4.24 -23.72 20.68
CA PRO B 305 -5.32 -23.68 21.68
C PRO B 305 -4.88 -24.20 23.04
N ARG B 306 -3.90 -25.08 23.11
CA ARG B 306 -3.43 -25.53 24.42
C ARG B 306 -2.55 -24.49 25.10
N HIS B 307 -2.31 -23.35 24.47
CA HIS B 307 -1.66 -22.22 25.12
C HIS B 307 -2.63 -21.36 25.91
N GLY B 308 -3.93 -21.65 25.84
CA GLY B 308 -4.93 -20.83 26.49
C GLY B 308 -6.13 -21.65 26.91
N ARG B 309 -7.28 -21.00 26.99
CA ARG B 309 -8.52 -21.65 27.39
C ARG B 309 -9.65 -21.18 26.48
N TYR B 310 -10.55 -22.10 26.17
CA TYR B 310 -11.73 -21.83 25.37
C TYR B 310 -12.79 -21.15 26.22
N LEU B 311 -13.20 -19.94 25.83
CA LEU B 311 -14.40 -19.34 26.41
C LEU B 311 -15.65 -20.05 25.92
N THR B 312 -15.76 -20.24 24.61
CA THR B 312 -16.91 -20.82 23.93
C THR B 312 -16.39 -21.52 22.67
N VAL B 313 -17.11 -22.55 22.22
CA VAL B 313 -16.72 -23.28 21.02
C VAL B 313 -17.98 -23.67 20.26
N ALA B 314 -17.93 -23.57 18.93
CA ALA B 314 -18.93 -24.11 18.02
C ALA B 314 -18.28 -25.13 17.11
N ALA B 315 -18.89 -26.31 17.00
CA ALA B 315 -18.39 -27.38 16.15
C ALA B 315 -19.46 -27.75 15.14
N ILE B 316 -19.06 -27.93 13.88
CA ILE B 316 -19.96 -28.33 12.81
C ILE B 316 -19.40 -29.59 12.19
N PHE B 317 -20.21 -30.65 12.21
CA PHE B 317 -19.85 -31.92 11.59
C PHE B 317 -20.73 -32.10 10.37
N ARG B 318 -20.11 -32.44 9.25
CA ARG B 318 -20.80 -32.48 7.97
C ARG B 318 -20.58 -33.81 7.30
N GLY B 319 -21.65 -34.42 6.83
CA GLY B 319 -21.63 -35.76 6.27
C GLY B 319 -22.56 -36.67 7.03
N ARG B 320 -22.67 -37.89 6.52
CA ARG B 320 -23.47 -38.92 7.18
C ARG B 320 -22.64 -39.55 8.30
N MET B 321 -23.16 -39.51 9.52
CA MET B 321 -22.44 -39.99 10.69
C MET B 321 -23.40 -39.98 11.89
N SER B 322 -23.13 -40.86 12.85
CA SER B 322 -23.99 -40.99 14.03
C SER B 322 -23.91 -39.74 14.89
N MET B 323 -25.04 -39.06 15.09
CA MET B 323 -25.04 -37.88 15.97
C MET B 323 -24.82 -38.27 17.43
N LYS B 324 -25.09 -39.52 17.80
CA LYS B 324 -24.75 -39.96 19.15
C LYS B 324 -23.24 -40.17 19.29
N GLU B 325 -22.61 -40.77 18.29
CA GLU B 325 -21.15 -40.93 18.33
C GLU B 325 -20.45 -39.57 18.34
N VAL B 326 -21.00 -38.60 17.61
CA VAL B 326 -20.43 -37.25 17.62
C VAL B 326 -20.57 -36.63 19.01
N ASP B 327 -21.78 -36.66 19.57
CA ASP B 327 -22.01 -36.11 20.90
C ASP B 327 -21.15 -36.82 21.95
N GLU B 328 -20.94 -38.12 21.79
CA GLU B 328 -20.06 -38.86 22.72
C GLU B 328 -18.64 -38.33 22.65
N GLN B 329 -18.06 -38.32 21.45
CA GLN B 329 -16.67 -37.90 21.30
C GLN B 329 -16.49 -36.44 21.71
N MET B 330 -17.46 -35.58 21.38
CA MET B 330 -17.33 -34.19 21.77
C MET B 330 -17.25 -34.06 23.29
N LEU B 331 -18.12 -34.76 24.01
CA LEU B 331 -18.07 -34.72 25.47
C LEU B 331 -16.78 -35.37 25.98
N ASN B 332 -16.36 -36.47 25.36
CA ASN B 332 -15.13 -37.14 25.79
C ASN B 332 -13.93 -36.22 25.61
N VAL B 333 -13.89 -35.43 24.52
CA VAL B 333 -12.80 -34.50 24.34
C VAL B 333 -12.88 -33.38 25.37
N GLN B 334 -14.08 -32.89 25.66
CA GLN B 334 -14.21 -31.80 26.63
C GLN B 334 -13.70 -32.21 28.01
N ASN B 335 -14.01 -33.43 28.45
CA ASN B 335 -13.63 -33.83 29.80
C ASN B 335 -12.14 -34.11 29.92
N LYS B 336 -11.56 -34.84 28.95
CA LYS B 336 -10.13 -35.10 29.00
C LYS B 336 -9.32 -33.82 28.88
N ASN B 337 -9.89 -32.79 28.25
CA ASN B 337 -9.21 -31.52 28.08
C ASN B 337 -9.77 -30.43 28.98
N SER B 338 -10.31 -30.82 30.15
CA SER B 338 -11.10 -29.88 30.94
C SER B 338 -10.31 -28.64 31.28
N SER B 339 -9.00 -28.78 31.45
CA SER B 339 -8.13 -27.66 31.80
C SER B 339 -8.12 -26.56 30.74
N TYR B 340 -8.61 -26.84 29.53
CA TYR B 340 -8.52 -25.88 28.44
C TYR B 340 -9.85 -25.20 28.13
N PHE B 341 -10.87 -25.42 28.94
CA PHE B 341 -12.12 -24.69 28.88
C PHE B 341 -12.30 -23.91 30.17
N VAL B 342 -12.82 -22.68 30.09
CA VAL B 342 -13.09 -21.94 31.32
C VAL B 342 -14.24 -22.58 32.07
N GLU B 343 -14.07 -22.73 33.40
CA GLU B 343 -15.06 -23.41 34.23
C GLU B 343 -16.28 -22.55 34.49
N TRP B 344 -16.15 -21.23 34.36
CA TRP B 344 -17.21 -20.28 34.68
C TRP B 344 -18.11 -19.97 33.50
N ILE B 345 -18.02 -20.76 32.42
CA ILE B 345 -19.05 -20.80 31.38
C ILE B 345 -19.44 -22.25 31.19
N PRO B 346 -20.44 -22.75 31.93
CA PRO B 346 -20.85 -24.14 31.79
C PRO B 346 -21.38 -24.45 30.40
N ASN B 347 -21.11 -25.66 29.92
CA ASN B 347 -21.67 -26.17 28.67
C ASN B 347 -21.34 -25.24 27.51
N ASN B 348 -20.06 -24.88 27.40
CA ASN B 348 -19.64 -23.83 26.48
C ASN B 348 -19.20 -24.36 25.11
N VAL B 349 -19.44 -25.65 24.83
CA VAL B 349 -19.30 -26.20 23.49
C VAL B 349 -20.68 -26.65 23.00
N LYS B 350 -21.06 -26.21 21.80
CA LYS B 350 -22.29 -26.65 21.13
C LYS B 350 -21.95 -27.21 19.76
N THR B 351 -22.56 -28.34 19.42
CA THR B 351 -22.24 -29.06 18.19
C THR B 351 -23.48 -29.13 17.31
N ALA B 352 -23.30 -28.86 16.01
CA ALA B 352 -24.32 -29.12 15.01
C ALA B 352 -23.80 -30.12 13.99
N VAL B 353 -24.70 -30.97 13.50
CA VAL B 353 -24.38 -31.90 12.42
C VAL B 353 -25.26 -31.54 11.23
N CYS B 354 -24.70 -31.66 10.03
CA CYS B 354 -25.42 -31.44 8.77
C CYS B 354 -25.08 -32.54 7.80
N ASP B 355 -26.10 -33.18 7.22
CA ASP B 355 -25.90 -34.35 6.38
C ASP B 355 -25.31 -34.02 5.02
N ILE B 356 -25.17 -32.75 4.67
CA ILE B 356 -24.67 -32.37 3.35
C ILE B 356 -23.16 -32.21 3.42
N PRO B 357 -22.38 -33.18 2.93
CA PRO B 357 -20.93 -33.07 3.01
C PRO B 357 -20.45 -31.96 2.09
N PRO B 358 -19.30 -31.36 2.40
CA PRO B 358 -18.68 -30.46 1.42
C PRO B 358 -18.16 -31.26 0.23
N ARG B 359 -17.94 -30.54 -0.87
CA ARG B 359 -17.52 -31.22 -2.11
C ARG B 359 -16.18 -31.92 -1.91
N GLY B 360 -16.08 -33.13 -2.46
CA GLY B 360 -14.85 -33.90 -2.39
C GLY B 360 -14.57 -34.56 -1.07
N LEU B 361 -15.42 -34.39 -0.06
CA LEU B 361 -15.23 -35.03 1.22
C LEU B 361 -16.48 -35.81 1.60
N LYS B 362 -16.29 -36.95 2.26
CA LYS B 362 -17.41 -37.68 2.84
C LYS B 362 -17.80 -37.11 4.19
N MET B 363 -16.81 -36.76 5.00
CA MET B 363 -17.06 -36.21 6.33
C MET B 363 -16.11 -35.06 6.58
N SER B 364 -16.59 -34.05 7.30
CA SER B 364 -15.78 -32.89 7.62
C SER B 364 -16.17 -32.38 9.00
N ALA B 365 -15.23 -31.69 9.64
CA ALA B 365 -15.43 -31.03 10.92
C ALA B 365 -14.91 -29.60 10.82
N THR B 366 -15.63 -28.68 11.44
CA THR B 366 -15.23 -27.28 11.47
C THR B 366 -15.42 -26.74 12.87
N PHE B 367 -14.43 -25.99 13.34
CA PHE B 367 -14.43 -25.49 14.71
C PHE B 367 -14.37 -23.97 14.68
N ILE B 368 -15.21 -23.35 15.49
CA ILE B 368 -15.19 -21.91 15.72
C ILE B 368 -14.92 -21.72 17.20
N GLY B 369 -13.69 -21.30 17.53
CA GLY B 369 -13.27 -21.20 18.92
C GLY B 369 -13.13 -19.75 19.34
N ASN B 370 -13.64 -19.44 20.51
CA ASN B 370 -13.32 -18.17 21.17
C ASN B 370 -12.34 -18.53 22.28
N SER B 371 -11.04 -18.48 21.93
CA SER B 371 -9.93 -18.95 22.76
C SER B 371 -9.07 -17.77 23.22
N THR B 372 -8.64 -17.82 24.48
CA THR B 372 -7.72 -16.79 24.94
C THR B 372 -6.34 -16.92 24.29
N ALA B 373 -6.08 -18.05 23.62
CA ALA B 373 -4.82 -18.22 22.90
C ALA B 373 -4.75 -17.33 21.67
N ILE B 374 -5.87 -16.73 21.25
CA ILE B 374 -5.84 -15.80 20.13
C ILE B 374 -4.94 -14.60 20.44
N GLN B 375 -4.67 -14.33 21.72
CA GLN B 375 -3.76 -13.24 22.05
C GLN B 375 -2.41 -13.37 21.33
N GLU B 376 -2.00 -14.60 20.99
CA GLU B 376 -0.68 -14.82 20.39
C GLU B 376 -0.63 -14.22 19.00
N LEU B 377 -1.71 -14.38 18.24
CA LEU B 377 -1.80 -13.72 16.95
C LEU B 377 -1.58 -12.22 17.09
N PHE B 378 -2.25 -11.61 18.07
CA PHE B 378 -2.15 -10.17 18.26
C PHE B 378 -0.82 -9.77 18.85
N LYS B 379 -0.19 -10.64 19.66
CA LYS B 379 1.15 -10.34 20.13
C LYS B 379 2.14 -10.37 18.98
N ARG B 380 1.92 -11.25 18.01
CA ARG B 380 2.85 -11.35 16.89
C ARG B 380 2.79 -10.08 16.05
N ILE B 381 1.57 -9.60 15.77
CA ILE B 381 1.40 -8.35 15.05
C ILE B 381 1.99 -7.19 15.84
N SER B 382 1.71 -7.14 17.13
CA SER B 382 2.21 -6.06 17.98
C SER B 382 3.74 -5.97 17.91
N GLU B 383 4.43 -7.10 18.03
CA GLU B 383 5.89 -7.08 17.99
C GLU B 383 6.40 -6.54 16.65
N GLN B 384 5.76 -6.95 15.54
CA GLN B 384 6.15 -6.47 14.22
C GLN B 384 5.83 -4.99 14.06
N PHE B 385 4.68 -4.56 14.56
CA PHE B 385 4.37 -3.14 14.62
C PHE B 385 5.45 -2.37 15.36
N THR B 386 5.86 -2.86 16.52
CA THR B 386 6.75 -2.09 17.37
C THR B 386 8.15 -2.02 16.77
N ALA B 387 8.60 -3.11 16.14
CA ALA B 387 9.92 -3.11 15.53
C ALA B 387 10.01 -2.06 14.42
N MET B 388 8.93 -1.86 13.65
CA MET B 388 8.92 -0.78 12.65
C MET B 388 8.73 0.58 13.29
N PHE B 389 7.79 0.68 14.23
CA PHE B 389 7.32 1.99 14.68
C PHE B 389 8.32 2.66 15.59
N ARG B 390 9.08 1.88 16.36
CA ARG B 390 10.09 2.49 17.22
C ARG B 390 11.16 3.21 16.41
N ARG B 391 11.32 2.85 15.14
CA ARG B 391 12.20 3.56 14.22
C ARG B 391 11.45 4.48 13.28
N LYS B 392 10.13 4.62 13.47
CA LYS B 392 9.26 5.41 12.59
C LYS B 392 9.40 5.06 11.11
N ALA B 393 9.82 3.84 10.80
CA ALA B 393 9.99 3.46 9.41
C ALA B 393 8.68 3.55 8.63
N PHE B 394 8.73 4.20 7.46
CA PHE B 394 7.63 4.35 6.48
C PHE B 394 6.51 5.22 6.99
N LEU B 395 6.60 5.72 8.22
CA LEU B 395 5.54 6.50 8.83
C LEU B 395 5.13 7.70 7.99
N HIS B 396 6.08 8.29 7.24
CA HIS B 396 5.77 9.54 6.55
C HIS B 396 4.69 9.34 5.51
N TRP B 397 4.55 8.13 4.97
CA TRP B 397 3.49 7.87 4.01
C TRP B 397 2.11 7.91 4.65
N TYR B 398 2.04 7.76 5.98
CA TYR B 398 0.77 7.85 6.69
C TYR B 398 0.52 9.27 7.20
N THR B 399 1.52 9.90 7.79
CA THR B 399 1.37 11.30 8.19
C THR B 399 1.14 12.19 6.97
N GLY B 400 1.70 11.82 5.81
CA GLY B 400 1.43 12.55 4.59
C GLY B 400 -0.03 12.57 4.23
N GLU B 401 -0.79 11.56 4.68
CA GLU B 401 -2.23 11.49 4.47
C GLU B 401 -3.03 12.25 5.54
N GLY B 402 -2.36 13.01 6.41
CA GLY B 402 -3.06 13.75 7.44
C GLY B 402 -3.14 13.07 8.80
N MET B 403 -2.68 11.82 8.90
CA MET B 403 -2.74 11.12 10.18
C MET B 403 -1.74 11.69 11.16
N ASP B 404 -2.15 11.76 12.42
CA ASP B 404 -1.25 12.05 13.52
C ASP B 404 -0.52 10.77 13.93
N GLU B 405 0.66 10.94 14.52
CA GLU B 405 1.37 9.81 15.12
C GLU B 405 0.56 9.19 16.26
N MET B 406 -0.27 9.98 16.93
CA MET B 406 -0.98 9.44 18.09
C MET B 406 -1.96 8.34 17.70
N GLU B 407 -2.52 8.40 16.49
CA GLU B 407 -3.37 7.30 16.04
C GLU B 407 -2.62 5.97 16.00
N PHE B 408 -1.32 6.01 15.71
CA PHE B 408 -0.53 4.78 15.72
C PHE B 408 -0.38 4.25 17.14
N THR B 409 -0.01 5.11 18.08
CA THR B 409 0.20 4.66 19.46
C THR B 409 -1.12 4.23 20.10
N GLU B 410 -2.20 4.94 19.79
CA GLU B 410 -3.52 4.56 20.31
C GLU B 410 -3.94 3.19 19.78
N ALA B 411 -3.73 2.93 18.49
CA ALA B 411 -4.12 1.65 17.91
C ALA B 411 -3.37 0.48 18.54
N GLU B 412 -2.06 0.62 18.80
CA GLU B 412 -1.31 -0.51 19.32
C GLU B 412 -1.56 -0.72 20.80
N SER B 413 -1.77 0.36 21.55
CA SER B 413 -2.14 0.24 22.96
C SER B 413 -3.52 -0.39 23.12
N ASN B 414 -4.46 -0.07 22.22
CA ASN B 414 -5.75 -0.79 22.20
C ASN B 414 -5.54 -2.26 21.92
N MET B 415 -4.64 -2.59 20.99
CA MET B 415 -4.39 -3.99 20.67
C MET B 415 -3.65 -4.69 21.81
N ASN B 416 -2.72 -4.00 22.46
CA ASN B 416 -2.06 -4.58 23.62
C ASN B 416 -3.02 -4.70 24.79
N ASP B 417 -4.07 -3.87 24.82
CA ASP B 417 -5.14 -4.02 25.82
C ASP B 417 -5.97 -5.24 25.53
N LEU B 418 -6.32 -5.45 24.25
CA LEU B 418 -7.05 -6.66 23.89
C LEU B 418 -6.28 -7.89 24.32
N VAL B 419 -4.98 -7.90 24.06
CA VAL B 419 -4.13 -8.98 24.54
C VAL B 419 -4.25 -9.12 26.06
N SER B 420 -4.15 -8.00 26.80
CA SER B 420 -4.23 -8.08 28.26
C SER B 420 -5.58 -8.60 28.69
N GLU B 421 -6.67 -8.16 28.03
CA GLU B 421 -8.00 -8.62 28.39
C GLU B 421 -8.14 -10.13 28.19
N TYR B 422 -7.62 -10.64 27.06
CA TYR B 422 -7.62 -12.09 26.85
C TYR B 422 -6.79 -12.80 27.91
N GLN B 423 -5.69 -12.21 28.34
CA GLN B 423 -4.87 -12.83 29.37
C GLN B 423 -5.61 -12.86 30.70
N GLN B 424 -6.37 -11.80 30.97
CA GLN B 424 -7.09 -11.68 32.24
C GLN B 424 -8.11 -12.80 32.42
N TYR B 425 -8.84 -13.13 31.36
CA TYR B 425 -9.84 -14.20 31.45
C TYR B 425 -9.20 -15.58 31.37
N GLN B 426 -8.03 -15.68 30.73
CA GLN B 426 -7.27 -16.93 30.74
C GLN B 426 -6.89 -17.34 32.16
N ASP B 427 -6.54 -16.37 33.00
CA ASP B 427 -6.11 -16.63 34.37
C ASP B 427 -7.26 -16.67 35.36
N ALA B 428 -8.42 -16.17 34.99
CA ALA B 428 -9.56 -16.11 35.90
C ALA B 428 -9.96 -17.50 36.34
N THR B 429 -10.36 -17.61 37.61
CA THR B 429 -10.75 -18.89 38.20
C THR B 429 -12.19 -18.81 38.72
N ALA B 430 -12.81 -19.97 38.85
CA ALA B 430 -14.10 -20.06 39.53
C ALA B 430 -13.90 -20.23 41.03
N MET C 1 -7.37 7.35 -17.34
CA MET C 1 -7.11 7.05 -15.93
C MET C 1 -5.66 6.65 -15.68
N ARG C 2 -5.18 6.94 -14.46
CA ARG C 2 -3.88 6.45 -13.96
C ARG C 2 -2.69 6.89 -14.82
N GLU C 3 -2.75 8.09 -15.43
CA GLU C 3 -1.70 8.49 -16.36
C GLU C 3 -0.39 8.87 -15.63
N CYS C 4 0.73 8.65 -16.30
CA CYS C 4 2.03 9.17 -15.86
C CYS C 4 2.61 10.05 -16.95
N ILE C 5 3.10 11.21 -16.56
CA ILE C 5 3.73 12.15 -17.47
C ILE C 5 5.24 11.99 -17.35
N SER C 6 5.92 11.81 -18.48
CA SER C 6 7.37 11.65 -18.52
C SER C 6 8.02 12.96 -18.96
N ILE C 7 9.01 13.41 -18.20
CA ILE C 7 9.75 14.61 -18.55
C ILE C 7 11.22 14.23 -18.69
N HIS C 8 11.80 14.55 -19.85
CA HIS C 8 13.17 14.18 -20.19
C HIS C 8 13.97 15.47 -20.34
N VAL C 9 15.02 15.60 -19.54
CA VAL C 9 15.73 16.86 -19.34
C VAL C 9 17.18 16.69 -19.77
N GLY C 10 17.64 17.54 -20.67
CA GLY C 10 19.04 17.54 -21.07
C GLY C 10 19.36 16.35 -21.94
N GLN C 11 20.63 16.30 -22.38
CA GLN C 11 21.05 15.31 -23.35
C GLN C 11 20.79 13.89 -22.86
N ALA C 12 21.30 13.56 -21.66
CA ALA C 12 21.09 12.22 -21.11
C ALA C 12 19.61 11.87 -21.02
N GLY C 13 18.82 12.78 -20.45
CA GLY C 13 17.39 12.52 -20.29
C GLY C 13 16.72 12.29 -21.64
N VAL C 14 17.08 13.09 -22.65
CA VAL C 14 16.45 12.98 -23.95
C VAL C 14 16.84 11.68 -24.63
N GLN C 15 18.12 11.35 -24.61
CA GLN C 15 18.57 10.17 -25.34
C GLN C 15 18.03 8.89 -24.70
N ILE C 16 17.96 8.85 -23.37
CA ILE C 16 17.32 7.71 -22.71
C ILE C 16 15.83 7.66 -23.03
N GLY C 17 15.17 8.83 -23.01
CA GLY C 17 13.79 8.89 -23.49
C GLY C 17 13.62 8.33 -24.89
N ASN C 18 14.60 8.59 -25.79
CA ASN C 18 14.53 8.01 -27.13
C ASN C 18 14.49 6.49 -27.07
N ALA C 19 15.34 5.92 -26.22
CA ALA C 19 15.38 4.47 -26.10
C ALA C 19 14.11 3.93 -25.47
N CYS C 20 13.59 4.63 -24.45
CA CYS C 20 12.40 4.15 -23.73
C CYS C 20 11.17 4.20 -24.62
N TRP C 21 10.89 5.36 -25.22
CA TRP C 21 9.69 5.50 -26.05
C TRP C 21 9.75 4.60 -27.26
N GLU C 22 10.93 4.44 -27.86
CA GLU C 22 11.07 3.45 -28.93
C GLU C 22 10.67 2.05 -28.43
N LEU C 23 11.18 1.66 -27.27
CA LEU C 23 10.86 0.33 -26.75
C LEU C 23 9.39 0.20 -26.42
N TYR C 24 8.79 1.22 -25.80
CA TYR C 24 7.36 1.19 -25.52
C TYR C 24 6.56 0.94 -26.80
N CYS C 25 6.94 1.60 -27.89
CA CYS C 25 6.19 1.46 -29.14
C CYS C 25 6.25 0.02 -29.65
N LEU C 26 7.44 -0.58 -29.69
CA LEU C 26 7.55 -1.97 -30.11
C LEU C 26 6.81 -2.90 -29.15
N GLU C 27 6.85 -2.58 -27.85
CA GLU C 27 6.15 -3.41 -26.87
C GLU C 27 4.64 -3.35 -27.02
N HIS C 28 4.10 -2.22 -27.48
CA HIS C 28 2.65 -2.06 -27.62
C HIS C 28 2.18 -2.13 -29.06
N GLY C 29 3.07 -2.34 -30.02
CA GLY C 29 2.66 -2.41 -31.41
C GLY C 29 2.32 -1.08 -32.03
N ILE C 30 2.86 0.01 -31.49
CA ILE C 30 2.63 1.35 -32.02
C ILE C 30 3.69 1.65 -33.07
N GLN C 31 3.26 2.07 -34.27
CA GLN C 31 4.17 2.40 -35.35
C GLN C 31 4.72 3.82 -35.16
N PRO C 32 5.85 4.15 -35.82
CA PRO C 32 6.46 5.48 -35.62
C PRO C 32 5.55 6.68 -35.81
N ASP C 33 4.42 6.52 -36.52
CA ASP C 33 3.44 7.60 -36.67
C ASP C 33 2.35 7.58 -35.60
N GLY C 34 2.43 6.67 -34.63
CA GLY C 34 1.45 6.62 -33.57
C GLY C 34 0.27 5.71 -33.85
N GLN C 35 0.25 5.02 -34.99
CA GLN C 35 -0.86 4.15 -35.35
C GLN C 35 -0.56 2.71 -34.97
N MET C 36 -1.60 1.98 -34.57
CA MET C 36 -1.46 0.57 -34.23
C MET C 36 -2.64 -0.21 -34.78
N PRO C 37 -2.40 -1.33 -35.50
CA PRO C 37 -3.38 -2.27 -36.06
C PRO C 37 -4.62 -2.49 -35.19
N ASP C 46 -6.07 -5.28 -23.84
CA ASP C 46 -5.23 -4.58 -22.86
C ASP C 46 -5.16 -3.09 -23.17
N ASP C 47 -5.80 -2.29 -22.31
CA ASP C 47 -5.95 -0.86 -22.51
C ASP C 47 -4.90 -0.02 -21.81
N SER C 48 -4.05 -0.63 -20.97
CA SER C 48 -3.28 0.13 -19.99
C SER C 48 -2.07 0.87 -20.58
N PHE C 49 -1.73 0.65 -21.84
CA PHE C 49 -0.76 1.55 -22.47
C PHE C 49 -1.25 2.99 -22.53
N ASN C 50 -2.56 3.21 -22.31
CA ASN C 50 -3.10 4.57 -22.31
C ASN C 50 -2.64 5.40 -21.12
N THR C 51 -2.06 4.77 -20.09
CA THR C 51 -1.44 5.54 -19.02
C THR C 51 -0.20 6.31 -19.49
N PHE C 52 0.41 5.89 -20.60
CA PHE C 52 1.58 6.56 -21.15
C PHE C 52 1.34 7.19 -22.51
N PHE C 53 0.23 6.84 -23.17
CA PHE C 53 -0.11 7.36 -24.49
C PHE C 53 -1.53 7.92 -24.44
N SER C 54 -1.66 9.22 -24.66
CA SER C 54 -2.96 9.75 -25.02
C SER C 54 -3.31 9.32 -26.45
N GLU C 55 -4.53 9.57 -26.88
CA GLU C 55 -4.94 9.17 -28.22
C GLU C 55 -5.78 10.25 -28.88
N THR C 56 -5.47 10.56 -30.13
CA THR C 56 -6.26 11.48 -30.93
C THR C 56 -7.43 10.74 -31.59
N GLY C 57 -8.38 11.53 -32.09
CA GLY C 57 -9.51 10.97 -32.80
C GLY C 57 -9.15 10.27 -34.10
N ALA C 58 -7.95 10.52 -34.61
CA ALA C 58 -7.45 9.82 -35.79
C ALA C 58 -6.84 8.46 -35.45
N GLY C 59 -6.89 8.04 -34.19
CA GLY C 59 -6.26 6.79 -33.78
C GLY C 59 -4.78 6.90 -33.52
N LYS C 60 -4.26 8.12 -33.41
CA LYS C 60 -2.84 8.36 -33.18
C LYS C 60 -2.56 8.32 -31.68
N HIS C 61 -1.57 7.52 -31.29
CA HIS C 61 -1.21 7.36 -29.88
C HIS C 61 0.05 8.18 -29.59
N VAL C 62 -0.14 9.26 -28.83
CA VAL C 62 0.89 10.28 -28.60
C VAL C 62 1.43 10.13 -27.18
N PRO C 63 2.74 9.99 -27.00
CA PRO C 63 3.30 9.90 -25.64
C PRO C 63 2.89 11.06 -24.74
N ARG C 64 2.55 10.73 -23.50
CA ARG C 64 2.38 11.75 -22.46
C ARG C 64 3.77 12.17 -21.98
N ALA C 65 4.46 12.92 -22.83
CA ALA C 65 5.85 13.26 -22.51
C ALA C 65 6.16 14.68 -22.96
N VAL C 66 7.13 15.29 -22.27
CA VAL C 66 7.81 16.51 -22.69
C VAL C 66 9.31 16.20 -22.76
N PHE C 67 9.95 16.58 -23.86
CA PHE C 67 11.41 16.57 -23.98
C PHE C 67 11.90 18.01 -23.89
N VAL C 68 12.84 18.26 -22.98
CA VAL C 68 13.37 19.61 -22.76
C VAL C 68 14.89 19.54 -22.84
N ASP C 69 15.48 20.55 -23.47
CA ASP C 69 16.93 20.70 -23.52
C ASP C 69 17.23 22.14 -23.86
N LEU C 70 18.25 22.71 -23.21
CA LEU C 70 18.55 24.12 -23.41
C LEU C 70 19.31 24.39 -24.72
N GLU C 71 19.77 23.34 -25.40
CA GLU C 71 20.38 23.37 -26.70
C GLU C 71 19.57 22.49 -27.65
N PRO C 72 19.46 22.85 -28.93
CA PRO C 72 18.60 22.06 -29.83
C PRO C 72 19.18 20.86 -30.58
N THR C 73 20.49 20.63 -30.54
CA THR C 73 21.10 19.57 -31.39
C THR C 73 20.53 18.17 -31.10
N VAL C 74 20.39 17.80 -29.83
CA VAL C 74 19.92 16.45 -29.51
C VAL C 74 18.45 16.30 -29.83
N ILE C 75 17.61 17.26 -29.42
CA ILE C 75 16.18 17.14 -29.72
C ILE C 75 15.93 17.30 -31.22
N ASP C 76 16.79 18.04 -31.94
CA ASP C 76 16.69 18.11 -33.39
C ASP C 76 16.77 16.73 -34.03
N GLU C 77 17.58 15.83 -33.46
CA GLU C 77 17.62 14.46 -33.98
C GLU C 77 16.30 13.74 -33.77
N VAL C 78 15.60 14.02 -32.67
CA VAL C 78 14.24 13.50 -32.54
C VAL C 78 13.33 14.11 -33.61
N ARG C 79 13.39 15.44 -33.76
CA ARG C 79 12.56 16.16 -34.73
C ARG C 79 12.80 15.74 -36.18
N THR C 80 13.93 15.09 -36.48
CA THR C 80 14.22 14.64 -37.84
C THR C 80 14.45 13.13 -37.91
N GLY C 81 14.23 12.40 -36.83
CA GLY C 81 14.57 10.99 -36.75
C GLY C 81 13.43 10.08 -37.15
N THR C 82 13.55 8.82 -36.72
CA THR C 82 12.55 7.78 -37.05
C THR C 82 11.19 8.11 -36.46
N TYR C 83 11.15 8.65 -35.24
CA TYR C 83 9.91 8.89 -34.52
C TYR C 83 9.53 10.37 -34.51
N ARG C 84 9.90 11.10 -35.56
CA ARG C 84 9.58 12.52 -35.62
C ARG C 84 8.08 12.78 -35.65
N GLN C 85 7.28 11.81 -36.11
CA GLN C 85 5.83 12.00 -36.06
C GLN C 85 5.19 11.45 -34.80
N LEU C 86 5.95 10.72 -33.97
CA LEU C 86 5.38 10.21 -32.73
C LEU C 86 4.97 11.34 -31.80
N PHE C 87 5.78 12.39 -31.70
CA PHE C 87 5.48 13.51 -30.83
C PHE C 87 4.90 14.69 -31.58
N HIS C 88 4.08 15.47 -30.88
CA HIS C 88 3.69 16.78 -31.36
C HIS C 88 4.86 17.75 -31.18
N PRO C 89 5.13 18.61 -32.17
CA PRO C 89 6.29 19.52 -32.06
C PRO C 89 6.36 20.29 -30.76
N GLU C 90 5.20 20.59 -30.16
CA GLU C 90 5.13 21.40 -28.96
C GLU C 90 5.61 20.62 -27.73
N GLN C 91 5.66 19.29 -27.82
CA GLN C 91 6.24 18.49 -26.75
C GLN C 91 7.76 18.52 -26.75
N LEU C 92 8.39 18.91 -27.87
CA LEU C 92 9.85 18.92 -27.99
C LEU C 92 10.32 20.35 -27.87
N ILE C 93 10.88 20.69 -26.71
CA ILE C 93 11.12 22.07 -26.31
C ILE C 93 12.62 22.28 -26.21
N THR C 94 13.15 23.22 -27.01
CA THR C 94 14.57 23.56 -26.98
C THR C 94 14.76 25.06 -26.91
N GLY C 95 15.81 25.46 -26.20
CA GLY C 95 16.34 26.81 -26.27
C GLY C 95 17.48 26.89 -27.26
N LYS C 96 18.23 27.98 -27.18
CA LYS C 96 19.35 28.24 -28.09
C LYS C 96 20.68 27.84 -27.49
N GLU C 97 20.98 28.36 -26.30
CA GLU C 97 22.25 28.17 -25.61
C GLU C 97 22.04 27.15 -24.50
N ASP C 98 22.99 26.22 -24.34
CA ASP C 98 22.82 25.25 -23.25
C ASP C 98 23.41 25.81 -21.96
N ALA C 99 23.53 24.96 -20.95
CA ALA C 99 23.97 25.41 -19.66
C ALA C 99 25.48 25.39 -19.53
N ALA C 100 26.20 25.03 -20.60
CA ALA C 100 27.66 24.98 -20.60
C ALA C 100 28.20 24.26 -19.37
N ASN C 101 27.62 23.08 -19.08
CA ASN C 101 28.05 22.23 -17.97
C ASN C 101 27.90 22.92 -16.60
N ASN C 102 27.10 23.97 -16.51
CA ASN C 102 27.08 24.82 -15.31
C ASN C 102 25.67 24.82 -14.70
N TYR C 103 25.52 24.13 -13.57
CA TYR C 103 24.25 24.09 -12.84
C TYR C 103 23.62 25.48 -12.75
N ALA C 104 24.42 26.49 -12.37
CA ALA C 104 23.87 27.83 -12.20
C ALA C 104 23.20 28.33 -13.48
N ARG C 105 23.70 27.91 -14.65
CA ARG C 105 23.08 28.33 -15.90
C ARG C 105 21.81 27.52 -16.19
N GLY C 106 21.84 26.22 -15.91
CA GLY C 106 20.63 25.43 -16.07
C GLY C 106 19.52 25.91 -15.15
N HIS C 107 19.87 26.22 -13.90
CA HIS C 107 18.84 26.56 -12.91
C HIS C 107 18.42 28.03 -12.99
N TYR C 108 19.32 28.93 -13.38
CA TYR C 108 18.98 30.34 -13.31
C TYR C 108 19.09 30.98 -14.67
N THR C 109 20.31 31.44 -15.00
CA THR C 109 20.56 32.28 -16.16
C THR C 109 19.83 31.84 -17.42
N ILE C 110 20.05 30.60 -17.84
CA ILE C 110 19.45 30.09 -19.07
C ILE C 110 18.13 29.39 -18.80
N GLY C 111 18.03 28.65 -17.71
CA GLY C 111 16.81 27.90 -17.45
C GLY C 111 15.58 28.76 -17.23
N LYS C 112 15.76 29.91 -16.57
CA LYS C 112 14.63 30.82 -16.35
C LYS C 112 14.01 31.28 -17.66
N GLU C 113 14.77 31.30 -18.75
CA GLU C 113 14.24 31.80 -20.01
C GLU C 113 13.21 30.86 -20.62
N ILE C 114 13.22 29.58 -20.23
CA ILE C 114 12.38 28.59 -20.88
C ILE C 114 11.47 27.84 -19.91
N ILE C 115 11.55 28.12 -18.61
CA ILE C 115 10.86 27.29 -17.61
C ILE C 115 9.34 27.44 -17.72
N ASP C 116 8.84 28.67 -17.96
CA ASP C 116 7.40 28.89 -18.02
C ASP C 116 6.77 28.15 -19.20
N LEU C 117 7.47 28.09 -20.34
CA LEU C 117 6.98 27.35 -21.49
C LEU C 117 6.86 25.87 -21.18
N VAL C 118 7.85 25.31 -20.51
CA VAL C 118 7.81 23.89 -20.15
C VAL C 118 6.64 23.62 -19.20
N LEU C 119 6.44 24.48 -18.19
CA LEU C 119 5.37 24.25 -17.23
C LEU C 119 4.00 24.37 -17.91
N ASP C 120 3.89 25.28 -18.89
CA ASP C 120 2.66 25.43 -19.68
C ASP C 120 2.35 24.15 -20.46
N ARG C 121 3.37 23.58 -21.10
CA ARG C 121 3.20 22.33 -21.84
C ARG C 121 2.89 21.16 -20.92
N ILE C 122 3.46 21.16 -19.72
CA ILE C 122 3.15 20.09 -18.78
C ILE C 122 1.71 20.22 -18.29
N ARG C 123 1.27 21.46 -18.02
CA ARG C 123 -0.10 21.69 -17.58
C ARG C 123 -1.10 21.24 -18.65
N LYS C 124 -0.73 21.39 -19.94
CA LYS C 124 -1.62 20.93 -21.00
C LYS C 124 -1.68 19.41 -21.02
N LEU C 125 -0.56 18.74 -20.74
CA LEU C 125 -0.58 17.29 -20.60
C LEU C 125 -1.37 16.87 -19.38
N ALA C 126 -1.23 17.59 -18.26
CA ALA C 126 -2.02 17.27 -17.09
C ALA C 126 -3.51 17.43 -17.39
N ASP C 127 -3.87 18.42 -18.21
CA ASP C 127 -5.27 18.65 -18.50
C ASP C 127 -5.89 17.47 -19.24
N GLN C 128 -5.06 16.62 -19.85
CA GLN C 128 -5.52 15.45 -20.58
C GLN C 128 -5.59 14.20 -19.72
N CYS C 129 -5.33 14.32 -18.44
CA CYS C 129 -5.31 13.19 -17.52
C CYS C 129 -6.55 13.26 -16.65
N THR C 130 -7.21 12.11 -16.48
CA THR C 130 -8.36 12.00 -15.61
C THR C 130 -7.99 11.52 -14.22
N GLY C 131 -6.94 10.72 -14.09
CA GLY C 131 -6.39 10.33 -12.80
C GLY C 131 -4.87 10.34 -12.77
N LEU C 132 -4.26 11.52 -12.83
CA LEU C 132 -2.80 11.63 -12.92
C LEU C 132 -2.11 10.99 -11.71
N GLN C 133 -1.28 9.97 -11.98
CA GLN C 133 -0.47 9.33 -10.95
C GLN C 133 0.72 10.20 -10.55
N GLY C 134 1.41 10.79 -11.51
CA GLY C 134 2.56 11.60 -11.18
C GLY C 134 3.51 11.76 -12.36
N PHE C 135 4.75 12.14 -12.03
CA PHE C 135 5.76 12.50 -13.01
C PHE C 135 6.98 11.61 -12.87
N LEU C 136 7.53 11.21 -14.01
CA LEU C 136 8.80 10.52 -14.11
C LEU C 136 9.78 11.47 -14.80
N VAL C 137 10.82 11.88 -14.09
CA VAL C 137 11.75 12.88 -14.61
C VAL C 137 13.10 12.21 -14.88
N PHE C 138 13.55 12.26 -16.14
CA PHE C 138 14.76 11.60 -16.60
C PHE C 138 15.86 12.63 -16.80
N HIS C 139 17.00 12.42 -16.15
CA HIS C 139 18.04 13.42 -16.25
C HIS C 139 19.36 12.84 -15.75
N SER C 140 20.45 13.48 -16.18
CA SER C 140 21.77 13.21 -15.61
C SER C 140 22.01 14.12 -14.40
N PHE C 141 22.89 13.65 -13.51
CA PHE C 141 23.35 14.51 -12.43
C PHE C 141 24.37 15.53 -12.90
N GLY C 142 25.18 15.18 -13.91
CA GLY C 142 26.41 15.91 -14.16
C GLY C 142 26.34 17.07 -15.13
N GLY C 143 25.41 17.01 -16.09
CA GLY C 143 25.26 18.10 -17.03
C GLY C 143 24.68 19.34 -16.40
N GLY C 144 24.91 20.47 -17.09
CA GLY C 144 24.36 21.73 -16.62
C GLY C 144 22.85 21.80 -16.73
N THR C 145 22.28 21.18 -17.77
CA THR C 145 20.83 21.14 -17.91
C THR C 145 20.24 20.01 -17.04
N GLY C 146 20.80 18.80 -17.17
CA GLY C 146 20.33 17.69 -16.38
C GLY C 146 20.26 17.99 -14.89
N SER C 147 21.20 18.79 -14.40
CA SER C 147 21.25 19.13 -12.97
C SER C 147 20.47 20.40 -12.66
N GLY C 148 20.88 21.52 -13.25
CA GLY C 148 20.30 22.80 -12.86
C GLY C 148 18.87 23.00 -13.34
N PHE C 149 18.56 22.52 -14.56
CA PHE C 149 17.20 22.73 -15.05
C PHE C 149 16.21 21.76 -14.42
N THR C 150 16.64 20.53 -14.13
CA THR C 150 15.78 19.59 -13.42
C THR C 150 15.41 20.12 -12.04
N SER C 151 16.39 20.69 -11.32
CA SER C 151 16.11 21.29 -10.03
C SER C 151 15.03 22.36 -10.14
N LEU C 152 15.20 23.29 -11.08
CA LEU C 152 14.19 24.31 -11.34
C LEU C 152 12.85 23.66 -11.67
N LEU C 153 12.86 22.66 -12.56
CA LEU C 153 11.63 22.00 -12.94
C LEU C 153 10.95 21.37 -11.74
N MET C 154 11.69 20.58 -10.94
CA MET C 154 11.09 19.92 -9.77
C MET C 154 10.48 20.94 -8.82
N GLU C 155 11.22 22.00 -8.51
CA GLU C 155 10.68 23.05 -7.64
C GLU C 155 9.39 23.62 -8.21
N ARG C 156 9.35 23.85 -9.51
CA ARG C 156 8.15 24.41 -10.13
C ARG C 156 7.02 23.40 -10.14
N LEU C 157 7.35 22.11 -10.25
CA LEU C 157 6.30 21.09 -10.18
C LEU C 157 5.70 21.00 -8.79
N SER C 158 6.51 21.19 -7.75
CA SER C 158 5.97 21.21 -6.40
C SER C 158 5.01 22.39 -6.20
N VAL C 159 5.34 23.54 -6.77
CA VAL C 159 4.44 24.69 -6.63
C VAL C 159 3.12 24.42 -7.35
N ASP C 160 3.20 23.89 -8.57
CA ASP C 160 2.02 23.70 -9.39
C ASP C 160 1.20 22.49 -8.95
N TYR C 161 1.85 21.42 -8.52
CA TYR C 161 1.18 20.15 -8.29
C TYR C 161 1.25 19.67 -6.85
N GLY C 162 1.72 20.51 -5.93
CA GLY C 162 1.82 20.11 -4.54
C GLY C 162 2.64 18.84 -4.37
N LYS C 163 2.14 17.94 -3.52
CA LYS C 163 2.80 16.68 -3.18
C LYS C 163 2.58 15.59 -4.22
N LYS C 164 1.95 15.89 -5.36
CA LYS C 164 1.75 14.88 -6.40
C LYS C 164 3.06 14.17 -6.70
N SER C 165 2.99 12.85 -6.76
CA SER C 165 4.18 11.99 -6.91
C SER C 165 5.11 12.47 -8.01
N LYS C 166 6.38 12.67 -7.65
CA LYS C 166 7.43 12.94 -8.64
C LYS C 166 8.56 11.95 -8.39
N LEU C 167 8.85 11.12 -9.40
CA LEU C 167 9.93 10.15 -9.31
C LEU C 167 10.96 10.42 -10.40
N GLU C 168 12.20 9.99 -10.14
CA GLU C 168 13.27 10.34 -11.09
C GLU C 168 14.03 9.12 -11.58
N PHE C 169 14.52 9.15 -12.82
CA PHE C 169 15.45 8.12 -13.30
C PHE C 169 16.73 8.93 -13.51
N SER C 170 17.76 8.68 -12.72
CA SER C 170 18.90 9.59 -12.66
C SER C 170 20.19 8.88 -13.07
N ILE C 171 21.01 9.55 -13.86
CA ILE C 171 22.29 9.03 -14.32
C ILE C 171 23.37 9.59 -13.42
N TYR C 172 23.92 8.74 -12.60
CA TYR C 172 25.03 9.00 -11.71
C TYR C 172 26.33 9.00 -12.52
N PRO C 173 27.21 9.98 -12.32
CA PRO C 173 28.31 10.20 -13.27
C PRO C 173 29.40 9.13 -13.22
N ALA C 174 29.95 8.85 -14.41
CA ALA C 174 31.11 7.96 -14.56
C ALA C 174 32.19 8.67 -15.35
N PRO C 175 33.35 8.95 -14.74
CA PRO C 175 34.42 9.70 -15.43
C PRO C 175 34.78 9.17 -16.80
N GLN C 176 34.75 7.85 -17.00
CA GLN C 176 35.19 7.26 -18.26
C GLN C 176 34.41 7.80 -19.45
N VAL C 177 33.12 8.07 -19.29
CA VAL C 177 32.28 8.52 -20.39
C VAL C 177 31.88 9.97 -20.27
N SER C 178 32.24 10.66 -19.19
CA SER C 178 31.83 12.03 -19.01
C SER C 178 32.78 13.01 -19.68
N THR C 179 32.24 14.17 -20.08
CA THR C 179 33.04 15.23 -20.68
C THR C 179 33.00 16.52 -19.85
N ALA C 180 32.70 16.43 -18.55
CA ALA C 180 32.78 17.58 -17.67
C ALA C 180 33.48 17.26 -16.36
N VAL C 181 34.41 18.13 -15.98
CA VAL C 181 35.16 18.02 -14.73
C VAL C 181 34.36 18.57 -13.56
N VAL C 182 33.36 19.41 -13.81
CA VAL C 182 32.57 20.01 -12.73
C VAL C 182 31.38 19.16 -12.34
N GLU C 183 31.30 17.93 -12.85
CA GLU C 183 30.15 17.08 -12.55
C GLU C 183 29.95 16.84 -11.06
N PRO C 184 30.99 16.65 -10.24
CA PRO C 184 30.72 16.49 -8.79
C PRO C 184 29.97 17.68 -8.20
N TYR C 185 30.27 18.91 -8.67
CA TYR C 185 29.54 20.09 -8.21
C TYR C 185 28.08 20.04 -8.64
N ASN C 186 27.84 19.80 -9.93
CA ASN C 186 26.49 19.78 -10.45
C ASN C 186 25.65 18.71 -9.75
N SER C 187 26.22 17.50 -9.61
CA SER C 187 25.56 16.40 -8.91
C SER C 187 25.11 16.81 -7.51
N ILE C 188 26.04 17.30 -6.69
CA ILE C 188 25.70 17.63 -5.31
C ILE C 188 24.70 18.79 -5.26
N LEU C 189 24.87 19.80 -6.13
CA LEU C 189 23.93 20.93 -6.10
C LEU C 189 22.52 20.48 -6.47
N THR C 190 22.36 19.67 -7.52
CA THR C 190 21.00 19.27 -7.85
C THR C 190 20.43 18.32 -6.81
N THR C 191 21.25 17.47 -6.21
CA THR C 191 20.73 16.56 -5.19
C THR C 191 20.21 17.33 -4.00
N HIS C 192 20.97 18.35 -3.56
CA HIS C 192 20.51 19.21 -2.48
C HIS C 192 19.14 19.78 -2.77
N THR C 193 19.00 20.49 -3.90
CA THR C 193 17.76 21.22 -4.11
C THR C 193 16.61 20.33 -4.50
N THR C 194 16.88 19.17 -5.10
CA THR C 194 15.82 18.24 -5.47
C THR C 194 15.35 17.37 -4.31
N LEU C 195 16.18 17.15 -3.29
CA LEU C 195 15.90 16.21 -2.21
C LEU C 195 14.45 16.30 -1.72
N GLU C 196 14.03 17.49 -1.29
CA GLU C 196 12.71 17.65 -0.68
C GLU C 196 11.58 17.68 -1.69
N HIS C 197 11.89 17.59 -2.99
CA HIS C 197 10.88 17.64 -4.05
C HIS C 197 10.65 16.31 -4.73
N SER C 198 11.54 15.34 -4.57
CA SER C 198 11.38 14.05 -5.21
C SER C 198 10.91 13.04 -4.17
N ASP C 199 10.01 12.15 -4.60
CA ASP C 199 9.50 11.07 -3.75
C ASP C 199 10.39 9.84 -3.82
N CYS C 200 10.99 9.60 -4.98
CA CYS C 200 11.79 8.41 -5.19
C CYS C 200 12.65 8.64 -6.42
N ALA C 201 13.93 8.29 -6.33
CA ALA C 201 14.86 8.49 -7.44
C ALA C 201 15.57 7.17 -7.72
N PHE C 202 15.36 6.62 -8.91
CA PHE C 202 16.05 5.41 -9.34
C PHE C 202 17.39 5.82 -9.95
N MET C 203 18.47 5.55 -9.23
CA MET C 203 19.80 5.95 -9.68
C MET C 203 20.43 4.87 -10.56
N VAL C 204 21.02 5.31 -11.67
CA VAL C 204 21.74 4.45 -12.60
C VAL C 204 23.18 4.98 -12.68
N ASP C 205 24.14 4.08 -12.64
CA ASP C 205 25.56 4.42 -12.69
C ASP C 205 26.06 4.10 -14.09
N ASN C 206 26.52 5.12 -14.83
CA ASN C 206 27.02 4.85 -16.18
C ASN C 206 28.17 3.86 -16.16
N GLU C 207 29.02 3.92 -15.13
CA GLU C 207 30.14 2.97 -15.07
C GLU C 207 29.63 1.55 -14.96
N ALA C 208 28.65 1.30 -14.09
CA ALA C 208 28.10 -0.04 -13.97
C ALA C 208 27.49 -0.51 -15.29
N ILE C 209 26.72 0.36 -15.94
CA ILE C 209 26.10 -0.01 -17.21
C ILE C 209 27.18 -0.29 -18.26
N TYR C 210 28.24 0.52 -18.23
CA TYR C 210 29.39 0.33 -19.11
C TYR C 210 30.02 -1.04 -18.89
N ASP C 211 30.31 -1.38 -17.62
CA ASP C 211 31.00 -2.63 -17.30
C ASP C 211 30.15 -3.84 -17.63
N ILE C 212 28.83 -3.72 -17.52
CA ILE C 212 27.94 -4.82 -17.87
C ILE C 212 27.91 -5.02 -19.38
N CYS C 213 27.88 -3.92 -20.14
CA CYS C 213 27.93 -4.02 -21.59
C CYS C 213 29.22 -4.67 -22.06
N ARG C 214 30.35 -4.36 -21.42
CA ARG C 214 31.61 -5.02 -21.80
C ARG C 214 31.60 -6.48 -21.40
N ARG C 215 31.29 -6.77 -20.13
CA ARG C 215 31.42 -8.13 -19.61
C ARG C 215 30.36 -9.04 -20.20
N ASN C 216 29.08 -8.67 -20.07
CA ASN C 216 28.01 -9.57 -20.48
C ASN C 216 27.72 -9.52 -21.98
N LEU C 217 28.03 -8.43 -22.67
CA LEU C 217 27.64 -8.28 -24.06
C LEU C 217 28.80 -8.24 -25.03
N ASP C 218 30.04 -8.45 -24.57
CA ASP C 218 31.21 -8.55 -25.44
C ASP C 218 31.40 -7.30 -26.29
N ILE C 219 31.24 -6.13 -25.67
CA ILE C 219 31.40 -4.84 -26.33
C ILE C 219 32.63 -4.15 -25.77
N GLU C 220 33.64 -3.92 -26.62
CA GLU C 220 34.92 -3.37 -26.16
C GLU C 220 34.76 -1.95 -25.63
N ARG C 221 34.08 -1.09 -26.37
CA ARG C 221 33.93 0.32 -26.01
C ARG C 221 32.46 0.68 -26.20
N PRO C 222 31.61 0.39 -25.20
CA PRO C 222 30.17 0.65 -25.33
C PRO C 222 29.88 2.12 -25.66
N THR C 223 28.93 2.31 -26.56
CA THR C 223 28.45 3.64 -26.91
C THR C 223 27.24 4.01 -26.04
N TYR C 224 26.95 5.31 -26.01
CA TYR C 224 25.72 5.78 -25.38
C TYR C 224 24.52 4.98 -25.84
N THR C 225 24.42 4.70 -27.15
CA THR C 225 23.32 3.89 -27.64
C THR C 225 23.36 2.48 -27.06
N ASN C 226 24.56 1.96 -26.78
CA ASN C 226 24.67 0.68 -26.08
C ASN C 226 24.15 0.80 -24.66
N LEU C 227 24.64 1.79 -23.92
CA LEU C 227 24.16 2.00 -22.56
C LEU C 227 22.68 2.32 -22.53
N ASN C 228 22.22 3.19 -23.43
CA ASN C 228 20.82 3.63 -23.37
C ASN C 228 19.87 2.46 -23.62
N ARG C 229 20.25 1.52 -24.48
CA ARG C 229 19.36 0.40 -24.76
C ARG C 229 19.24 -0.51 -23.54
N LEU C 230 20.33 -0.70 -22.80
CA LEU C 230 20.23 -1.47 -21.56
C LEU C 230 19.43 -0.70 -20.51
N ILE C 231 19.69 0.59 -20.36
CA ILE C 231 18.89 1.41 -19.45
C ILE C 231 17.42 1.38 -19.83
N SER C 232 17.12 1.22 -21.13
CA SER C 232 15.71 1.21 -21.56
C SER C 232 14.97 0.00 -21.02
N GLN C 233 15.62 -1.17 -21.02
CA GLN C 233 15.02 -2.36 -20.43
C GLN C 233 14.69 -2.15 -18.97
N ILE C 234 15.61 -1.55 -18.22
CA ILE C 234 15.35 -1.28 -16.80
C ILE C 234 14.17 -0.34 -16.65
N VAL C 235 14.14 0.73 -17.45
CA VAL C 235 13.02 1.66 -17.39
C VAL C 235 11.73 0.95 -17.78
N SER C 236 11.80 0.09 -18.80
CA SER C 236 10.61 -0.61 -19.26
C SER C 236 10.12 -1.60 -18.22
N SER C 237 11.04 -2.30 -17.54
CA SER C 237 10.64 -3.18 -16.45
C SER C 237 9.86 -2.42 -15.39
N ILE C 238 10.31 -1.21 -15.06
CA ILE C 238 9.66 -0.45 -14.02
C ILE C 238 8.28 0.01 -14.47
N THR C 239 8.20 0.62 -15.65
CA THR C 239 6.93 1.17 -16.14
C THR C 239 6.00 0.11 -16.72
N ALA C 240 6.49 -1.12 -16.95
CA ALA C 240 5.61 -2.15 -17.52
C ALA C 240 4.42 -2.42 -16.62
N SER C 241 4.61 -2.33 -15.30
CA SER C 241 3.50 -2.56 -14.38
C SER C 241 2.37 -1.56 -14.60
N LEU C 242 2.70 -0.36 -15.10
CA LEU C 242 1.70 0.66 -15.34
C LEU C 242 1.18 0.66 -16.77
N ARG C 243 1.90 0.01 -17.68
CA ARG C 243 1.52 -0.01 -19.09
C ARG C 243 0.82 -1.30 -19.52
N PHE C 244 0.95 -2.36 -18.73
CA PHE C 244 0.34 -3.65 -19.05
C PHE C 244 -0.49 -4.13 -17.88
N ASP C 245 -1.57 -4.85 -18.19
CA ASP C 245 -2.35 -5.51 -17.15
C ASP C 245 -1.72 -6.88 -16.88
N GLY C 246 -0.88 -6.94 -15.84
CA GLY C 246 -0.27 -8.19 -15.41
C GLY C 246 -0.98 -8.76 -14.19
N ALA C 247 -0.45 -9.90 -13.74
CA ALA C 247 -0.99 -10.55 -12.54
C ALA C 247 -0.74 -9.72 -11.30
N LEU C 248 0.53 -9.48 -10.98
CA LEU C 248 0.92 -8.57 -9.92
C LEU C 248 1.36 -7.25 -10.54
N ASN C 249 0.67 -6.17 -10.20
CA ASN C 249 0.93 -4.84 -10.71
C ASN C 249 1.44 -3.95 -9.59
N VAL C 250 2.28 -2.98 -9.95
CA VAL C 250 2.81 -2.01 -9.00
C VAL C 250 2.63 -0.63 -9.61
N ASP C 251 1.88 0.24 -8.93
CA ASP C 251 1.70 1.59 -9.45
C ASP C 251 2.66 2.55 -8.74
N LEU C 252 2.59 3.82 -9.15
CA LEU C 252 3.59 4.78 -8.70
C LEU C 252 3.60 4.91 -7.19
N THR C 253 2.41 5.00 -6.59
CA THR C 253 2.31 5.14 -5.14
C THR C 253 2.90 3.93 -4.43
N GLU C 254 2.69 2.74 -4.99
CA GLU C 254 3.20 1.53 -4.35
C GLU C 254 4.72 1.42 -4.42
N PHE C 255 5.35 1.95 -5.48
CA PHE C 255 6.81 2.06 -5.51
C PHE C 255 7.30 2.90 -4.33
N GLN C 256 6.74 4.09 -4.18
CA GLN C 256 7.16 4.98 -3.09
C GLN C 256 6.94 4.32 -1.73
N THR C 257 5.75 3.74 -1.51
CA THR C 257 5.42 3.22 -0.20
C THR C 257 6.32 2.07 0.19
N ASN C 258 6.60 1.18 -0.76
CA ASN C 258 7.36 -0.02 -0.47
C ASN C 258 8.87 0.14 -0.61
N LEU C 259 9.39 1.25 -1.17
CA LEU C 259 10.84 1.41 -1.27
C LEU C 259 11.44 2.54 -0.43
N VAL C 260 10.64 3.46 0.10
CA VAL C 260 11.16 4.67 0.75
C VAL C 260 10.79 4.68 2.23
N PRO C 261 11.69 4.24 3.13
CA PRO C 261 11.35 4.18 4.56
C PRO C 261 11.35 5.54 5.26
N TYR C 262 12.14 6.48 4.77
CA TYR C 262 12.22 7.85 5.25
C TYR C 262 12.28 8.78 4.03
N PRO C 263 11.75 9.99 4.16
CA PRO C 263 11.67 10.88 2.98
C PRO C 263 13.00 11.11 2.27
N ARG C 264 14.08 11.35 3.02
CA ARG C 264 15.38 11.57 2.39
C ARG C 264 16.01 10.29 1.86
N ILE C 265 15.66 9.11 2.41
CA ILE C 265 16.29 7.86 2.04
C ILE C 265 15.54 7.23 0.87
N HIS C 266 15.57 7.88 -0.30
CA HIS C 266 14.63 7.56 -1.38
C HIS C 266 15.35 7.20 -2.69
N PHE C 267 16.50 6.55 -2.59
CA PHE C 267 17.34 6.23 -3.75
C PHE C 267 17.51 4.72 -3.83
N PRO C 268 16.53 4.00 -4.39
CA PRO C 268 16.69 2.56 -4.58
C PRO C 268 17.77 2.25 -5.61
N LEU C 269 18.25 1.02 -5.54
CA LEU C 269 19.27 0.53 -6.45
C LEU C 269 18.66 -0.45 -7.44
N ALA C 270 18.74 -0.10 -8.73
CA ALA C 270 18.28 -1.01 -9.77
C ALA C 270 19.30 -2.11 -10.05
N THR C 271 18.79 -3.29 -10.39
CA THR C 271 19.55 -4.43 -10.87
C THR C 271 18.66 -5.14 -11.90
N TYR C 272 19.28 -5.68 -12.94
CA TYR C 272 18.54 -6.28 -14.03
C TYR C 272 19.24 -7.56 -14.48
N ALA C 273 18.44 -8.57 -14.79
CA ALA C 273 18.94 -9.85 -15.27
C ALA C 273 17.82 -10.55 -16.02
N PRO C 274 18.14 -11.33 -17.06
CA PRO C 274 19.50 -11.58 -17.52
C PRO C 274 19.92 -10.60 -18.58
N VAL C 275 21.22 -10.30 -18.62
CA VAL C 275 21.82 -9.48 -19.68
C VAL C 275 22.69 -10.42 -20.49
N ILE C 276 22.14 -10.93 -21.59
CA ILE C 276 22.77 -11.96 -22.42
C ILE C 276 23.16 -11.36 -23.76
N SER C 277 24.32 -11.74 -24.25
CA SER C 277 24.73 -11.36 -25.61
C SER C 277 23.81 -12.01 -26.63
N ALA C 278 23.35 -11.20 -27.59
CA ALA C 278 22.46 -11.72 -28.62
C ALA C 278 23.14 -12.78 -29.47
N GLU C 279 24.41 -12.59 -29.79
CA GLU C 279 25.12 -13.52 -30.67
C GLU C 279 25.49 -14.82 -29.99
N LYS C 280 25.53 -14.87 -28.66
CA LYS C 280 25.89 -16.10 -27.96
C LYS C 280 24.85 -17.17 -28.20
N ALA C 281 25.32 -18.41 -28.37
CA ALA C 281 24.42 -19.55 -28.53
C ALA C 281 24.40 -20.44 -27.28
N GLN C 285 17.40 -21.47 -21.29
CA GLN C 285 16.80 -20.29 -20.66
C GLN C 285 17.08 -20.26 -19.17
N LEU C 286 17.55 -19.11 -18.68
CA LEU C 286 17.78 -18.93 -17.25
C LEU C 286 16.48 -19.02 -16.47
N SER C 287 16.53 -19.69 -15.32
CA SER C 287 15.34 -19.96 -14.54
C SER C 287 14.92 -18.73 -13.75
N VAL C 288 13.73 -18.81 -13.17
CA VAL C 288 13.26 -17.76 -12.27
C VAL C 288 14.17 -17.62 -11.06
N ALA C 289 14.69 -18.76 -10.57
CA ALA C 289 15.63 -18.72 -9.45
C ALA C 289 16.94 -18.08 -9.87
N GLU C 290 17.44 -18.42 -11.05
CA GLU C 290 18.75 -17.92 -11.47
C GLU C 290 18.73 -16.41 -11.65
N ILE C 291 17.72 -15.88 -12.35
CA ILE C 291 17.72 -14.44 -12.59
C ILE C 291 17.45 -13.70 -11.29
N THR C 292 16.71 -14.30 -10.37
CA THR C 292 16.53 -13.70 -9.04
C THR C 292 17.85 -13.63 -8.30
N ASN C 293 18.58 -14.74 -8.26
CA ASN C 293 19.88 -14.76 -7.60
C ASN C 293 20.83 -13.74 -8.21
N ALA C 294 20.84 -13.61 -9.54
CA ALA C 294 21.74 -12.67 -10.19
C ALA C 294 21.49 -11.23 -9.73
N CYS C 295 20.25 -10.90 -9.33
CA CYS C 295 19.94 -9.55 -8.86
C CYS C 295 20.65 -9.20 -7.55
N PHE C 296 21.05 -10.19 -6.75
CA PHE C 296 21.82 -9.92 -5.55
C PHE C 296 23.33 -10.10 -5.76
N GLU C 297 23.75 -10.45 -6.98
CA GLU C 297 25.18 -10.46 -7.31
C GLU C 297 25.68 -9.03 -7.49
N PRO C 298 26.72 -8.62 -6.78
CA PRO C 298 27.21 -7.23 -6.90
C PRO C 298 27.67 -6.84 -8.31
N ALA C 299 27.97 -7.80 -9.19
CA ALA C 299 28.39 -7.43 -10.54
C ALA C 299 27.22 -6.92 -11.36
N ASN C 300 26.03 -7.48 -11.17
CA ASN C 300 24.86 -7.10 -11.96
C ASN C 300 24.16 -5.86 -11.42
N GLN C 301 24.76 -5.13 -10.49
CA GLN C 301 24.15 -3.89 -10.00
C GLN C 301 24.21 -2.80 -11.06
N MET C 302 23.23 -1.90 -11.03
CA MET C 302 23.25 -0.73 -11.90
C MET C 302 23.89 0.47 -11.22
N VAL C 303 24.35 0.32 -9.98
CA VAL C 303 25.17 1.32 -9.29
C VAL C 303 26.31 0.59 -8.60
N LYS C 304 27.53 1.05 -8.83
CA LYS C 304 28.70 0.41 -8.21
C LYS C 304 28.65 0.65 -6.70
N CYS C 305 28.37 -0.41 -5.97
CA CYS C 305 28.41 -0.42 -4.52
C CYS C 305 28.33 -1.89 -4.12
N ASP C 306 28.66 -2.18 -2.87
CA ASP C 306 28.68 -3.56 -2.40
C ASP C 306 27.55 -3.78 -1.40
N PRO C 307 26.44 -4.40 -1.81
CA PRO C 307 25.35 -4.63 -0.84
C PRO C 307 25.78 -5.47 0.35
N ARG C 308 26.74 -6.38 0.17
CA ARG C 308 27.26 -7.12 1.31
C ARG C 308 27.87 -6.18 2.35
N HIS C 309 28.18 -4.95 1.97
CA HIS C 309 28.68 -3.94 2.89
C HIS C 309 27.57 -3.26 3.67
N GLY C 310 26.31 -3.46 3.30
CA GLY C 310 25.23 -2.75 3.95
C GLY C 310 24.02 -3.59 4.27
N LYS C 311 22.91 -2.95 4.59
CA LYS C 311 21.69 -3.67 4.95
C LYS C 311 20.55 -3.24 4.04
N TYR C 312 19.82 -4.22 3.55
CA TYR C 312 18.64 -3.96 2.75
C TYR C 312 17.52 -3.44 3.64
N MET C 313 16.78 -2.46 3.11
CA MET C 313 15.61 -1.94 3.78
C MET C 313 14.33 -2.23 3.00
N ALA C 314 14.44 -2.64 1.74
CA ALA C 314 13.27 -2.91 0.91
C ALA C 314 13.71 -3.49 -0.41
N CYS C 315 13.10 -4.60 -0.85
CA CYS C 315 13.42 -5.20 -2.13
C CYS C 315 12.16 -5.30 -2.98
N CYS C 316 12.14 -4.61 -4.10
CA CYS C 316 11.05 -4.67 -5.07
C CYS C 316 11.50 -5.42 -6.32
N LEU C 317 10.94 -6.61 -6.54
CA LEU C 317 11.30 -7.47 -7.65
C LEU C 317 10.19 -7.44 -8.70
N LEU C 318 10.54 -6.99 -9.91
CA LEU C 318 9.61 -6.78 -11.02
C LEU C 318 9.92 -7.79 -12.11
N TYR C 319 9.08 -8.82 -12.21
CA TYR C 319 9.28 -9.88 -13.18
C TYR C 319 8.44 -9.64 -14.43
N ARG C 320 8.98 -10.05 -15.56
CA ARG C 320 8.23 -10.00 -16.81
C ARG C 320 8.51 -11.26 -17.61
N GLY C 321 7.49 -11.70 -18.34
CA GLY C 321 7.64 -12.82 -19.23
C GLY C 321 6.98 -14.08 -18.73
N ASP C 322 7.59 -15.23 -18.98
CA ASP C 322 7.09 -16.51 -18.51
C ASP C 322 7.60 -16.75 -17.09
N VAL C 323 6.81 -16.30 -16.10
CA VAL C 323 7.16 -16.40 -14.69
C VAL C 323 5.91 -16.69 -13.88
N VAL C 324 5.86 -17.84 -13.19
CA VAL C 324 4.68 -18.17 -12.38
C VAL C 324 4.90 -17.74 -10.93
N PRO C 325 3.86 -17.28 -10.24
CA PRO C 325 4.03 -16.81 -8.85
C PRO C 325 4.68 -17.83 -7.93
N LYS C 326 4.40 -19.12 -8.12
CA LYS C 326 5.01 -20.14 -7.28
C LYS C 326 6.54 -20.07 -7.37
N ASP C 327 7.08 -19.93 -8.58
CA ASP C 327 8.53 -19.93 -8.76
C ASP C 327 9.18 -18.70 -8.16
N VAL C 328 8.50 -17.55 -8.21
CA VAL C 328 9.00 -16.37 -7.50
C VAL C 328 9.02 -16.64 -6.00
N ASN C 329 7.97 -17.26 -5.47
CA ASN C 329 7.90 -17.56 -4.06
C ASN C 329 9.04 -18.45 -3.62
N ALA C 330 9.31 -19.51 -4.40
CA ALA C 330 10.44 -20.38 -4.10
C ALA C 330 11.77 -19.65 -4.27
N ALA C 331 11.88 -18.81 -5.30
CA ALA C 331 13.12 -18.05 -5.48
C ALA C 331 13.35 -17.12 -4.29
N ILE C 332 12.32 -16.37 -3.90
CA ILE C 332 12.50 -15.42 -2.80
C ILE C 332 12.70 -16.14 -1.46
N ALA C 333 12.12 -17.33 -1.29
CA ALA C 333 12.33 -18.06 -0.05
C ALA C 333 13.78 -18.44 0.12
N THR C 334 14.47 -18.76 -0.98
CA THR C 334 15.91 -19.02 -0.89
C THR C 334 16.66 -17.76 -0.47
N ILE C 335 16.32 -16.61 -1.06
CA ILE C 335 16.98 -15.35 -0.73
C ILE C 335 16.90 -15.05 0.76
N LYS C 336 15.73 -15.28 1.37
CA LYS C 336 15.55 -15.07 2.80
C LYS C 336 16.45 -15.98 3.65
N THR C 337 17.04 -17.03 3.08
CA THR C 337 17.91 -17.89 3.85
C THR C 337 19.38 -17.50 3.75
N LYS C 338 19.75 -16.66 2.79
CA LYS C 338 21.15 -16.24 2.59
C LYS C 338 21.54 -15.26 3.69
N ARG C 339 22.42 -15.69 4.58
CA ARG C 339 22.95 -14.80 5.62
C ARG C 339 23.74 -13.63 5.05
N SER C 340 24.31 -13.78 3.85
CA SER C 340 25.00 -12.66 3.21
C SER C 340 24.06 -11.55 2.74
N ILE C 341 22.73 -11.76 2.80
CA ILE C 341 21.76 -10.73 2.43
C ILE C 341 21.07 -10.23 3.69
N GLN C 342 21.56 -9.13 4.26
CA GLN C 342 21.12 -8.71 5.58
C GLN C 342 20.11 -7.57 5.47
N PHE C 343 19.00 -7.70 6.19
CA PHE C 343 17.98 -6.67 6.32
C PHE C 343 18.10 -5.96 7.67
N VAL C 344 17.58 -4.74 7.73
CA VAL C 344 17.63 -3.96 8.97
C VAL C 344 16.77 -4.62 10.05
N ASP C 345 17.15 -4.35 11.31
CA ASP C 345 16.41 -4.81 12.48
C ASP C 345 14.91 -4.54 12.36
N TRP C 346 14.56 -3.38 11.79
CA TRP C 346 13.23 -2.84 11.89
C TRP C 346 12.38 -3.13 10.66
N CYS C 347 12.73 -4.15 9.87
CA CYS C 347 11.99 -4.49 8.66
C CYS C 347 11.56 -5.95 8.77
N PRO C 348 10.36 -6.21 9.32
CA PRO C 348 9.90 -7.60 9.42
C PRO C 348 9.68 -8.26 8.08
N THR C 349 9.28 -7.50 7.06
CA THR C 349 9.08 -8.02 5.72
C THR C 349 9.45 -6.95 4.71
N GLY C 350 10.27 -7.32 3.72
CA GLY C 350 10.86 -6.32 2.85
C GLY C 350 10.67 -6.54 1.37
N PHE C 351 9.93 -7.57 0.99
CA PHE C 351 9.79 -7.92 -0.42
C PHE C 351 8.45 -7.44 -0.98
N LYS C 352 8.53 -6.80 -2.14
CA LYS C 352 7.37 -6.46 -2.96
C LYS C 352 7.61 -7.07 -4.34
N VAL C 353 6.64 -7.84 -4.84
CA VAL C 353 6.81 -8.62 -6.06
C VAL C 353 5.83 -8.11 -7.12
N GLY C 354 6.33 -8.03 -8.35
CA GLY C 354 5.47 -7.69 -9.48
C GLY C 354 5.75 -8.66 -10.61
N ILE C 355 4.67 -9.15 -11.22
CA ILE C 355 4.76 -10.06 -12.36
C ILE C 355 3.89 -9.52 -13.47
N ASN C 356 4.50 -9.15 -14.58
CA ASN C 356 3.81 -8.85 -15.82
C ASN C 356 4.17 -9.94 -16.82
N TYR C 357 3.21 -10.35 -17.64
CA TYR C 357 3.37 -11.59 -18.39
C TYR C 357 3.81 -11.36 -19.82
N GLN C 358 4.03 -10.12 -20.24
CA GLN C 358 4.55 -9.87 -21.58
C GLN C 358 6.07 -9.93 -21.55
N PRO C 359 6.69 -10.80 -22.34
CA PRO C 359 8.15 -10.96 -22.26
C PRO C 359 8.85 -9.66 -22.59
N PRO C 360 10.10 -9.51 -22.19
CA PRO C 360 10.84 -8.31 -22.57
C PRO C 360 11.06 -8.28 -24.07
N THR C 361 11.04 -7.08 -24.63
CA THR C 361 11.20 -6.89 -26.06
C THR C 361 12.51 -6.17 -26.32
N VAL C 362 13.24 -6.64 -27.32
CA VAL C 362 14.53 -6.07 -27.65
C VAL C 362 14.45 -5.42 -29.03
N VAL C 363 15.18 -4.32 -29.19
CA VAL C 363 15.17 -3.61 -30.47
C VAL C 363 15.93 -4.45 -31.51
N PRO C 364 15.34 -4.73 -32.66
CA PRO C 364 16.07 -5.43 -33.73
C PRO C 364 17.27 -4.60 -34.19
N GLY C 365 18.40 -5.30 -34.39
CA GLY C 365 19.67 -4.64 -34.62
C GLY C 365 20.38 -4.24 -33.35
N GLY C 366 19.87 -4.65 -32.18
CA GLY C 366 20.53 -4.39 -30.92
C GLY C 366 21.28 -5.61 -30.42
N ASP C 367 22.08 -5.38 -29.38
CA ASP C 367 23.01 -6.37 -28.87
C ASP C 367 22.40 -7.29 -27.80
N LEU C 368 21.24 -6.93 -27.26
CA LEU C 368 20.62 -7.72 -26.19
C LEU C 368 19.85 -8.89 -26.78
N ALA C 369 20.03 -10.06 -26.18
CA ALA C 369 19.31 -11.24 -26.62
C ALA C 369 17.86 -11.22 -26.14
N LYS C 370 16.98 -11.81 -26.93
CA LYS C 370 15.59 -12.00 -26.53
C LYS C 370 15.51 -13.16 -25.55
N VAL C 371 14.81 -12.96 -24.43
CA VAL C 371 14.74 -13.97 -23.39
C VAL C 371 13.28 -14.20 -23.00
N GLN C 372 13.01 -15.41 -22.50
CA GLN C 372 11.65 -15.78 -22.12
C GLN C 372 11.21 -15.11 -20.82
N ARG C 373 12.16 -14.76 -19.95
CA ARG C 373 11.80 -14.13 -18.70
C ARG C 373 12.94 -13.25 -18.24
N ALA C 374 12.61 -12.25 -17.43
CA ALA C 374 13.58 -11.29 -16.91
C ALA C 374 13.04 -10.71 -15.63
N VAL C 375 13.93 -10.10 -14.86
CA VAL C 375 13.54 -9.48 -13.60
C VAL C 375 14.37 -8.22 -13.43
N CYS C 376 13.74 -7.20 -12.84
CA CYS C 376 14.43 -5.99 -12.42
C CYS C 376 14.15 -5.80 -10.93
N MET C 377 15.20 -5.75 -10.13
CA MET C 377 15.05 -5.53 -8.70
C MET C 377 15.42 -4.10 -8.36
N LEU C 378 14.55 -3.46 -7.60
CA LEU C 378 14.79 -2.18 -6.95
C LEU C 378 15.00 -2.46 -5.47
N SER C 379 16.19 -2.17 -4.96
CA SER C 379 16.52 -2.45 -3.58
C SER C 379 16.95 -1.15 -2.92
N ASN C 380 16.39 -0.86 -1.75
CA ASN C 380 16.88 0.26 -0.94
C ASN C 380 17.88 -0.31 0.05
N THR C 381 19.15 -0.08 -0.23
CA THR C 381 20.24 -0.61 0.58
C THR C 381 21.05 0.55 1.14
N THR C 382 21.50 0.41 2.39
CA THR C 382 22.41 1.39 2.97
C THR C 382 23.73 1.45 2.23
N ALA C 383 24.00 0.47 1.35
CA ALA C 383 25.29 0.45 0.67
C ALA C 383 25.38 1.53 -0.41
N ILE C 384 24.24 2.03 -0.90
CA ILE C 384 24.29 3.11 -1.87
C ILE C 384 24.96 4.35 -1.28
N ALA C 385 25.06 4.43 0.04
CA ALA C 385 25.79 5.54 0.66
C ALA C 385 27.22 5.63 0.13
N GLU C 386 27.80 4.49 -0.25
CA GLU C 386 29.14 4.45 -0.81
C GLU C 386 29.24 5.33 -2.06
N ALA C 387 28.21 5.27 -2.93
CA ALA C 387 28.21 6.09 -4.13
C ALA C 387 28.10 7.57 -3.80
N TRP C 388 27.30 7.92 -2.77
CA TRP C 388 27.28 9.31 -2.31
C TRP C 388 28.63 9.70 -1.71
N ALA C 389 29.31 8.76 -1.06
CA ALA C 389 30.60 9.08 -0.46
C ALA C 389 31.61 9.41 -1.55
N ARG C 390 31.65 8.61 -2.62
CA ARG C 390 32.55 8.85 -3.75
C ARG C 390 32.33 10.22 -4.37
N LEU C 391 31.07 10.63 -4.50
CA LEU C 391 30.78 11.91 -5.13
C LEU C 391 31.15 13.06 -4.21
N ASP C 392 30.75 12.96 -2.95
CA ASP C 392 31.08 13.97 -1.95
C ASP C 392 32.58 14.20 -1.84
N HIS C 393 33.38 13.13 -1.95
CA HIS C 393 34.82 13.28 -1.78
C HIS C 393 35.43 14.03 -2.98
N LYS C 394 34.95 13.77 -4.20
CA LYS C 394 35.42 14.54 -5.36
C LYS C 394 35.03 16.01 -5.24
N PHE C 395 33.81 16.26 -4.73
CA PHE C 395 33.36 17.62 -4.43
C PHE C 395 34.31 18.32 -3.47
N ASP C 396 34.67 17.63 -2.37
CA ASP C 396 35.52 18.22 -1.34
C ASP C 396 36.91 18.56 -1.90
N LEU C 397 37.50 17.63 -2.67
CA LEU C 397 38.80 17.86 -3.27
C LEU C 397 38.85 19.22 -4.00
N MET C 398 37.93 19.44 -4.94
CA MET C 398 37.91 20.69 -5.68
C MET C 398 37.45 21.85 -4.82
N TYR C 399 36.46 21.63 -3.95
CA TYR C 399 35.86 22.77 -3.25
C TYR C 399 36.80 23.30 -2.19
N ALA C 400 37.68 22.46 -1.63
CA ALA C 400 38.66 22.95 -0.68
C ALA C 400 39.52 24.05 -1.30
N LYS C 401 39.71 24.02 -2.62
CA LYS C 401 40.46 25.05 -3.33
C LYS C 401 39.53 26.04 -4.02
N ARG C 402 38.21 25.87 -3.86
CA ARG C 402 37.21 26.66 -4.59
C ARG C 402 37.45 26.61 -6.10
N ALA C 403 37.98 25.49 -6.58
CA ALA C 403 38.23 25.34 -8.00
C ALA C 403 36.91 25.38 -8.76
N PHE C 404 36.88 26.18 -9.84
CA PHE C 404 35.72 26.38 -10.73
C PHE C 404 34.55 27.13 -10.07
N VAL C 405 34.56 27.37 -8.76
CA VAL C 405 33.40 28.00 -8.11
C VAL C 405 33.09 29.36 -8.74
N HIS C 406 34.09 30.02 -9.32
CA HIS C 406 33.86 31.36 -9.88
C HIS C 406 32.87 31.31 -11.04
N TRP C 407 32.80 30.17 -11.75
CA TRP C 407 31.84 30.05 -12.85
C TRP C 407 30.41 30.02 -12.35
N TYR C 408 30.19 29.45 -11.15
CA TYR C 408 28.85 29.45 -10.58
C TYR C 408 28.51 30.79 -9.96
N VAL C 409 29.48 31.40 -9.26
CA VAL C 409 29.25 32.68 -8.59
C VAL C 409 28.99 33.77 -9.63
N GLY C 410 29.64 33.68 -10.80
CA GLY C 410 29.44 34.65 -11.85
C GLY C 410 28.03 34.64 -12.42
N GLU C 411 27.35 33.49 -12.37
CA GLU C 411 25.97 33.43 -12.81
C GLU C 411 24.98 33.71 -11.67
N GLY C 412 25.46 34.25 -10.55
CA GLY C 412 24.59 34.72 -9.48
C GLY C 412 24.52 33.83 -8.25
N MET C 413 25.05 32.61 -8.32
CA MET C 413 25.02 31.77 -7.14
C MET C 413 25.93 32.36 -6.06
N GLU C 414 25.71 31.93 -4.83
CA GLU C 414 26.55 32.31 -3.71
C GLU C 414 27.32 31.09 -3.23
N GLU C 415 28.45 31.35 -2.57
CA GLU C 415 29.23 30.23 -2.03
C GLU C 415 28.45 29.51 -0.95
N GLY C 416 27.56 30.22 -0.25
CA GLY C 416 26.75 29.60 0.78
C GLY C 416 25.93 28.43 0.26
N GLU C 417 25.53 28.49 -1.01
CA GLU C 417 24.73 27.38 -1.55
C GLU C 417 25.56 26.13 -1.69
N PHE C 418 26.86 26.28 -2.03
CA PHE C 418 27.75 25.12 -2.10
C PHE C 418 27.88 24.42 -0.76
N SER C 419 28.18 25.19 0.29
CA SER C 419 28.41 24.58 1.59
C SER C 419 27.09 24.03 2.15
N GLU C 420 26.01 24.79 2.01
CA GLU C 420 24.68 24.29 2.36
C GLU C 420 24.34 23.01 1.61
N ALA C 421 24.63 22.94 0.30
CA ALA C 421 24.39 21.69 -0.43
C ALA C 421 25.27 20.57 0.13
N ARG C 422 26.55 20.85 0.37
CA ARG C 422 27.46 19.82 0.83
C ARG C 422 27.12 19.37 2.26
N GLU C 423 26.71 20.30 3.12
CA GLU C 423 26.27 19.92 4.46
C GLU C 423 25.03 19.03 4.41
N ASP C 424 24.11 19.34 3.51
CA ASP C 424 22.95 18.48 3.28
C ASP C 424 23.39 17.07 2.92
N MET C 425 24.43 16.96 2.09
CA MET C 425 24.94 15.65 1.69
C MET C 425 25.63 14.95 2.84
N ALA C 426 26.31 15.70 3.71
CA ALA C 426 26.88 15.11 4.91
C ALA C 426 25.79 14.56 5.82
N ALA C 427 24.67 15.29 5.96
CA ALA C 427 23.57 14.78 6.77
C ALA C 427 22.99 13.53 6.13
N LEU C 428 22.94 13.50 4.80
CA LEU C 428 22.42 12.33 4.12
C LEU C 428 23.29 11.10 4.37
N GLU C 429 24.61 11.28 4.33
CA GLU C 429 25.49 10.18 4.70
C GLU C 429 25.26 9.74 6.13
N LYS C 430 25.10 10.69 7.06
CA LYS C 430 24.82 10.33 8.44
C LYS C 430 23.48 9.62 8.57
N ASP C 431 22.49 9.99 7.72
CA ASP C 431 21.20 9.32 7.76
C ASP C 431 21.32 7.85 7.36
N TYR C 432 22.13 7.56 6.34
CA TYR C 432 22.31 6.17 5.93
C TYR C 432 22.98 5.35 7.02
N GLU C 433 23.93 5.95 7.75
CA GLU C 433 24.54 5.29 8.89
C GLU C 433 23.50 5.01 9.96
N GLU C 434 22.68 6.01 10.29
CA GLU C 434 21.72 5.88 11.38
C GLU C 434 20.70 4.78 11.09
N VAL C 435 20.13 4.75 9.87
CA VAL C 435 19.07 3.76 9.62
C VAL C 435 19.63 2.34 9.59
N GLY C 436 20.95 2.18 9.47
CA GLY C 436 21.58 0.88 9.56
C GLY C 436 21.90 0.38 10.95
N VAL C 437 21.79 1.23 11.98
CA VAL C 437 22.06 0.78 13.34
C VAL C 437 20.93 -0.16 13.81
N ASP C 438 21.26 -1.03 14.76
CA ASP C 438 20.29 -1.97 15.32
C ASP C 438 19.40 -1.37 16.42
N MET D 1 25.03 28.86 -29.03
CA MET D 1 26.48 28.75 -29.20
C MET D 1 26.83 28.15 -30.55
N ARG D 2 26.89 28.99 -31.58
CA ARG D 2 27.27 28.50 -32.89
C ARG D 2 28.40 29.33 -33.47
N GLU D 3 28.18 30.62 -33.71
CA GLU D 3 29.10 31.43 -34.47
C GLU D 3 30.26 31.96 -33.62
N ILE D 4 31.45 31.94 -34.20
CA ILE D 4 32.62 32.59 -33.63
C ILE D 4 32.98 33.75 -34.54
N VAL D 5 33.34 34.88 -33.95
CA VAL D 5 33.80 36.05 -34.69
C VAL D 5 35.30 36.15 -34.48
N HIS D 6 36.05 36.04 -35.58
CA HIS D 6 37.50 36.03 -35.59
C HIS D 6 38.01 37.44 -35.89
N ILE D 7 39.05 37.85 -35.20
CA ILE D 7 39.67 39.15 -35.38
C ILE D 7 41.17 38.92 -35.39
N GLN D 8 41.88 39.53 -36.35
CA GLN D 8 43.33 39.42 -36.41
C GLN D 8 43.92 40.82 -36.50
N ALA D 9 44.87 41.12 -35.64
CA ALA D 9 45.33 42.49 -35.46
C ALA D 9 46.85 42.54 -35.57
N GLY D 10 47.34 43.51 -36.33
CA GLY D 10 48.78 43.65 -36.52
C GLY D 10 49.36 42.58 -37.45
N GLN D 11 50.67 42.68 -37.63
CA GLN D 11 51.34 41.84 -38.63
C GLN D 11 51.32 40.37 -38.21
N CYS D 12 51.82 40.07 -37.02
CA CYS D 12 51.77 38.69 -36.54
C CYS D 12 50.34 38.17 -36.56
N GLY D 13 49.41 38.95 -36.02
CA GLY D 13 48.03 38.52 -35.96
C GLY D 13 47.44 38.22 -37.32
N ASN D 14 47.74 39.07 -38.31
CA ASN D 14 47.19 38.84 -39.66
C ASN D 14 47.93 37.73 -40.38
N GLN D 15 49.22 37.55 -40.14
CA GLN D 15 49.97 36.46 -40.75
C GLN D 15 49.51 35.11 -40.20
N ILE D 16 49.49 34.96 -38.87
CA ILE D 16 49.02 33.68 -38.35
C ILE D 16 47.53 33.51 -38.59
N GLY D 17 46.74 34.60 -38.55
CA GLY D 17 45.32 34.50 -38.88
C GLY D 17 45.09 34.02 -40.31
N ALA D 18 45.82 34.57 -41.27
CA ALA D 18 45.65 34.15 -42.65
C ALA D 18 45.97 32.66 -42.80
N LYS D 19 47.10 32.23 -42.22
CA LYS D 19 47.47 30.82 -42.29
C LYS D 19 46.41 29.94 -41.65
N PHE D 20 45.85 30.36 -40.50
CA PHE D 20 44.72 29.65 -39.91
C PHE D 20 43.61 29.42 -40.93
N TRP D 21 43.22 30.48 -41.66
CA TRP D 21 42.10 30.39 -42.61
C TRP D 21 42.44 29.56 -43.83
N GLU D 22 43.69 29.61 -44.30
CA GLU D 22 44.07 28.70 -45.38
C GLU D 22 43.95 27.25 -44.91
N VAL D 23 44.42 26.97 -43.70
CA VAL D 23 44.49 25.58 -43.25
C VAL D 23 43.10 25.00 -43.02
N ILE D 24 42.26 25.71 -42.26
CA ILE D 24 40.94 25.14 -41.99
C ILE D 24 40.03 25.21 -43.22
N SER D 25 40.26 26.15 -44.14
CA SER D 25 39.49 26.14 -45.39
C SER D 25 39.79 24.89 -46.20
N ASP D 26 41.07 24.52 -46.29
CA ASP D 26 41.39 23.25 -46.93
C ASP D 26 40.76 22.08 -46.19
N GLU D 27 40.68 22.15 -44.85
CA GLU D 27 40.11 21.04 -44.09
C GLU D 27 38.61 20.94 -44.27
N HIS D 28 37.93 22.04 -44.59
CA HIS D 28 36.49 22.03 -44.78
C HIS D 28 36.11 22.03 -46.25
N GLY D 29 37.08 22.04 -47.16
CA GLY D 29 36.79 21.98 -48.58
C GLY D 29 36.36 23.29 -49.20
N ILE D 30 36.80 24.42 -48.66
CA ILE D 30 36.50 25.73 -49.23
C ILE D 30 37.71 26.21 -50.00
N ASP D 31 37.53 26.57 -51.29
CA ASP D 31 38.65 27.04 -52.09
C ASP D 31 38.83 28.55 -51.89
N PRO D 32 39.87 29.19 -52.45
CA PRO D 32 40.06 30.63 -52.18
C PRO D 32 38.92 31.51 -52.67
N THR D 33 37.97 31.00 -53.45
CA THR D 33 36.85 31.80 -53.92
C THR D 33 35.59 31.57 -53.10
N GLY D 34 35.66 30.79 -52.04
CA GLY D 34 34.53 30.58 -51.17
C GLY D 34 33.62 29.44 -51.57
N SER D 35 33.94 28.70 -52.63
CA SER D 35 33.09 27.59 -53.04
C SER D 35 33.49 26.31 -52.33
N TYR D 36 32.51 25.45 -52.02
CA TYR D 36 32.77 24.19 -51.32
C TYR D 36 32.98 23.07 -52.33
N HIS D 37 34.21 22.57 -52.43
CA HIS D 37 34.54 21.48 -53.34
C HIS D 37 35.02 20.25 -52.58
N GLY D 38 34.46 20.04 -51.39
CA GLY D 38 34.88 18.93 -50.56
C GLY D 38 34.08 17.65 -50.81
N ASP D 39 34.53 16.59 -50.17
CA ASP D 39 34.05 15.24 -50.45
C ASP D 39 33.22 14.65 -49.32
N SER D 40 33.04 15.38 -48.22
CA SER D 40 32.38 14.85 -47.03
C SER D 40 31.54 15.94 -46.38
N ASP D 41 30.29 15.61 -46.05
CA ASP D 41 29.41 16.58 -45.41
C ASP D 41 29.80 16.83 -43.96
N LEU D 42 30.56 15.92 -43.35
CA LEU D 42 31.27 16.17 -42.09
C LEU D 42 31.97 17.53 -42.09
N GLN D 43 32.46 17.95 -43.26
CA GLN D 43 33.13 19.24 -43.39
C GLN D 43 32.20 20.42 -43.26
N LEU D 44 30.88 20.21 -43.44
CA LEU D 44 29.92 21.30 -43.50
C LEU D 44 28.94 21.32 -42.35
N GLU D 45 28.93 20.29 -41.51
CA GLU D 45 27.90 20.18 -40.48
C GLU D 45 28.01 21.31 -39.46
N ARG D 46 29.23 21.77 -39.17
CA ARG D 46 29.42 22.86 -38.22
C ARG D 46 30.21 24.00 -38.84
N ILE D 47 30.23 24.08 -40.17
CA ILE D 47 31.03 25.09 -40.85
C ILE D 47 30.56 26.50 -40.54
N ASN D 48 29.33 26.65 -40.05
CA ASN D 48 28.84 27.97 -39.65
C ASN D 48 29.57 28.53 -38.44
N VAL D 49 30.25 27.69 -37.65
CA VAL D 49 30.99 28.21 -36.51
C VAL D 49 31.97 29.29 -36.98
N TYR D 50 32.67 29.03 -38.09
CA TYR D 50 33.65 29.99 -38.58
C TYR D 50 33.27 30.69 -39.89
N TYR D 51 32.25 30.22 -40.61
CA TYR D 51 31.95 30.79 -41.93
C TYR D 51 30.50 31.23 -42.01
N ASN D 52 30.28 32.39 -42.63
CA ASN D 52 28.94 32.78 -43.07
C ASN D 52 28.67 32.24 -44.46
N GLU D 53 27.42 31.85 -44.69
CA GLU D 53 27.02 31.39 -46.03
C GLU D 53 26.49 32.58 -46.81
N ALA D 54 27.07 32.83 -47.98
CA ALA D 54 26.83 34.03 -48.78
C ALA D 54 25.93 33.72 -49.98
N THR D 55 26.05 34.55 -51.03
CA THR D 55 25.11 34.51 -52.13
C THR D 55 25.24 33.24 -52.96
N GLY D 56 26.35 33.09 -53.69
CA GLY D 56 26.47 32.04 -54.68
C GLY D 56 26.93 30.69 -54.16
N ASN D 57 26.21 30.13 -53.18
CA ASN D 57 26.65 28.92 -52.48
C ASN D 57 28.08 29.10 -51.97
N LYS D 58 28.37 30.30 -51.47
CA LYS D 58 29.71 30.70 -51.05
C LYS D 58 29.81 30.66 -49.53
N TYR D 59 31.03 30.50 -49.04
CA TYR D 59 31.35 30.55 -47.62
C TYR D 59 32.40 31.62 -47.40
N VAL D 60 32.12 32.57 -46.53
CA VAL D 60 33.00 33.70 -46.25
C VAL D 60 33.45 33.59 -44.79
N PRO D 61 34.74 33.64 -44.51
CA PRO D 61 35.20 33.61 -43.12
C PRO D 61 34.53 34.71 -42.31
N ARG D 62 34.16 34.38 -41.06
CA ARG D 62 33.66 35.40 -40.14
C ARG D 62 34.87 36.05 -39.48
N ALA D 63 35.55 36.89 -40.27
CA ALA D 63 36.90 37.32 -39.98
C ALA D 63 37.01 38.83 -40.20
N ILE D 64 37.60 39.52 -39.23
CA ILE D 64 37.84 40.95 -39.29
C ILE D 64 39.35 41.15 -39.22
N LEU D 65 39.90 41.89 -40.19
CA LEU D 65 41.34 42.04 -40.40
C LEU D 65 41.70 43.47 -40.06
N VAL D 66 42.63 43.64 -39.11
CA VAL D 66 42.88 44.94 -38.52
C VAL D 66 44.39 45.18 -38.50
N ASP D 67 44.80 46.40 -38.89
CA ASP D 67 46.19 46.79 -38.68
C ASP D 67 46.31 48.31 -38.85
N LEU D 68 47.16 48.90 -38.00
CA LEU D 68 47.47 50.32 -38.17
C LEU D 68 48.36 50.55 -39.39
N GLU D 69 49.25 49.62 -39.66
CA GLU D 69 50.08 49.63 -40.86
C GLU D 69 49.23 49.21 -42.05
N PRO D 70 49.15 50.02 -43.11
CA PRO D 70 48.25 49.68 -44.21
C PRO D 70 48.72 48.48 -45.04
N GLY D 71 50.02 48.21 -45.10
CA GLY D 71 50.53 47.26 -46.08
C GLY D 71 50.27 45.81 -45.77
N THR D 72 49.98 45.50 -44.51
CA THR D 72 49.82 44.10 -44.10
C THR D 72 48.58 43.47 -44.70
N MET D 73 47.54 44.28 -44.96
CA MET D 73 46.34 43.71 -45.55
C MET D 73 46.43 43.64 -47.07
N ASP D 74 47.26 44.48 -47.69
CA ASP D 74 47.62 44.23 -49.08
C ASP D 74 48.33 42.90 -49.21
N SER D 75 49.24 42.61 -48.27
CA SER D 75 49.87 41.30 -48.17
C SER D 75 48.82 40.19 -48.02
N VAL D 76 47.79 40.43 -47.22
CA VAL D 76 46.75 39.41 -47.07
C VAL D 76 45.95 39.28 -48.36
N ARG D 77 45.51 40.42 -48.91
CA ARG D 77 44.70 40.39 -50.13
C ARG D 77 45.37 39.64 -51.27
N SER D 78 46.70 39.67 -51.33
CA SER D 78 47.45 38.98 -52.36
C SER D 78 47.97 37.62 -51.92
N GLY D 79 47.84 37.28 -50.65
CA GLY D 79 48.19 35.97 -50.19
C GLY D 79 47.20 34.95 -50.71
N PRO D 80 47.57 33.67 -50.66
CA PRO D 80 46.60 32.63 -50.99
C PRO D 80 45.43 32.69 -50.02
N PHE D 81 44.23 32.79 -50.59
CA PHE D 81 42.94 32.97 -49.90
C PHE D 81 42.68 34.43 -49.55
N GLY D 82 43.50 35.38 -50.03
CA GLY D 82 43.20 36.77 -49.77
C GLY D 82 41.85 37.22 -50.27
N GLN D 83 41.39 36.63 -51.39
CA GLN D 83 40.08 36.97 -51.95
C GLN D 83 38.92 36.35 -51.16
N ILE D 84 39.18 35.41 -50.25
CA ILE D 84 38.07 34.76 -49.55
C ILE D 84 37.44 35.70 -48.53
N PHE D 85 38.19 36.71 -48.07
CA PHE D 85 37.75 37.53 -46.96
C PHE D 85 36.77 38.59 -47.45
N ARG D 86 35.80 38.92 -46.61
CA ARG D 86 34.87 39.99 -46.95
C ARG D 86 35.63 41.29 -47.11
N PRO D 87 35.53 41.96 -48.27
CA PRO D 87 36.32 43.20 -48.48
C PRO D 87 36.03 44.27 -47.44
N ASP D 88 34.79 44.40 -47.02
CA ASP D 88 34.41 45.38 -46.02
C ASP D 88 34.98 45.08 -44.63
N ASN D 89 35.54 43.89 -44.42
CA ASN D 89 36.08 43.54 -43.11
C ASN D 89 37.57 43.89 -42.95
N PHE D 90 38.19 44.51 -43.95
CA PHE D 90 39.55 45.00 -43.83
C PHE D 90 39.50 46.39 -43.22
N VAL D 91 40.10 46.57 -42.04
CA VAL D 91 40.15 47.87 -41.38
C VAL D 91 41.62 48.26 -41.21
N PHE D 92 42.03 49.29 -41.94
CA PHE D 92 43.43 49.66 -42.13
C PHE D 92 43.62 51.10 -41.67
N GLY D 93 44.67 51.35 -40.90
CA GLY D 93 45.10 52.69 -40.59
C GLY D 93 46.21 53.14 -41.52
N GLN D 94 46.79 54.29 -41.19
CA GLN D 94 47.83 54.90 -42.03
C GLN D 94 49.24 54.62 -41.53
N SER D 95 49.49 54.62 -40.22
CA SER D 95 50.84 54.43 -39.71
C SER D 95 50.86 53.41 -38.59
N GLY D 96 51.76 52.44 -38.69
CA GLY D 96 51.95 51.45 -37.65
C GLY D 96 52.30 52.08 -36.31
N ALA D 97 52.25 51.25 -35.28
CA ALA D 97 52.45 51.71 -33.91
C ALA D 97 53.91 51.76 -33.49
N GLY D 98 54.83 51.55 -34.42
CA GLY D 98 56.26 51.57 -34.11
C GLY D 98 56.66 50.68 -32.95
N ASN D 99 56.14 49.45 -32.89
CA ASN D 99 56.36 48.55 -31.77
C ASN D 99 56.07 49.23 -30.43
N ASN D 100 55.13 50.17 -30.41
CA ASN D 100 54.84 50.96 -29.22
C ASN D 100 53.44 50.61 -28.71
N TRP D 101 53.37 49.91 -27.59
CA TRP D 101 52.09 49.54 -27.00
C TRP D 101 51.20 50.75 -26.78
N ALA D 102 51.80 51.87 -26.33
CA ALA D 102 50.97 53.02 -26.02
C ALA D 102 50.30 53.58 -27.27
N LYS D 103 51.00 53.57 -28.39
CA LYS D 103 50.39 53.99 -29.66
C LYS D 103 49.21 53.08 -29.99
N GLY D 104 49.40 51.76 -29.88
CA GLY D 104 48.35 50.82 -30.20
C GLY D 104 47.14 50.93 -29.29
N HIS D 105 47.37 51.21 -28.00
CA HIS D 105 46.34 51.13 -26.98
C HIS D 105 45.69 52.47 -26.65
N TYR D 106 46.43 53.56 -26.74
CA TYR D 106 45.96 54.84 -26.22
C TYR D 106 45.79 55.93 -27.26
N THR D 107 46.53 55.89 -28.36
CA THR D 107 46.48 57.02 -29.27
C THR D 107 46.07 56.59 -30.67
N GLU D 108 47.01 56.19 -31.52
CA GLU D 108 46.68 55.81 -32.90
C GLU D 108 45.67 54.66 -32.92
N GLY D 109 45.90 53.64 -32.11
CA GLY D 109 44.98 52.52 -32.08
C GLY D 109 43.58 52.93 -31.68
N ALA D 110 43.47 53.90 -30.77
CA ALA D 110 42.15 54.33 -30.31
C ALA D 110 41.39 55.09 -31.37
N GLU D 111 42.09 55.70 -32.34
CA GLU D 111 41.41 56.39 -33.40
C GLU D 111 40.83 55.47 -34.45
N LEU D 112 41.39 54.26 -34.59
CA LEU D 112 40.90 53.28 -35.53
C LEU D 112 39.91 52.29 -34.93
N VAL D 113 39.78 52.24 -33.59
CA VAL D 113 39.07 51.12 -32.96
C VAL D 113 37.58 51.19 -33.22
N ASP D 114 37.01 52.40 -33.28
CA ASP D 114 35.57 52.49 -33.53
C ASP D 114 35.22 51.99 -34.93
N SER D 115 36.12 52.17 -35.88
CA SER D 115 35.90 51.61 -37.21
C SER D 115 35.90 50.09 -37.17
N VAL D 116 36.78 49.49 -36.35
CA VAL D 116 36.75 48.04 -36.17
C VAL D 116 35.44 47.60 -35.55
N LEU D 117 34.93 48.37 -34.58
CA LEU D 117 33.71 47.96 -33.90
C LEU D 117 32.52 47.96 -34.87
N ASP D 118 32.49 48.88 -35.84
CA ASP D 118 31.51 48.83 -36.92
C ASP D 118 31.41 47.43 -37.52
N VAL D 119 32.55 46.89 -37.95
CA VAL D 119 32.59 45.58 -38.57
C VAL D 119 32.22 44.50 -37.56
N VAL D 120 32.73 44.62 -36.33
CA VAL D 120 32.47 43.58 -35.33
C VAL D 120 30.99 43.50 -35.03
N ARG D 121 30.32 44.66 -34.95
CA ARG D 121 28.88 44.68 -34.66
C ARG D 121 28.08 44.02 -35.78
N LYS D 122 28.44 44.28 -37.04
CA LYS D 122 27.65 43.71 -38.13
C LYS D 122 27.81 42.20 -38.19
N GLU D 123 29.03 41.70 -37.99
CA GLU D 123 29.20 40.26 -37.90
C GLU D 123 28.46 39.68 -36.70
N SER D 124 28.50 40.36 -35.55
CA SER D 124 27.95 39.77 -34.34
C SER D 124 26.43 39.80 -34.35
N GLU D 125 25.84 40.88 -34.90
CA GLU D 125 24.39 41.00 -34.94
C GLU D 125 23.76 40.04 -35.93
N SER D 126 24.50 39.66 -36.97
CA SER D 126 24.01 38.67 -37.91
C SER D 126 24.08 37.24 -37.38
N CYS D 127 24.60 37.04 -36.16
CA CYS D 127 24.75 35.70 -35.62
C CYS D 127 23.47 35.21 -34.98
N ASP D 128 23.13 33.95 -35.26
CA ASP D 128 21.99 33.32 -34.60
C ASP D 128 22.27 33.08 -33.12
N CYS D 129 23.46 32.59 -32.80
CA CYS D 129 23.84 32.39 -31.40
C CYS D 129 25.35 32.52 -31.30
N LEU D 130 25.80 33.71 -30.91
CA LEU D 130 27.23 34.05 -30.89
C LEU D 130 27.91 33.41 -29.70
N GLN D 131 28.87 32.51 -29.96
CA GLN D 131 29.75 32.00 -28.91
C GLN D 131 30.60 33.10 -28.31
N GLY D 132 31.24 33.89 -29.16
CA GLY D 132 32.20 34.88 -28.72
C GLY D 132 33.21 35.13 -29.83
N PHE D 133 34.41 35.56 -29.41
CA PHE D 133 35.41 36.11 -30.29
C PHE D 133 36.73 35.39 -30.10
N GLN D 134 37.49 35.23 -31.19
CA GLN D 134 38.87 34.81 -31.07
C GLN D 134 39.76 35.83 -31.79
N LEU D 135 40.80 36.24 -31.07
CA LEU D 135 41.72 37.28 -31.52
C LEU D 135 43.11 36.67 -31.69
N THR D 136 43.71 36.88 -32.85
CA THR D 136 45.11 36.54 -33.06
C THR D 136 45.93 37.82 -33.05
N HIS D 137 47.09 37.75 -32.40
CA HIS D 137 47.91 38.95 -32.25
C HIS D 137 49.20 38.52 -31.57
N SER D 138 50.22 39.35 -31.73
CA SER D 138 51.45 39.26 -30.96
C SER D 138 51.34 40.17 -29.74
N LEU D 139 52.09 39.84 -28.70
CA LEU D 139 52.16 40.71 -27.54
C LEU D 139 53.36 41.64 -27.55
N GLY D 140 54.31 41.42 -28.47
CA GLY D 140 55.56 42.16 -28.44
C GLY D 140 55.59 43.40 -29.32
N GLY D 141 54.67 43.51 -30.27
CA GLY D 141 54.58 44.67 -31.14
C GLY D 141 53.75 45.77 -30.51
N GLY D 142 53.18 46.61 -31.36
CA GLY D 142 52.39 47.73 -30.87
C GLY D 142 50.92 47.65 -31.24
N THR D 143 50.61 47.11 -32.42
CA THR D 143 49.22 47.09 -32.84
C THR D 143 48.49 45.88 -32.27
N GLY D 144 48.99 44.68 -32.59
CA GLY D 144 48.38 43.48 -32.05
C GLY D 144 48.31 43.51 -30.53
N SER D 145 49.35 44.02 -29.90
CA SER D 145 49.37 43.96 -28.44
C SER D 145 48.56 45.10 -27.85
N GLY D 146 48.84 46.33 -28.26
CA GLY D 146 48.16 47.49 -27.70
C GLY D 146 46.73 47.66 -28.20
N MET D 147 46.56 47.72 -29.52
CA MET D 147 45.21 47.84 -30.04
C MET D 147 44.43 46.53 -29.92
N GLY D 148 45.15 45.41 -29.91
CA GLY D 148 44.48 44.13 -29.68
C GLY D 148 43.82 44.09 -28.30
N THR D 149 44.56 44.45 -27.25
CA THR D 149 43.96 44.45 -25.92
C THR D 149 42.93 45.55 -25.78
N LEU D 150 43.13 46.69 -26.46
CA LEU D 150 42.10 47.72 -26.43
C LEU D 150 40.79 47.20 -27.03
N LEU D 151 40.89 46.51 -28.17
CA LEU D 151 39.72 45.89 -28.79
C LEU D 151 39.00 44.95 -27.83
N ILE D 152 39.75 44.03 -27.22
CA ILE D 152 39.14 43.12 -26.26
C ILE D 152 38.31 43.88 -25.23
N SER D 153 38.90 44.92 -24.63
CA SER D 153 38.17 45.72 -23.65
C SER D 153 36.91 46.31 -24.25
N LYS D 154 37.03 46.98 -25.40
CA LYS D 154 35.86 47.62 -26.00
C LYS D 154 34.80 46.59 -26.38
N ILE D 155 35.22 45.47 -26.98
CA ILE D 155 34.25 44.43 -27.35
C ILE D 155 33.58 43.86 -26.11
N ARG D 156 34.36 43.66 -25.05
CA ARG D 156 33.83 43.11 -23.81
C ARG D 156 32.74 44.01 -23.24
N GLU D 157 32.87 45.33 -23.40
CA GLU D 157 31.88 46.24 -22.88
C GLU D 157 30.54 46.04 -23.56
N GLU D 158 30.55 45.71 -24.85
CA GLU D 158 29.30 45.52 -25.58
C GLU D 158 28.80 44.08 -25.55
N TYR D 159 29.70 43.11 -25.42
CA TYR D 159 29.33 41.70 -25.40
C TYR D 159 29.87 41.01 -24.15
N PRO D 160 29.52 41.51 -22.96
CA PRO D 160 30.12 41.02 -21.71
C PRO D 160 29.73 39.58 -21.37
N ASP D 161 28.71 39.04 -22.00
CA ASP D 161 28.28 37.66 -21.78
C ASP D 161 28.79 36.70 -22.85
N ARG D 162 29.75 37.10 -23.69
CA ARG D 162 30.31 36.20 -24.68
C ARG D 162 31.74 35.86 -24.26
N ILE D 163 32.24 34.71 -24.73
CA ILE D 163 33.58 34.27 -24.38
C ILE D 163 34.59 35.05 -25.20
N MET D 164 35.69 35.46 -24.55
CA MET D 164 36.79 36.17 -25.21
C MET D 164 37.97 35.22 -25.24
N ASN D 165 38.33 34.78 -26.44
CA ASN D 165 39.42 33.84 -26.64
C ASN D 165 40.48 34.53 -27.49
N THR D 166 41.74 34.29 -27.16
CA THR D 166 42.83 34.91 -27.96
C THR D 166 43.98 33.93 -28.18
N PHE D 167 44.62 34.04 -29.35
CA PHE D 167 45.86 33.29 -29.64
C PHE D 167 46.98 34.33 -29.53
N SER D 168 47.76 34.33 -28.48
CA SER D 168 48.66 35.44 -28.18
C SER D 168 50.11 35.01 -28.36
N VAL D 169 50.83 35.62 -29.31
CA VAL D 169 52.21 35.26 -29.60
C VAL D 169 53.16 36.02 -28.68
N MET D 170 53.87 35.27 -27.78
CA MET D 170 54.80 35.86 -26.81
C MET D 170 56.14 36.13 -27.48
N PRO D 171 56.80 37.24 -27.16
CA PRO D 171 58.05 37.57 -27.82
C PRO D 171 59.23 36.77 -27.28
N SER D 172 60.28 36.70 -28.10
CA SER D 172 61.51 36.04 -27.73
C SER D 172 62.67 36.80 -28.35
N PRO D 173 63.70 37.13 -27.55
CA PRO D 173 64.92 37.71 -28.11
C PRO D 173 65.53 36.85 -29.21
N LYS D 174 65.23 35.55 -29.26
CA LYS D 174 65.76 34.70 -30.31
C LYS D 174 65.16 35.02 -31.66
N VAL D 175 64.02 35.70 -31.68
CA VAL D 175 63.25 35.91 -32.90
C VAL D 175 63.17 37.39 -33.24
N SER D 176 63.11 38.26 -32.23
CA SER D 176 63.10 39.70 -32.49
C SER D 176 64.08 40.42 -31.58
N ASP D 177 64.81 41.38 -32.18
CA ASP D 177 65.77 42.23 -31.49
C ASP D 177 65.14 43.49 -30.88
N THR D 178 63.84 43.70 -31.06
CA THR D 178 63.18 44.90 -30.57
C THR D 178 63.20 44.88 -29.05
N VAL D 179 63.96 45.78 -28.44
CA VAL D 179 64.28 45.65 -27.04
C VAL D 179 63.06 45.88 -26.15
N VAL D 180 62.04 46.60 -26.64
CA VAL D 180 60.91 46.92 -25.77
C VAL D 180 59.81 45.86 -25.80
N GLU D 181 60.01 44.75 -26.49
CA GLU D 181 58.99 43.70 -26.49
C GLU D 181 58.63 43.19 -25.10
N PRO D 182 59.56 43.04 -24.14
CA PRO D 182 59.12 42.71 -22.77
C PRO D 182 58.17 43.73 -22.19
N TYR D 183 58.31 45.00 -22.57
CA TYR D 183 57.37 46.02 -22.11
C TYR D 183 56.00 45.80 -22.73
N ASN D 184 55.94 45.68 -24.06
CA ASN D 184 54.67 45.50 -24.74
C ASN D 184 53.98 44.22 -24.26
N ALA D 185 54.77 43.16 -24.01
CA ALA D 185 54.19 41.89 -23.59
C ALA D 185 53.65 41.97 -22.18
N THR D 186 54.37 42.64 -21.28
CA THR D 186 53.90 42.75 -19.91
C THR D 186 52.66 43.65 -19.82
N LEU D 187 52.64 44.76 -20.57
CA LEU D 187 51.43 45.59 -20.59
C LEU D 187 50.24 44.81 -21.13
N SER D 188 50.49 43.95 -22.14
CA SER D 188 49.43 43.13 -22.71
C SER D 188 48.94 42.09 -21.72
N VAL D 189 49.86 41.33 -21.11
CA VAL D 189 49.50 40.24 -20.22
C VAL D 189 48.61 40.76 -19.09
N HIS D 190 48.92 41.93 -18.58
CA HIS D 190 48.06 42.60 -17.60
C HIS D 190 46.62 42.66 -18.11
N GLN D 191 46.43 43.10 -19.36
CA GLN D 191 45.09 43.21 -19.92
C GLN D 191 44.46 41.85 -20.13
N LEU D 192 45.24 40.87 -20.57
CA LEU D 192 44.69 39.55 -20.83
C LEU D 192 44.27 38.86 -19.55
N VAL D 193 44.99 39.07 -18.45
CA VAL D 193 44.60 38.46 -17.18
C VAL D 193 43.20 38.88 -16.79
N GLU D 194 42.83 40.12 -17.09
CA GLU D 194 41.57 40.71 -16.65
CA GLU D 194 41.57 40.70 -16.65
C GLU D 194 40.43 40.63 -17.67
N ASN D 195 40.72 40.56 -18.96
CA ASN D 195 39.67 40.70 -19.96
C ASN D 195 39.49 39.54 -20.93
N THR D 196 40.30 38.49 -20.88
CA THR D 196 40.03 37.32 -21.69
C THR D 196 39.65 36.13 -20.82
N ASP D 197 38.92 35.19 -21.41
CA ASP D 197 38.45 33.99 -20.73
C ASP D 197 39.38 32.82 -20.96
N GLU D 198 40.05 32.81 -22.11
CA GLU D 198 40.92 31.73 -22.53
C GLU D 198 41.98 32.36 -23.43
N THR D 199 43.25 32.05 -23.17
CA THR D 199 44.35 32.53 -24.01
C THR D 199 45.28 31.37 -24.28
N TYR D 200 45.50 31.07 -25.57
CA TYR D 200 46.54 30.13 -25.95
C TYR D 200 47.86 30.88 -26.05
N CYS D 201 48.84 30.41 -25.29
CA CYS D 201 50.17 31.01 -25.24
C CYS D 201 51.02 30.45 -26.37
N ILE D 202 51.20 31.23 -27.42
CA ILE D 202 52.03 30.86 -28.58
C ILE D 202 53.37 31.57 -28.37
N ASP D 203 54.41 30.80 -28.00
CA ASP D 203 55.68 31.38 -27.55
C ASP D 203 56.69 31.34 -28.71
N ASN D 204 57.09 32.52 -29.21
CA ASN D 204 58.13 32.53 -30.26
C ASN D 204 59.41 31.84 -29.81
N GLU D 205 59.71 31.87 -28.50
CA GLU D 205 60.87 31.16 -28.01
C GLU D 205 60.75 29.66 -28.27
N ALA D 206 59.60 29.09 -27.95
CA ALA D 206 59.37 27.68 -28.22
C ALA D 206 59.40 27.40 -29.72
N LEU D 207 58.73 28.24 -30.52
CA LEU D 207 58.66 28.00 -31.96
C LEU D 207 60.05 28.00 -32.59
N TYR D 208 60.90 28.95 -32.18
CA TYR D 208 62.27 28.98 -32.67
C TYR D 208 63.03 27.73 -32.23
N ASP D 209 62.95 27.39 -30.94
CA ASP D 209 63.66 26.23 -30.42
C ASP D 209 63.26 24.98 -31.17
N ILE D 210 61.96 24.79 -31.42
CA ILE D 210 61.52 23.63 -32.19
C ILE D 210 62.12 23.65 -33.60
N CYS D 211 62.04 24.80 -34.27
CA CYS D 211 62.58 24.90 -35.63
C CYS D 211 64.09 24.67 -35.64
N PHE D 212 64.81 25.31 -34.73
CA PHE D 212 66.27 25.16 -34.70
C PHE D 212 66.67 23.75 -34.23
N ARG D 213 66.15 23.30 -33.09
CA ARG D 213 66.63 22.06 -32.49
C ARG D 213 66.01 20.83 -33.13
N THR D 214 64.71 20.84 -33.39
CA THR D 214 64.08 19.62 -33.86
C THR D 214 63.99 19.56 -35.39
N LEU D 215 63.68 20.69 -36.03
CA LEU D 215 63.56 20.71 -37.48
C LEU D 215 64.89 21.07 -38.17
N LYS D 216 65.96 21.30 -37.40
CA LYS D 216 67.30 21.59 -37.92
C LYS D 216 67.28 22.75 -38.91
N LEU D 217 66.48 23.75 -38.58
CA LEU D 217 66.45 25.00 -39.33
C LEU D 217 67.47 25.94 -38.70
N THR D 218 68.59 26.14 -39.39
CA THR D 218 69.64 27.00 -38.84
C THR D 218 69.14 28.43 -38.66
N THR D 219 68.37 28.94 -39.62
CA THR D 219 67.83 30.30 -39.58
C THR D 219 66.33 30.23 -39.87
N PRO D 220 65.50 29.97 -38.86
CA PRO D 220 64.06 29.89 -39.12
C PRO D 220 63.48 31.25 -39.49
N THR D 221 62.53 31.21 -40.40
CA THR D 221 61.78 32.41 -40.73
C THR D 221 60.41 32.31 -40.07
N TYR D 222 59.68 33.43 -40.13
CA TYR D 222 58.30 33.47 -39.65
C TYR D 222 57.44 32.42 -40.34
N GLY D 223 57.67 32.17 -41.63
CA GLY D 223 56.99 31.07 -42.29
C GLY D 223 57.21 29.74 -41.60
N ASP D 224 58.45 29.46 -41.18
CA ASP D 224 58.71 28.24 -40.42
C ASP D 224 57.96 28.25 -39.10
N LEU D 225 58.03 29.38 -38.37
CA LEU D 225 57.38 29.44 -37.07
C LEU D 225 55.87 29.30 -37.22
N ASN D 226 55.29 29.96 -38.24
CA ASN D 226 53.85 30.00 -38.45
C ASN D 226 53.28 28.65 -38.88
N HIS D 227 54.10 27.82 -39.53
CA HIS D 227 53.66 26.44 -39.78
C HIS D 227 53.33 25.72 -38.48
N LEU D 228 54.11 25.96 -37.42
CA LEU D 228 53.78 25.30 -36.16
C LEU D 228 52.55 25.94 -35.52
N VAL D 229 52.38 27.26 -35.69
CA VAL D 229 51.20 27.93 -35.15
C VAL D 229 49.94 27.45 -35.84
N SER D 230 49.98 27.32 -37.15
CA SER D 230 48.76 26.99 -37.87
C SER D 230 48.37 25.54 -37.60
N ALA D 231 49.35 24.65 -37.46
CA ALA D 231 49.03 23.28 -37.09
C ALA D 231 48.42 23.21 -35.70
N THR D 232 48.93 24.03 -34.78
CA THR D 232 48.38 24.10 -33.43
C THR D 232 46.95 24.63 -33.44
N MET D 233 46.72 25.72 -34.19
CA MET D 233 45.39 26.34 -34.22
C MET D 233 44.37 25.40 -34.85
N SER D 234 44.77 24.67 -35.90
CA SER D 234 43.87 23.67 -36.46
C SER D 234 43.49 22.63 -35.41
N GLY D 235 44.48 22.18 -34.63
CA GLY D 235 44.25 21.12 -33.68
C GLY D 235 43.40 21.55 -32.49
N VAL D 236 43.70 22.74 -31.94
CA VAL D 236 42.93 23.15 -30.77
C VAL D 236 41.49 23.53 -31.14
N THR D 237 41.21 23.91 -32.39
CA THR D 237 39.83 24.24 -32.75
C THR D 237 39.12 23.09 -33.43
N THR D 238 39.69 21.88 -33.39
CA THR D 238 39.09 20.72 -34.05
C THR D 238 37.68 20.45 -33.53
N CYS D 239 37.49 20.43 -32.21
CA CYS D 239 36.18 20.08 -31.68
C CYS D 239 35.16 21.21 -31.77
N LEU D 240 35.60 22.43 -32.12
CA LEU D 240 34.67 23.50 -32.43
C LEU D 240 34.10 23.36 -33.83
N ARG D 241 34.85 22.73 -34.74
CA ARG D 241 34.59 22.79 -36.17
C ARG D 241 34.00 21.52 -36.75
N PHE D 242 34.19 20.41 -36.07
CA PHE D 242 33.76 19.15 -36.64
C PHE D 242 32.77 18.49 -35.70
N PRO D 243 31.86 17.67 -36.23
CA PRO D 243 30.95 16.95 -35.34
C PRO D 243 31.66 15.74 -34.75
N GLY D 244 31.53 15.58 -33.44
CA GLY D 244 32.12 14.44 -32.78
C GLY D 244 31.33 14.07 -31.55
N GLN D 245 31.84 13.12 -30.75
CA GLN D 245 31.19 12.83 -29.47
C GLN D 245 31.14 14.08 -28.60
N LEU D 246 32.17 14.91 -28.67
CA LEU D 246 32.22 16.18 -27.96
C LEU D 246 31.96 17.29 -28.96
N ASN D 247 30.77 17.87 -28.91
CA ASN D 247 30.49 19.10 -29.66
C ASN D 247 30.86 20.26 -28.76
N ALA D 248 32.12 20.67 -28.86
CA ALA D 248 32.65 21.68 -27.98
C ALA D 248 32.17 23.07 -28.40
N ASP D 249 32.18 23.97 -27.44
CA ASP D 249 32.06 25.38 -27.71
C ASP D 249 32.99 26.09 -26.75
N LEU D 250 33.15 27.40 -26.97
CA LEU D 250 34.13 28.17 -26.20
C LEU D 250 33.75 28.24 -24.73
N ARG D 251 32.46 28.17 -24.38
CA ARG D 251 32.15 28.30 -22.95
C ARG D 251 32.36 26.99 -22.22
N LYS D 252 32.05 25.85 -22.84
CA LYS D 252 32.32 24.58 -22.18
C LYS D 252 33.83 24.33 -22.06
N LEU D 253 34.61 24.85 -23.01
CA LEU D 253 36.06 24.82 -22.86
C LEU D 253 36.48 25.58 -21.60
N ALA D 254 36.01 26.83 -21.47
CA ALA D 254 36.45 27.66 -20.36
C ALA D 254 36.03 27.07 -19.02
N VAL D 255 34.78 26.59 -18.91
CA VAL D 255 34.27 26.08 -17.65
C VAL D 255 35.10 24.90 -17.19
N ASN D 256 35.41 23.99 -18.10
CA ASN D 256 36.12 22.78 -17.74
C ASN D 256 37.64 22.96 -17.65
N MET D 257 38.20 23.98 -18.32
CA MET D 257 39.66 24.15 -18.34
C MET D 257 40.19 25.17 -17.34
N VAL D 258 39.34 26.06 -16.81
CA VAL D 258 39.81 27.22 -16.05
C VAL D 258 39.27 27.15 -14.61
N PRO D 259 40.01 26.55 -13.68
CA PRO D 259 39.51 26.44 -12.30
C PRO D 259 39.54 27.75 -11.54
N PHE D 260 40.29 28.75 -12.01
CA PHE D 260 40.43 30.04 -11.36
C PHE D 260 40.50 31.12 -12.44
N PRO D 261 39.70 32.19 -12.33
CA PRO D 261 39.56 33.12 -13.46
C PRO D 261 40.88 33.56 -14.09
N ARG D 262 41.87 33.96 -13.28
CA ARG D 262 43.11 34.49 -13.83
C ARG D 262 43.95 33.42 -14.52
N LEU D 263 43.84 32.16 -14.09
CA LEU D 263 44.70 31.09 -14.59
C LEU D 263 44.07 30.47 -15.84
N HIS D 264 44.01 31.29 -16.89
CA HIS D 264 43.39 30.88 -18.14
C HIS D 264 44.38 30.99 -19.32
N PHE D 265 45.66 30.79 -19.05
CA PHE D 265 46.72 30.80 -20.08
C PHE D 265 47.17 29.37 -20.36
N PHE D 266 46.81 28.85 -21.53
CA PHE D 266 47.06 27.46 -21.87
C PHE D 266 48.42 27.29 -22.56
N MET D 267 49.02 26.14 -22.28
CA MET D 267 50.22 25.64 -22.93
C MET D 267 49.78 24.64 -24.00
N PRO D 268 49.81 24.98 -25.30
CA PRO D 268 49.48 24.00 -26.33
C PRO D 268 50.69 23.15 -26.71
N GLY D 269 50.38 21.95 -27.19
CA GLY D 269 51.40 21.03 -27.66
C GLY D 269 50.88 20.30 -28.89
N PHE D 270 51.80 19.87 -29.74
CA PHE D 270 51.41 19.22 -30.97
C PHE D 270 52.39 18.10 -31.29
N ALA D 271 51.87 16.99 -31.81
CA ALA D 271 52.70 15.94 -32.37
C ALA D 271 51.99 15.39 -33.61
N PRO D 272 52.74 15.04 -34.66
CA PRO D 272 54.20 15.20 -34.80
C PRO D 272 54.62 16.61 -35.20
N LEU D 273 55.87 16.95 -34.90
CA LEU D 273 56.46 18.20 -35.36
C LEU D 273 57.00 18.00 -36.78
N THR D 274 56.66 18.93 -37.68
CA THR D 274 57.06 18.85 -39.07
C THR D 274 57.47 20.23 -39.57
N SER D 275 58.35 20.24 -40.57
CA SER D 275 58.64 21.48 -41.28
C SER D 275 57.61 21.67 -42.39
N ARG D 276 57.50 22.91 -42.87
CA ARG D 276 56.47 23.21 -43.85
C ARG D 276 56.76 22.52 -45.18
N GLY D 277 55.68 22.27 -45.93
CA GLY D 277 55.71 21.60 -47.21
C GLY D 277 56.66 20.42 -47.26
N SER D 278 56.52 19.50 -46.30
CA SER D 278 57.45 18.39 -46.19
C SER D 278 56.68 17.09 -46.11
N GLN D 279 56.95 16.18 -47.05
CA GLN D 279 56.34 14.87 -47.04
C GLN D 279 56.63 14.16 -45.72
N GLN D 280 55.60 13.53 -45.17
CA GLN D 280 55.75 12.66 -44.01
C GLN D 280 55.84 11.22 -44.51
N TYR D 281 57.05 10.64 -44.42
CA TYR D 281 57.30 9.33 -44.97
C TYR D 281 56.67 8.20 -44.17
N ARG D 282 56.51 8.37 -42.86
CA ARG D 282 55.82 7.39 -42.04
C ARG D 282 55.04 8.11 -40.94
N ALA D 283 53.78 7.74 -40.78
CA ALA D 283 52.96 8.28 -39.71
C ALA D 283 53.51 7.87 -38.35
N LEU D 284 52.87 8.31 -37.27
CA LEU D 284 53.29 7.94 -35.92
C LEU D 284 52.25 7.03 -35.29
N THR D 285 52.66 6.35 -34.22
CA THR D 285 51.77 5.44 -33.50
C THR D 285 51.01 6.17 -32.40
N VAL D 286 49.91 5.57 -31.96
CA VAL D 286 49.10 6.18 -30.89
C VAL D 286 49.91 6.36 -29.63
N PRO D 287 50.64 5.37 -29.10
CA PRO D 287 51.45 5.64 -27.91
C PRO D 287 52.60 6.60 -28.19
N GLU D 288 53.11 6.64 -29.43
CA GLU D 288 54.06 7.69 -29.78
C GLU D 288 53.40 9.07 -29.66
N LEU D 289 52.24 9.24 -30.31
CA LEU D 289 51.51 10.50 -30.22
C LEU D 289 51.18 10.86 -28.77
N THR D 290 50.89 9.87 -27.94
CA THR D 290 50.42 10.14 -26.59
C THR D 290 51.52 10.66 -25.67
N GLN D 291 52.70 10.03 -25.71
CA GLN D 291 53.80 10.50 -24.86
C GLN D 291 54.43 11.77 -25.43
N GLN D 292 54.62 11.82 -26.75
CA GLN D 292 55.24 12.98 -27.38
C GLN D 292 54.41 14.24 -27.16
N MET D 293 53.10 14.07 -26.97
CA MET D 293 52.23 15.22 -26.70
C MET D 293 52.60 15.91 -25.40
N PHE D 294 52.98 15.13 -24.37
CA PHE D 294 53.34 15.66 -23.06
C PHE D 294 54.85 15.93 -22.93
N ASP D 295 55.58 15.92 -24.04
CA ASP D 295 57.03 16.14 -24.08
C ASP D 295 57.32 17.63 -24.23
N SER D 296 58.27 18.15 -23.44
CA SER D 296 58.57 19.58 -23.50
C SER D 296 59.02 20.01 -24.89
N LYS D 297 59.63 19.11 -25.67
CA LYS D 297 60.02 19.43 -27.05
C LYS D 297 58.83 19.68 -27.95
N ASN D 298 57.60 19.31 -27.53
CA ASN D 298 56.43 19.48 -28.38
C ASN D 298 55.51 20.59 -27.91
N MET D 299 55.90 21.34 -26.87
CA MET D 299 55.11 22.44 -26.35
C MET D 299 55.34 23.70 -27.18
N MET D 300 54.27 24.45 -27.42
CA MET D 300 54.30 25.73 -28.11
C MET D 300 54.54 26.90 -27.16
N ALA D 301 54.70 26.62 -25.88
CA ALA D 301 55.15 27.58 -24.89
C ALA D 301 56.46 27.02 -24.33
N ALA D 302 57.45 27.88 -24.15
CA ALA D 302 58.78 27.38 -23.78
C ALA D 302 58.78 27.10 -22.28
N CYS D 303 58.06 26.03 -21.91
CA CYS D 303 57.93 25.60 -20.52
C CYS D 303 58.02 24.09 -20.51
N ASP D 304 58.72 23.55 -19.52
CA ASP D 304 58.77 22.11 -19.33
C ASP D 304 57.54 21.71 -18.51
N PRO D 305 56.62 20.92 -19.04
CA PRO D 305 55.46 20.51 -18.22
C PRO D 305 55.87 19.70 -17.00
N ARG D 306 57.02 19.05 -17.02
CA ARG D 306 57.45 18.30 -15.84
C ARG D 306 57.99 19.21 -14.74
N HIS D 307 58.08 20.50 -15.01
CA HIS D 307 58.46 21.48 -14.00
C HIS D 307 57.27 21.99 -13.20
N GLY D 308 56.05 21.62 -13.58
CA GLY D 308 54.87 22.02 -12.82
C GLY D 308 53.85 20.91 -12.77
N ARG D 309 52.57 21.25 -12.66
CA ARG D 309 51.52 20.26 -12.61
C ARG D 309 50.36 20.72 -13.47
N TYR D 310 49.70 19.79 -14.14
CA TYR D 310 48.51 20.09 -14.91
C TYR D 310 47.31 20.26 -13.99
N LEU D 311 46.71 21.45 -14.03
CA LEU D 311 45.38 21.66 -13.47
C LEU D 311 44.33 20.88 -14.28
N THR D 312 44.37 21.01 -15.59
CA THR D 312 43.40 20.43 -16.52
C THR D 312 44.10 20.22 -17.85
N VAL D 313 43.69 19.19 -18.59
CA VAL D 313 44.28 18.90 -19.88
C VAL D 313 43.17 18.51 -20.86
N ALA D 314 43.25 19.03 -22.09
CA ALA D 314 42.40 18.57 -23.17
C ALA D 314 43.27 18.05 -24.31
N ALA D 315 42.96 16.86 -24.79
CA ALA D 315 43.77 16.20 -25.81
C ALA D 315 42.87 15.87 -26.99
N ILE D 316 43.33 16.17 -28.20
CA ILE D 316 42.61 15.92 -29.44
C ILE D 316 43.48 15.04 -30.30
N PHE D 317 43.00 13.84 -30.58
CA PHE D 317 43.65 12.93 -31.51
C PHE D 317 42.90 12.96 -32.83
N ARG D 318 43.63 13.02 -33.94
CA ARG D 318 43.02 13.17 -35.25
C ARG D 318 43.58 12.14 -36.21
N GLY D 319 42.67 11.49 -36.94
CA GLY D 319 43.01 10.42 -37.87
C GLY D 319 42.25 9.15 -37.54
N ARG D 320 42.45 8.15 -38.38
CA ARG D 320 41.80 6.85 -38.19
C ARG D 320 42.64 6.03 -37.21
N MET D 321 42.05 5.71 -36.05
CA MET D 321 42.78 5.00 -35.02
C MET D 321 41.77 4.48 -34.00
N SER D 322 42.23 3.58 -33.14
CA SER D 322 41.36 2.94 -32.16
C SER D 322 41.11 3.88 -30.97
N MET D 323 39.84 4.15 -30.69
CA MET D 323 39.50 4.91 -29.49
C MET D 323 39.68 4.09 -28.22
N LYS D 324 39.60 2.76 -28.33
CA LYS D 324 40.05 1.90 -27.25
C LYS D 324 41.52 2.17 -26.95
N GLU D 325 42.36 2.03 -27.97
CA GLU D 325 43.79 2.23 -27.80
C GLU D 325 44.14 3.64 -27.35
N VAL D 326 43.37 4.64 -27.79
CA VAL D 326 43.66 6.02 -27.39
C VAL D 326 43.37 6.20 -25.91
N ASP D 327 42.22 5.72 -25.44
CA ASP D 327 41.91 5.79 -24.01
C ASP D 327 42.92 4.98 -23.21
N GLU D 328 43.39 3.88 -23.79
CA GLU D 328 44.36 3.02 -23.12
C GLU D 328 45.66 3.77 -22.85
N GLN D 329 46.19 4.45 -23.87
CA GLN D 329 47.45 5.16 -23.70
C GLN D 329 47.29 6.40 -22.85
N MET D 330 46.16 7.10 -22.98
CA MET D 330 45.93 8.29 -22.18
C MET D 330 45.78 7.95 -20.70
N LEU D 331 45.11 6.83 -20.40
CA LEU D 331 45.06 6.36 -19.01
C LEU D 331 46.45 5.98 -18.52
N ASN D 332 47.23 5.32 -19.37
CA ASN D 332 48.58 4.91 -19.00
C ASN D 332 49.46 6.11 -18.67
N VAL D 333 49.49 7.11 -19.56
CA VAL D 333 50.39 8.24 -19.32
C VAL D 333 49.98 9.01 -18.09
N GLN D 334 48.69 9.00 -17.76
CA GLN D 334 48.23 9.64 -16.53
C GLN D 334 48.71 8.89 -15.31
N ASN D 335 48.59 7.55 -15.31
CA ASN D 335 48.88 6.77 -14.11
C ASN D 335 50.36 6.72 -13.82
N LYS D 336 51.19 6.52 -14.84
CA LYS D 336 52.64 6.49 -14.61
C LYS D 336 53.16 7.88 -14.25
N ASN D 337 52.50 8.93 -14.74
CA ASN D 337 52.94 10.30 -14.54
C ASN D 337 52.02 11.04 -13.59
N SER D 338 51.46 10.32 -12.60
CA SER D 338 50.46 10.87 -11.71
C SER D 338 50.95 12.10 -10.96
N SER D 339 52.25 12.23 -10.74
CA SER D 339 52.82 13.34 -10.00
C SER D 339 52.73 14.67 -10.72
N TYR D 340 52.45 14.67 -12.03
CA TYR D 340 52.35 15.92 -12.77
C TYR D 340 50.92 16.39 -12.98
N PHE D 341 49.94 15.78 -12.31
CA PHE D 341 48.53 16.20 -12.36
C PHE D 341 48.06 16.48 -10.95
N VAL D 342 47.42 17.64 -10.74
CA VAL D 342 46.94 17.94 -9.39
C VAL D 342 45.94 16.88 -8.98
N GLU D 343 46.04 16.47 -7.73
CA GLU D 343 45.18 15.43 -7.20
C GLU D 343 43.79 15.96 -6.87
N TRP D 344 43.70 17.25 -6.61
CA TRP D 344 42.46 17.85 -6.12
C TRP D 344 41.56 18.36 -7.24
N ILE D 345 41.88 18.07 -8.50
CA ILE D 345 40.91 18.18 -9.59
C ILE D 345 40.75 16.79 -10.21
N PRO D 346 39.74 16.04 -9.79
CA PRO D 346 39.62 14.65 -10.25
C PRO D 346 39.25 14.59 -11.72
N ASN D 347 39.77 13.58 -12.41
CA ASN D 347 39.35 13.30 -13.78
C ASN D 347 39.58 14.54 -14.66
N ASN D 348 40.77 15.12 -14.52
CA ASN D 348 41.04 16.43 -15.09
C ASN D 348 41.69 16.35 -16.46
N VAL D 349 41.68 15.18 -17.12
CA VAL D 349 42.16 15.03 -18.49
C VAL D 349 41.01 14.45 -19.32
N LYS D 350 40.64 15.15 -20.40
CA LYS D 350 39.56 14.70 -21.26
C LYS D 350 40.05 14.62 -22.70
N THR D 351 39.61 13.60 -23.41
CA THR D 351 40.16 13.24 -24.71
C THR D 351 39.04 13.18 -25.74
N ALA D 352 39.30 13.77 -26.91
CA ALA D 352 38.43 13.62 -28.07
C ALA D 352 39.22 12.99 -29.21
N VAL D 353 38.52 12.23 -30.05
CA VAL D 353 39.09 11.70 -31.28
C VAL D 353 38.23 12.18 -32.44
N CYS D 354 38.89 12.59 -33.54
CA CYS D 354 38.19 13.01 -34.74
C CYS D 354 38.83 12.30 -35.92
N ASP D 355 38.03 11.60 -36.71
CA ASP D 355 38.59 10.76 -37.75
C ASP D 355 39.19 11.55 -38.91
N ILE D 356 39.11 12.87 -38.92
CA ILE D 356 39.63 13.67 -40.03
C ILE D 356 40.99 14.20 -39.63
N PRO D 357 42.08 13.75 -40.24
CA PRO D 357 43.40 14.25 -39.90
C PRO D 357 43.66 15.56 -40.62
N PRO D 358 44.58 16.37 -40.11
CA PRO D 358 44.97 17.58 -40.85
C PRO D 358 45.70 17.19 -42.12
N ARG D 359 45.76 18.13 -43.06
CA ARG D 359 46.40 17.84 -44.34
C ARG D 359 47.87 17.52 -44.13
N GLY D 360 48.36 16.51 -44.87
CA GLY D 360 49.75 16.12 -44.81
C GLY D 360 50.10 15.10 -43.75
N LEU D 361 49.20 14.81 -42.82
CA LEU D 361 49.50 13.88 -41.74
C LEU D 361 48.43 12.81 -41.67
N LYS D 362 48.84 11.55 -41.53
CA LYS D 362 47.86 10.50 -41.33
C LYS D 362 47.29 10.52 -39.92
N MET D 363 48.11 10.87 -38.93
CA MET D 363 47.67 10.92 -37.54
C MET D 363 48.34 12.08 -36.84
N SER D 364 47.63 12.66 -35.89
CA SER D 364 48.17 13.80 -35.15
C SER D 364 47.52 13.83 -33.76
N ALA D 365 48.16 14.56 -32.86
CA ALA D 365 47.64 14.76 -31.51
C ALA D 365 47.89 16.20 -31.12
N THR D 366 46.90 16.81 -30.50
CA THR D 366 47.02 18.19 -30.07
C THR D 366 46.66 18.25 -28.60
N PHE D 367 47.45 19.01 -27.88
CA PHE D 367 47.41 19.04 -26.43
C PHE D 367 47.12 20.46 -25.99
N ILE D 368 46.15 20.63 -25.10
CA ILE D 368 45.82 21.91 -24.49
C ILE D 368 45.94 21.73 -22.99
N GLY D 369 46.98 22.28 -22.40
CA GLY D 369 47.26 22.11 -20.98
C GLY D 369 47.03 23.40 -20.23
N ASN D 370 46.37 23.31 -19.08
CA ASN D 370 46.41 24.37 -18.09
C ASN D 370 47.37 23.88 -17.02
N SER D 371 48.65 24.20 -17.23
CA SER D 371 49.75 23.74 -16.40
C SER D 371 50.35 24.89 -15.62
N THR D 372 50.78 24.62 -14.39
CA THR D 372 51.43 25.66 -13.62
C THR D 372 52.83 25.95 -14.15
N ALA D 373 53.35 25.09 -15.03
CA ALA D 373 54.68 25.33 -15.59
C ALA D 373 54.71 26.55 -16.50
N ILE D 374 53.54 27.03 -16.92
CA ILE D 374 53.41 28.23 -17.72
C ILE D 374 53.98 29.44 -17.01
N GLN D 375 54.16 29.37 -15.69
CA GLN D 375 54.82 30.45 -14.97
C GLN D 375 56.24 30.66 -15.45
N GLU D 376 56.86 29.67 -16.11
CA GLU D 376 58.22 29.87 -16.61
C GLU D 376 58.22 30.91 -17.73
N LEU D 377 57.19 30.88 -18.56
CA LEU D 377 57.03 31.90 -19.60
C LEU D 377 56.90 33.29 -18.99
N PHE D 378 56.00 33.45 -18.01
CA PHE D 378 55.76 34.77 -17.44
C PHE D 378 56.95 35.25 -16.60
N LYS D 379 57.68 34.34 -15.96
CA LYS D 379 58.92 34.71 -15.27
C LYS D 379 59.99 35.17 -16.26
N ARG D 380 60.09 34.50 -17.41
CA ARG D 380 61.04 34.94 -18.42
C ARG D 380 60.74 36.36 -18.88
N ILE D 381 59.47 36.64 -19.24
CA ILE D 381 59.09 38.00 -19.61
C ILE D 381 59.35 38.97 -18.45
N SER D 382 59.00 38.56 -17.22
CA SER D 382 59.15 39.43 -16.06
C SER D 382 60.61 39.83 -15.84
N GLU D 383 61.53 38.87 -16.01
CA GLU D 383 62.95 39.16 -15.84
C GLU D 383 63.45 40.11 -16.92
N GLN D 384 63.01 39.91 -18.17
CA GLN D 384 63.42 40.86 -19.21
C GLN D 384 62.82 42.23 -18.95
N PHE D 385 61.55 42.27 -18.50
CA PHE D 385 60.92 43.54 -18.16
C PHE D 385 61.73 44.31 -17.13
N THR D 386 62.10 43.62 -16.04
CA THR D 386 62.80 44.27 -14.94
C THR D 386 64.17 44.78 -15.38
N ALA D 387 64.88 44.02 -16.21
CA ALA D 387 66.23 44.43 -16.59
C ALA D 387 66.21 45.77 -17.30
N MET D 388 65.13 46.06 -18.03
CA MET D 388 64.98 47.37 -18.65
C MET D 388 64.39 48.38 -17.69
N PHE D 389 63.33 48.00 -16.98
CA PHE D 389 62.60 48.98 -16.18
C PHE D 389 63.46 49.53 -15.03
N ARG D 390 64.33 48.71 -14.45
CA ARG D 390 65.19 49.22 -13.37
C ARG D 390 66.06 50.36 -13.86
N ARG D 391 66.40 50.34 -15.14
CA ARG D 391 67.13 51.41 -15.79
C ARG D 391 66.20 52.43 -16.43
N LYS D 392 64.88 52.21 -16.33
CA LYS D 392 63.89 53.03 -17.02
C LYS D 392 64.22 53.19 -18.50
N ALA D 393 64.78 52.13 -19.09
CA ALA D 393 65.16 52.20 -20.49
C ALA D 393 63.93 52.37 -21.37
N PHE D 394 64.00 53.32 -22.31
CA PHE D 394 62.99 53.52 -23.35
C PHE D 394 61.65 53.95 -22.81
N LEU D 395 61.57 54.36 -21.55
CA LEU D 395 60.28 54.71 -20.99
C LEU D 395 59.70 55.95 -21.69
N HIS D 396 60.56 56.87 -22.10
CA HIS D 396 60.08 58.05 -22.81
C HIS D 396 59.32 57.71 -24.08
N TRP D 397 59.62 56.54 -24.69
CA TRP D 397 58.82 56.10 -25.82
C TRP D 397 57.34 55.98 -25.44
N TYR D 398 57.07 55.68 -24.18
CA TYR D 398 55.72 55.44 -23.69
C TYR D 398 55.14 56.65 -22.98
N THR D 399 55.95 57.36 -22.18
CA THR D 399 55.45 58.57 -21.56
C THR D 399 55.26 59.68 -22.59
N GLY D 400 56.00 59.62 -23.71
CA GLY D 400 55.77 60.55 -24.82
C GLY D 400 54.37 60.46 -25.39
N GLU D 401 53.74 59.30 -25.33
CA GLU D 401 52.38 59.10 -25.78
C GLU D 401 51.35 59.32 -24.69
N GLY D 402 51.78 59.68 -23.48
CA GLY D 402 50.86 60.03 -22.41
C GLY D 402 50.85 59.08 -21.23
N MET D 403 51.54 57.93 -21.25
CA MET D 403 51.53 56.99 -20.14
C MET D 403 52.35 57.49 -18.95
N ASP D 404 52.21 56.80 -17.82
CA ASP D 404 52.92 57.08 -16.59
C ASP D 404 53.73 55.86 -16.18
N GLU D 405 54.83 56.11 -15.45
CA GLU D 405 55.60 55.01 -14.88
C GLU D 405 54.72 54.04 -14.11
N MET D 406 53.75 54.57 -13.34
CA MET D 406 52.95 53.75 -12.44
C MET D 406 52.22 52.65 -13.18
N GLU D 407 51.83 52.90 -14.42
CA GLU D 407 51.17 51.87 -15.22
C GLU D 407 52.13 50.72 -15.54
N PHE D 408 53.43 50.99 -15.59
CA PHE D 408 54.40 49.92 -15.78
C PHE D 408 54.57 49.10 -14.50
N THR D 409 54.77 49.78 -13.38
CA THR D 409 54.81 49.11 -12.08
C THR D 409 53.59 48.22 -11.86
N GLU D 410 52.40 48.72 -12.21
CA GLU D 410 51.19 47.97 -11.93
C GLU D 410 51.12 46.70 -12.75
N ALA D 411 51.42 46.80 -14.05
CA ALA D 411 51.41 45.63 -14.92
C ALA D 411 52.45 44.60 -14.52
N GLU D 412 53.62 45.06 -14.08
CA GLU D 412 54.66 44.14 -13.59
C GLU D 412 54.20 43.46 -12.30
N SER D 413 53.64 44.23 -11.36
CA SER D 413 53.06 43.66 -10.15
C SER D 413 52.03 42.60 -10.49
N ASN D 414 51.17 42.86 -11.50
CA ASN D 414 50.12 41.91 -11.81
C ASN D 414 50.69 40.63 -12.42
N MET D 415 51.75 40.75 -13.25
CA MET D 415 52.28 39.52 -13.82
C MET D 415 53.02 38.70 -12.77
N ASN D 416 53.74 39.38 -11.86
CA ASN D 416 54.38 38.65 -10.78
C ASN D 416 53.35 38.08 -9.80
N ASP D 417 52.18 38.74 -9.63
CA ASP D 417 51.09 38.11 -8.89
C ASP D 417 50.61 36.86 -9.60
N LEU D 418 50.49 36.92 -10.92
CA LEU D 418 50.09 35.73 -11.66
C LEU D 418 51.07 34.58 -11.43
N VAL D 419 52.38 34.86 -11.47
CA VAL D 419 53.37 33.83 -11.21
C VAL D 419 53.19 33.24 -9.82
N SER D 420 52.96 34.10 -8.81
CA SER D 420 52.77 33.61 -7.45
C SER D 420 51.62 32.62 -7.34
N GLU D 421 50.51 32.88 -8.03
CA GLU D 421 49.37 32.00 -7.78
C GLU D 421 49.45 30.72 -8.59
N TYR D 422 50.17 30.73 -9.72
CA TYR D 422 50.57 29.48 -10.33
C TYR D 422 51.41 28.65 -9.35
N GLN D 423 52.37 29.30 -8.67
CA GLN D 423 53.20 28.58 -7.73
C GLN D 423 52.38 28.10 -6.53
N GLN D 424 51.47 28.95 -6.05
CA GLN D 424 50.55 28.53 -4.98
C GLN D 424 49.86 27.22 -5.35
N TYR D 425 49.28 27.14 -6.54
CA TYR D 425 48.54 25.93 -6.90
C TYR D 425 49.45 24.78 -7.28
N GLN D 426 50.68 25.09 -7.71
CA GLN D 426 51.67 24.04 -7.96
C GLN D 426 52.02 23.31 -6.65
N ASP D 427 52.15 24.04 -5.54
CA ASP D 427 52.51 23.47 -4.25
C ASP D 427 51.32 23.00 -3.41
N ALA D 428 50.10 23.28 -3.85
CA ALA D 428 48.93 22.97 -3.02
C ALA D 428 48.74 21.47 -2.95
N THR D 429 48.34 21.01 -1.77
CA THR D 429 48.08 19.60 -1.50
C THR D 429 46.60 19.37 -1.31
N ALA D 430 46.15 18.15 -1.60
CA ALA D 430 44.81 17.73 -1.22
C ALA D 430 44.69 17.50 0.28
N ASP D 431 45.80 17.44 1.01
CA ASP D 431 45.76 17.33 2.48
C ASP D 431 45.76 18.71 3.13
N GLU E 5 -57.30 -45.33 56.54
CA GLU E 5 -58.51 -44.51 56.49
C GLU E 5 -58.79 -43.98 55.09
N VAL E 6 -59.87 -44.45 54.47
CA VAL E 6 -60.28 -44.04 53.14
C VAL E 6 -61.47 -43.11 53.26
N ILE E 7 -61.44 -42.01 52.52
CA ILE E 7 -62.50 -41.00 52.53
C ILE E 7 -62.95 -40.80 51.08
N GLU E 8 -64.17 -41.25 50.77
CA GLU E 8 -64.72 -41.01 49.44
C GLU E 8 -64.93 -39.51 49.23
N LEU E 9 -64.57 -39.03 48.04
CA LEU E 9 -64.62 -37.61 47.73
C LEU E 9 -65.67 -37.27 46.69
N ASN E 10 -65.63 -37.92 45.53
CA ASN E 10 -66.53 -37.58 44.44
C ASN E 10 -66.67 -38.77 43.49
N LYS E 11 -67.78 -38.77 42.76
CA LYS E 11 -68.03 -39.76 41.73
C LYS E 11 -68.74 -39.04 40.59
N ALA E 12 -68.35 -39.34 39.35
CA ALA E 12 -68.84 -38.63 38.18
C ALA E 12 -68.99 -39.62 37.04
N THR E 13 -69.44 -39.14 35.88
CA THR E 13 -69.67 -40.04 34.75
C THR E 13 -68.37 -40.65 34.23
N SER E 14 -67.24 -39.98 34.37
CA SER E 14 -66.00 -40.49 33.79
C SER E 14 -64.90 -40.67 34.83
N GLY E 15 -65.28 -40.85 36.08
CA GLY E 15 -64.29 -41.19 37.09
C GLY E 15 -64.82 -41.05 38.50
N GLN E 16 -63.96 -41.42 39.43
CA GLN E 16 -64.25 -41.30 40.85
C GLN E 16 -62.97 -40.95 41.58
N SER E 17 -63.13 -40.44 42.80
CA SER E 17 -61.99 -39.93 43.53
C SER E 17 -62.21 -40.15 45.01
N TRP E 18 -61.14 -40.44 45.73
CA TRP E 18 -61.19 -40.61 47.17
C TRP E 18 -59.86 -40.15 47.75
N GLU E 19 -59.81 -40.11 49.07
CA GLU E 19 -58.60 -39.73 49.79
C GLU E 19 -58.21 -40.86 50.74
N VAL E 20 -56.96 -41.30 50.64
CA VAL E 20 -56.42 -42.33 51.51
C VAL E 20 -55.47 -41.64 52.50
N ILE E 21 -55.74 -41.84 53.79
CA ILE E 21 -54.94 -41.21 54.85
C ILE E 21 -54.24 -42.32 55.63
N LEU E 22 -52.91 -42.27 55.63
CA LEU E 22 -52.10 -43.27 56.31
C LEU E 22 -51.76 -42.86 57.74
N LYS E 23 -51.55 -41.57 57.97
CA LYS E 23 -51.15 -41.06 59.27
C LYS E 23 -51.52 -39.58 59.37
N PRO E 24 -52.25 -39.17 60.39
CA PRO E 24 -52.71 -37.77 60.47
C PRO E 24 -51.54 -36.84 60.80
N PRO E 25 -51.70 -35.53 60.61
CA PRO E 25 -50.57 -34.61 60.79
C PRO E 25 -50.20 -34.43 62.26
N SER E 26 -48.88 -34.37 62.53
CA SER E 26 -48.41 -34.24 63.91
C SER E 26 -48.78 -32.89 64.50
N PHE E 27 -48.60 -31.83 63.72
CA PHE E 27 -48.91 -30.46 64.10
C PHE E 27 -50.24 -30.06 63.46
N ASP E 28 -51.12 -29.47 64.25
CA ASP E 28 -52.44 -29.08 63.78
C ASP E 28 -52.41 -27.64 63.28
N GLY E 29 -52.96 -27.43 62.09
CA GLY E 29 -52.92 -26.12 61.45
C GLY E 29 -51.76 -26.00 60.49
N VAL E 30 -51.68 -24.84 59.86
CA VAL E 30 -50.62 -24.51 58.91
C VAL E 30 -49.74 -23.43 59.53
N PRO E 31 -48.41 -23.61 59.56
CA PRO E 31 -47.48 -22.64 60.15
C PRO E 31 -47.42 -21.29 59.42
N PRO E 43 -48.34 -5.54 40.98
CA PRO E 43 -47.76 -4.60 39.99
C PRO E 43 -48.79 -4.11 38.99
N SER E 44 -49.15 -2.84 39.08
CA SER E 44 -50.22 -2.28 38.26
C SER E 44 -49.82 -2.24 36.79
N LEU E 45 -50.84 -2.07 35.94
CA LEU E 45 -50.58 -1.88 34.52
C LEU E 45 -49.66 -0.70 34.28
N GLU E 46 -49.82 0.38 35.07
CA GLU E 46 -48.96 1.55 34.92
C GLU E 46 -47.54 1.26 35.38
N GLU E 47 -47.36 0.43 36.42
CA GLU E 47 -46.01 0.11 36.85
C GLU E 47 -45.28 -0.71 35.81
N ILE E 48 -45.95 -1.71 35.23
CA ILE E 48 -45.36 -2.50 34.17
C ILE E 48 -45.00 -1.60 32.98
N GLN E 49 -45.94 -0.75 32.57
CA GLN E 49 -45.73 0.08 31.39
C GLN E 49 -44.56 1.03 31.60
N LYS E 50 -44.42 1.59 32.81
CA LYS E 50 -43.28 2.45 33.10
C LYS E 50 -41.97 1.67 32.99
N LYS E 51 -41.94 0.43 33.48
CA LYS E 51 -40.69 -0.33 33.44
C LYS E 51 -40.30 -0.66 32.00
N LEU E 52 -41.28 -1.00 31.15
CA LEU E 52 -40.96 -1.27 29.74
C LEU E 52 -40.48 -0.01 29.05
N GLU E 53 -41.10 1.13 29.37
CA GLU E 53 -40.69 2.40 28.77
C GLU E 53 -39.33 2.84 29.26
N ALA E 54 -38.97 2.53 30.51
CA ALA E 54 -37.63 2.85 31.01
C ALA E 54 -36.58 2.04 30.27
N ALA E 55 -36.85 0.75 30.04
CA ALA E 55 -35.91 -0.08 29.31
C ALA E 55 -35.76 0.39 27.87
N GLU E 56 -36.85 0.87 27.26
CA GLU E 56 -36.77 1.43 25.93
C GLU E 56 -35.92 2.69 25.92
N GLU E 57 -36.09 3.54 26.93
CA GLU E 57 -35.29 4.77 26.96
C GLU E 57 -33.81 4.46 27.18
N ARG E 58 -33.49 3.38 27.88
CA ARG E 58 -32.09 3.01 28.07
C ARG E 58 -31.51 2.44 26.78
N ARG E 59 -32.28 1.65 26.04
CA ARG E 59 -31.87 1.25 24.70
C ARG E 59 -31.58 2.49 23.85
N LYS E 60 -32.53 3.43 23.80
CA LYS E 60 -32.36 4.56 22.91
C LYS E 60 -31.18 5.44 23.33
N TYR E 61 -30.98 5.61 24.63
CA TYR E 61 -29.80 6.33 25.11
C TYR E 61 -28.53 5.61 24.68
N GLN E 62 -28.45 4.31 24.93
CA GLN E 62 -27.27 3.57 24.53
C GLN E 62 -27.03 3.70 23.02
N GLU E 63 -28.09 3.59 22.22
CA GLU E 63 -27.93 3.76 20.78
C GLU E 63 -27.53 5.19 20.43
N ALA E 64 -28.16 6.18 21.07
CA ALA E 64 -27.75 7.56 20.84
C ALA E 64 -26.27 7.75 21.16
N GLU E 65 -25.76 7.05 22.17
CA GLU E 65 -24.36 7.23 22.54
C GLU E 65 -23.45 6.54 21.53
N LEU E 66 -23.88 5.42 20.99
CA LEU E 66 -23.13 4.78 19.92
C LEU E 66 -23.00 5.71 18.71
N LEU E 67 -24.13 6.22 18.21
CA LEU E 67 -24.13 7.12 17.05
C LEU E 67 -23.34 8.38 17.32
N LYS E 68 -23.32 8.86 18.57
CA LYS E 68 -22.52 10.02 18.91
C LYS E 68 -21.03 9.72 18.77
N HIS E 69 -20.62 8.50 19.12
CA HIS E 69 -19.21 8.14 18.98
C HIS E 69 -18.85 7.96 17.51
N LEU E 70 -19.75 7.39 16.72
CA LEU E 70 -19.49 7.24 15.29
C LEU E 70 -19.48 8.58 14.59
N ALA E 71 -20.29 9.54 15.04
CA ALA E 71 -20.28 10.88 14.45
C ALA E 71 -19.00 11.63 14.79
N GLU E 72 -18.45 11.41 15.99
CA GLU E 72 -17.15 11.99 16.35
C GLU E 72 -16.04 11.40 15.50
N LYS E 73 -16.14 10.11 15.15
CA LYS E 73 -15.21 9.51 14.21
C LYS E 73 -15.33 10.13 12.83
N ARG E 74 -16.55 10.39 12.34
CA ARG E 74 -16.70 11.07 11.06
C ARG E 74 -15.96 12.40 11.05
N GLU E 75 -16.06 13.17 12.14
CA GLU E 75 -15.47 14.49 12.18
C GLU E 75 -13.94 14.42 12.26
N HIS E 76 -13.41 13.42 12.94
CA HIS E 76 -11.97 13.19 12.90
C HIS E 76 -11.51 12.89 11.47
N GLU E 77 -12.25 12.03 10.78
CA GLU E 77 -11.96 11.71 9.39
C GLU E 77 -11.94 12.96 8.53
N ARG E 78 -12.92 13.85 8.72
CA ARG E 78 -12.90 15.12 8.00
C ARG E 78 -11.69 15.96 8.40
N GLU E 79 -11.26 15.87 9.66
CA GLU E 79 -10.12 16.65 10.12
C GLU E 79 -8.80 16.08 9.63
N VAL E 80 -8.72 14.76 9.47
CA VAL E 80 -7.55 14.15 8.83
C VAL E 80 -7.44 14.63 7.38
N ILE E 81 -8.54 14.48 6.63
CA ILE E 81 -8.55 14.82 5.22
C ILE E 81 -8.28 16.31 5.01
N GLN E 82 -8.86 17.16 5.86
CA GLN E 82 -8.58 18.58 5.75
C GLN E 82 -7.11 18.88 6.03
N LYS E 83 -6.54 18.21 7.05
CA LYS E 83 -5.16 18.46 7.44
C LYS E 83 -4.19 18.17 6.30
N ALA E 84 -4.41 17.05 5.60
CA ALA E 84 -3.58 16.72 4.45
C ALA E 84 -3.71 17.78 3.38
N ILE E 85 -4.92 18.34 3.21
CA ILE E 85 -5.09 19.40 2.22
C ILE E 85 -4.31 20.65 2.65
N GLU E 86 -4.28 20.95 3.96
CA GLU E 86 -3.52 22.10 4.44
C GLU E 86 -2.03 21.88 4.30
N GLU E 87 -1.57 20.64 4.52
CA GLU E 87 -0.14 20.35 4.36
C GLU E 87 0.29 20.51 2.92
N ASN E 88 -0.54 20.04 1.98
CA ASN E 88 -0.27 20.25 0.57
C ASN E 88 -0.23 21.73 0.25
N ASN E 89 -1.21 22.50 0.76
CA ASN E 89 -1.27 23.91 0.45
C ASN E 89 -0.07 24.66 1.00
N ASN E 90 0.33 24.35 2.24
CA ASN E 90 1.50 25.02 2.82
C ASN E 90 2.81 24.52 2.24
N PHE E 91 2.84 23.30 1.69
CA PHE E 91 4.02 22.88 0.94
C PHE E 91 4.14 23.68 -0.36
N ILE E 92 3.03 23.88 -1.05
CA ILE E 92 3.02 24.74 -2.24
C ILE E 92 3.45 26.16 -1.88
N LYS E 93 2.90 26.71 -0.81
CA LYS E 93 3.18 28.10 -0.46
C LYS E 93 4.65 28.31 -0.11
N MET E 94 5.28 27.35 0.57
CA MET E 94 6.67 27.52 0.96
C MET E 94 7.60 27.33 -0.23
N ALA E 95 7.37 26.26 -1.02
CA ALA E 95 8.08 26.09 -2.28
C ALA E 95 8.02 27.35 -3.12
N LYS E 96 6.84 27.95 -3.22
CA LYS E 96 6.69 29.16 -4.02
C LYS E 96 7.49 30.31 -3.43
N GLU E 97 7.37 30.55 -2.11
CA GLU E 97 8.11 31.63 -1.49
C GLU E 97 9.61 31.48 -1.73
N LYS E 98 10.15 30.30 -1.43
CA LYS E 98 11.60 30.10 -1.47
C LYS E 98 12.13 30.21 -2.89
N LEU E 99 11.39 29.69 -3.87
CA LEU E 99 11.83 29.78 -5.25
C LEU E 99 11.87 31.23 -5.71
N ALA E 100 10.86 32.03 -5.35
CA ALA E 100 10.90 33.45 -5.66
C ALA E 100 12.08 34.13 -4.98
N GLN E 101 12.38 33.73 -3.75
CA GLN E 101 13.51 34.31 -3.04
C GLN E 101 14.84 33.97 -3.72
N LYS E 102 15.02 32.70 -4.09
CA LYS E 102 16.25 32.29 -4.75
C LYS E 102 16.42 33.01 -6.08
N MET E 103 15.36 32.99 -6.90
CA MET E 103 15.48 33.58 -8.24
C MET E 103 15.74 35.07 -8.16
N GLU E 104 15.17 35.77 -7.18
CA GLU E 104 15.45 37.19 -7.07
C GLU E 104 16.88 37.46 -6.59
N SER E 105 17.32 36.72 -5.56
CA SER E 105 18.66 36.90 -5.04
C SER E 105 19.71 36.55 -6.09
N ASN E 106 19.42 35.54 -6.91
CA ASN E 106 20.32 35.18 -8.00
C ASN E 106 20.34 36.25 -9.10
N LYS E 107 19.17 36.78 -9.44
CA LYS E 107 19.12 37.84 -10.45
C LYS E 107 19.93 39.04 -10.01
N GLU E 108 19.64 39.54 -8.81
CA GLU E 108 20.38 40.67 -8.25
C GLU E 108 21.89 40.39 -8.28
N ASN E 109 22.30 39.21 -7.82
CA ASN E 109 23.73 38.88 -7.78
C ASN E 109 24.36 38.98 -9.16
N ARG E 110 23.73 38.35 -10.15
CA ARG E 110 24.30 38.31 -11.50
C ARG E 110 24.34 39.71 -12.11
N GLU E 111 23.29 40.51 -11.89
CA GLU E 111 23.31 41.89 -12.35
C GLU E 111 24.40 42.69 -11.66
N ALA E 112 24.68 42.39 -10.39
CA ALA E 112 25.74 43.11 -9.69
C ALA E 112 27.11 42.75 -10.24
N HIS E 113 27.33 41.48 -10.59
CA HIS E 113 28.62 41.09 -11.16
C HIS E 113 28.82 41.76 -12.51
N LEU E 114 27.78 41.78 -13.33
CA LEU E 114 27.88 42.40 -14.65
C LEU E 114 28.12 43.89 -14.54
N ALA E 115 27.43 44.54 -13.61
CA ALA E 115 27.62 45.98 -13.41
C ALA E 115 29.02 46.29 -12.90
N ALA E 116 29.63 45.40 -12.13
CA ALA E 116 30.98 45.63 -11.65
C ALA E 116 31.99 45.46 -12.77
N MET E 117 31.80 44.43 -13.61
CA MET E 117 32.63 44.20 -14.77
C MET E 117 32.62 45.37 -15.74
N LEU E 118 31.46 45.98 -15.97
CA LEU E 118 31.40 47.12 -16.88
C LEU E 118 31.99 48.36 -16.23
N GLU E 119 31.80 48.53 -14.93
CA GLU E 119 32.37 49.68 -14.23
C GLU E 119 33.89 49.63 -14.21
N ARG E 120 34.49 48.44 -14.11
CA ARG E 120 35.93 48.34 -14.25
C ARG E 120 36.38 48.72 -15.65
N LEU E 121 35.68 48.19 -16.67
CA LEU E 121 35.99 48.52 -18.06
C LEU E 121 35.84 50.01 -18.34
N GLN E 122 34.85 50.66 -17.71
CA GLN E 122 34.64 52.08 -17.96
C GLN E 122 35.64 52.95 -17.22
N GLU E 123 36.12 52.50 -16.06
CA GLU E 123 37.23 53.19 -15.41
C GLU E 123 38.47 53.15 -16.29
N LYS E 124 38.75 52.00 -16.91
CA LYS E 124 39.84 51.94 -17.87
C LYS E 124 39.61 52.94 -19.01
N ASP E 125 38.36 53.12 -19.42
CA ASP E 125 38.06 54.01 -20.53
C ASP E 125 38.36 55.45 -20.17
N LYS E 126 38.05 55.85 -18.94
CA LYS E 126 38.40 57.20 -18.51
C LYS E 126 39.91 57.36 -18.35
N HIS E 127 40.60 56.33 -17.84
CA HIS E 127 42.06 56.40 -17.78
C HIS E 127 42.65 56.67 -19.15
N ALA E 128 42.10 56.02 -20.18
CA ALA E 128 42.57 56.24 -21.55
C ALA E 128 42.50 57.72 -21.93
N GLU E 129 41.38 58.37 -21.62
CA GLU E 129 41.25 59.79 -21.93
C GLU E 129 42.24 60.64 -21.14
N GLU E 130 42.61 60.20 -19.93
CA GLU E 130 43.62 60.91 -19.17
C GLU E 130 45.01 60.72 -19.78
N VAL E 131 45.27 59.56 -20.39
CA VAL E 131 46.52 59.34 -21.08
C VAL E 131 46.63 60.26 -22.28
N ARG E 132 45.56 60.32 -23.08
CA ARG E 132 45.56 61.21 -24.24
C ARG E 132 45.63 62.68 -23.83
N LYS E 133 45.04 63.03 -22.69
CA LYS E 133 45.14 64.42 -22.23
C LYS E 133 46.55 64.76 -21.79
N ASN E 134 47.19 63.89 -21.01
CA ASN E 134 48.56 64.15 -20.57
C ASN E 134 49.48 64.36 -21.77
N LYS E 135 49.21 63.66 -22.86
CA LYS E 135 50.05 63.78 -24.06
C LYS E 135 49.95 65.18 -24.67
N GLU E 136 48.73 65.74 -24.76
CA GLU E 136 48.59 67.08 -25.29
C GLU E 136 49.16 68.11 -24.33
N LEU E 137 49.05 67.87 -23.02
CA LEU E 137 49.57 68.82 -22.03
C LEU E 137 51.07 69.00 -22.19
N LYS E 138 51.78 67.94 -22.54
CA LYS E 138 53.20 68.04 -22.85
C LYS E 138 53.35 68.37 -24.31
PG GTP F . -35.49 -17.55 20.89
O1G GTP F . -34.62 -17.44 22.07
O2G GTP F . -34.53 -17.55 19.59
O3G GTP F . -36.56 -16.33 20.82
O3B GTP F . -36.25 -18.93 20.83
PB GTP F . -37.33 -19.55 21.85
O1B GTP F . -37.46 -18.59 22.98
O2B GTP F . -38.67 -19.79 21.01
O3A GTP F . -36.68 -20.94 22.27
PA GTP F . -37.27 -22.21 23.03
O1A GTP F . -38.58 -21.82 23.62
O2A GTP F . -37.47 -23.45 22.03
O5' GTP F . -36.20 -22.52 24.21
C5' GTP F . -34.98 -23.24 24.02
C4' GTP F . -35.09 -24.34 25.08
O4' GTP F . -36.29 -25.08 24.81
C3' GTP F . -33.91 -25.33 25.02
O3' GTP F . -33.65 -25.87 26.33
C2' GTP F . -34.46 -26.39 24.05
O2' GTP F . -33.81 -27.63 24.30
C1' GTP F . -35.94 -26.44 24.48
N9 GTP F . -36.83 -26.89 23.42
C8 GTP F . -36.96 -26.30 22.17
N7 GTP F . -37.84 -26.95 21.49
C5 GTP F . -38.36 -27.96 22.25
C6 GTP F . -39.34 -28.96 22.04
O6 GTP F . -39.94 -29.03 20.97
N1 GTP F . -39.58 -29.84 23.03
C2 GTP F . -38.91 -29.77 24.23
N2 GTP F . -39.20 -30.69 25.20
N3 GTP F . -38.02 -28.83 24.44
C4 GTP F . -37.71 -27.94 23.49
S SO4 G . -24.04 -30.53 33.33
O1 SO4 G . -23.13 -29.45 32.96
O2 SO4 G . -23.28 -31.59 34.00
O3 SO4 G . -25.06 -30.01 34.24
O4 SO4 G . -24.68 -31.07 32.14
S SO4 H . -52.71 -35.22 50.97
O1 SO4 H . -51.87 -34.40 51.85
O2 SO4 H . -51.99 -35.62 49.79
O3 SO4 H . -53.14 -36.44 51.68
O4 SO4 H . -53.86 -34.41 50.62
PB GDP I . -5.65 -4.36 -0.89
O1B GDP I . -5.12 -2.87 -0.56
O2B GDP I . -6.21 -4.65 -2.34
O3B GDP I . -6.78 -4.67 0.10
O3A GDP I . -4.43 -5.35 -0.63
PA GDP I . -4.37 -6.90 -0.26
O1A GDP I . -3.78 -7.80 -1.43
O2A GDP I . -5.75 -7.42 -0.11
O5' GDP I . -3.49 -6.92 1.10
C5' GDP I . -2.24 -7.60 1.21
C4' GDP I . -2.49 -8.69 2.26
O4' GDP I . -3.48 -9.61 1.76
C3' GDP I . -1.22 -9.50 2.48
O3' GDP I . -1.26 -9.98 3.83
C2' GDP I . -1.40 -10.64 1.45
O2' GDP I . -0.69 -11.82 1.79
C1' GDP I . -2.90 -10.93 1.65
N9 GDP I . -3.51 -11.54 0.47
C8 GDP I . -3.63 -10.98 -0.78
N7 GDP I . -4.25 -11.81 -1.57
C5 GDP I . -4.56 -12.94 -0.88
C6 GDP I . -5.23 -14.14 -1.21
O6 GDP I . -5.67 -14.36 -2.33
N1 GDP I . -5.35 -15.08 -0.24
C2 GDP I . -4.86 -14.87 1.01
N2 GDP I . -5.04 -15.85 1.95
N3 GDP I . -4.25 -13.75 1.34
C4 GDP I . -4.08 -12.78 0.43
C11 JV9 J . -22.91 -23.38 14.92
C12 JV9 J . -23.32 -22.86 16.15
C13 JV9 J . -23.19 -23.95 17.24
C14 JV9 J . -22.81 -25.24 16.54
C15 JV9 J . -22.49 -24.84 15.11
C16 JV9 J . -23.76 -21.16 18.73
C17 JV9 J . -22.39 -21.19 19.12
C18 JV9 J . -22.01 -21.50 20.44
C19 JV9 J . -23.01 -21.75 21.41
C21 JV9 J . -21.31 -21.84 23.08
C22 JV9 J . -24.35 -21.72 21.04
C02 JV9 J . -26.60 -20.72 18.15
C03 JV9 J . -25.45 -20.13 17.27
C05 JV9 J . -23.76 -21.53 16.15
C07 JV9 J . -23.34 -21.38 13.83
C09 JV9 J . -23.68 -19.19 12.82
C23 JV9 J . -24.72 -21.41 19.70
N04 JV9 J . -24.22 -20.84 17.37
N06 JV9 J . -23.76 -20.84 14.99
N08 JV9 J . -23.37 -20.60 12.63
N10 JV9 J . -22.93 -22.63 13.80
N24 JV9 J . -26.15 -21.36 19.34
O01 JV9 J . -27.76 -20.66 17.87
O20 JV9 J . -22.66 -22.05 22.75
S SO4 K . -2.08 -20.80 -7.97
O1 SO4 K . -2.03 -19.66 -7.05
O2 SO4 K . -0.86 -21.58 -7.86
O3 SO4 K . -3.22 -21.66 -7.63
O4 SO4 K . -2.24 -20.32 -9.33
S SO4 L . -19.03 -4.55 19.57
O1 SO4 L . -17.61 -4.49 19.85
O2 SO4 L . -19.50 -5.93 19.67
O3 SO4 L . -19.75 -3.72 20.54
O4 SO4 L . -19.30 -4.04 18.22
S SO4 M . 5.60 -28.00 -4.06
O1 SO4 M . 6.96 -27.56 -4.35
O2 SO4 M . 5.60 -29.24 -3.29
O3 SO4 M . 4.97 -26.90 -3.33
O4 SO4 M . 4.87 -28.27 -5.28
C1 GOL N . -34.40 -21.56 18.60
O1 GOL N . -34.03 -21.66 17.26
C2 GOL N . -33.15 -21.91 19.38
O2 GOL N . -32.08 -21.07 19.04
C3 GOL N . -33.55 -21.80 20.86
O3 GOL N . -32.49 -22.35 21.59
PG GTP O . 24.49 20.88 -20.70
O1G GTP O . 25.61 21.15 -19.80
O2G GTP O . 23.56 22.16 -20.91
O3G GTP O . 24.86 20.17 -22.08
O3B GTP O . 23.61 19.82 -19.90
PB GTP O . 23.12 18.36 -20.24
O1B GTP O . 22.06 17.99 -19.25
O2B GTP O . 22.58 18.13 -21.72
O3A GTP O . 24.36 17.39 -20.07
PA GTP O . 24.42 15.81 -20.05
O1A GTP O . 23.04 15.25 -19.88
O2A GTP O . 25.06 15.24 -21.42
O5' GTP O . 25.31 15.49 -18.77
C5' GTP O . 26.56 14.83 -18.80
C4' GTP O . 26.37 13.54 -18.01
O4' GTP O . 25.33 12.77 -18.64
C3' GTP O . 27.68 12.76 -18.16
O3' GTP O . 27.82 11.93 -17.01
C2' GTP O . 27.40 11.94 -19.43
O2' GTP O . 28.22 10.76 -19.45
C1' GTP O . 25.91 11.57 -19.18
N9 GTP O . 25.25 11.26 -20.44
C8 GTP O . 25.15 12.09 -21.52
N7 GTP O . 24.48 11.51 -22.46
C5 GTP O . 24.12 10.25 -22.06
C6 GTP O . 23.39 9.19 -22.65
O6 GTP O . 22.93 9.27 -23.78
N1 GTP O . 23.20 8.07 -21.93
C2 GTP O . 23.70 7.97 -20.66
N2 GTP O . 23.49 6.80 -19.97
N3 GTP O . 24.38 8.95 -20.10
C4 GTP O . 24.60 10.10 -20.75
MG MG P . 23.48 19.27 -23.47
PG GTP Q . 53.43 47.49 -35.11
O1G GTP Q . 54.39 48.00 -34.12
O2G GTP Q . 54.17 46.76 -36.35
O3G GTP Q . 52.51 48.70 -35.67
O3B GTP Q . 52.47 46.37 -34.45
PB GTP Q . 52.27 44.85 -34.86
O1B GTP Q . 51.25 44.13 -34.07
O2B GTP Q . 51.88 44.64 -36.40
O3A GTP Q . 53.68 44.15 -34.68
PA GTP Q . 54.18 42.65 -34.80
O1A GTP Q . 53.00 41.73 -34.93
O2A GTP Q . 55.13 42.48 -36.06
O5' GTP Q . 54.93 42.46 -33.36
C5' GTP Q . 56.30 42.11 -33.18
C4' GTP Q . 56.26 40.74 -32.50
O4' GTP Q . 55.52 39.86 -33.36
C3' GTP Q . 57.65 40.16 -32.36
O3' GTP Q . 57.70 39.33 -31.21
C2' GTP Q . 57.79 39.35 -33.68
O2' GTP Q . 58.65 38.25 -33.50
C1' GTP Q . 56.37 38.76 -33.79
N9 GTP Q . 55.92 38.37 -35.13
C8 GTP Q . 55.66 39.17 -36.20
N7 GTP Q . 55.22 38.46 -37.19
C5 GTP Q . 55.16 37.16 -36.81
C6 GTP Q . 54.75 35.97 -37.46
O6 GTP Q . 54.36 35.98 -38.60
N1 GTP Q . 54.81 34.80 -36.76
C2 GTP Q . 55.23 34.80 -35.46
N2 GTP Q . 55.30 33.61 -34.79
N3 GTP Q . 55.61 35.90 -34.85
C4 GTP Q . 55.58 37.10 -35.48
C11 JV9 R . 38.57 19.40 -26.52
C12 JV9 R . 37.95 19.46 -25.26
C13 JV9 R . 38.27 18.15 -24.51
C14 JV9 R . 38.82 17.17 -25.52
C15 JV9 R . 39.33 18.07 -26.64
C16 JV9 R . 36.91 20.23 -22.44
C17 JV9 R . 38.27 20.31 -22.02
C18 JV9 R . 38.67 19.76 -20.81
C19 JV9 R . 37.72 19.12 -19.99
C21 JV9 R . 39.37 18.83 -18.34
C22 JV9 R . 36.39 19.03 -20.40
C02 JV9 R . 34.06 20.28 -23.10
C03 JV9 R . 35.10 21.22 -23.75
C05 JV9 R . 37.19 20.60 -24.98
C07 JV9 R . 37.76 21.45 -27.11
C09 JV9 R . 37.26 23.78 -27.64
C23 JV9 R . 35.99 19.60 -21.62
N04 JV9 R . 36.46 20.78 -23.70
N06 JV9 R . 37.12 21.57 -25.93
N08 JV9 R . 37.68 22.46 -28.09
N10 JV9 R . 38.47 20.38 -27.39
N24 JV9 R . 34.56 19.48 -22.00
O01 JV9 R . 32.93 20.21 -23.46
O20 JV9 R . 38.07 18.56 -18.75
S SO4 S . 60.02 32.01 -46.34
O1 SO4 S . 61.13 31.66 -45.46
O2 SO4 S . 59.93 31.05 -47.43
O3 SO4 S . 58.77 32.01 -45.58
O4 SO4 S . 60.24 33.35 -46.88
S SO4 T . 52.58 26.22 -44.68
O1 SO4 T . 53.56 27.26 -45.00
O2 SO4 T . 53.12 24.89 -44.97
O3 SO4 T . 52.21 26.27 -43.26
O4 SO4 T . 51.39 26.45 -45.50
#